data_2N32
#
_entry.id   2N32
#
_entity_poly.entity_id   1
_entity_poly.type   'polypeptide(L)'
_entity_poly.pdbx_seq_one_letter_code
;YQTSHKKVRFDEGSYTNFIYDNKSYFVTDKEIPQENVNNSKVKFYKLLIVDMKSEKLLSSSNKNSVTLVLNNIYEASDKS
LCMGINDRYYKILPESDKGAVKALRLQNF
;
_entity_poly.pdbx_strand_id   A
#
# COMPACT_ATOMS: atom_id res chain seq x y z
N TYR A 1 30.94 0.12 -2.25
CA TYR A 1 30.03 0.21 -3.38
C TYR A 1 28.93 -0.84 -3.28
N GLN A 2 27.68 -0.38 -3.19
CA GLN A 2 26.54 -1.28 -3.09
C GLN A 2 25.28 -0.62 -3.64
N THR A 3 24.81 -1.11 -4.78
CA THR A 3 23.61 -0.57 -5.41
C THR A 3 22.45 -1.55 -5.32
N SER A 4 21.47 -1.24 -4.50
CA SER A 4 20.30 -2.10 -4.33
C SER A 4 19.21 -1.39 -3.53
N HIS A 5 18.52 -0.46 -4.18
CA HIS A 5 17.45 0.30 -3.54
C HIS A 5 16.82 1.29 -4.51
N LYS A 6 15.52 1.14 -4.73
CA LYS A 6 14.79 2.02 -5.63
C LYS A 6 13.71 2.80 -4.88
N LYS A 7 13.57 4.08 -5.23
CA LYS A 7 12.57 4.94 -4.60
C LYS A 7 11.18 4.66 -5.16
N VAL A 8 10.23 4.41 -4.27
CA VAL A 8 8.86 4.14 -4.67
C VAL A 8 8.10 5.43 -4.99
N ARG A 9 7.40 5.44 -6.11
CA ARG A 9 6.64 6.62 -6.52
C ARG A 9 5.15 6.42 -6.26
N PHE A 10 4.61 7.17 -5.32
CA PHE A 10 3.21 7.08 -4.97
C PHE A 10 2.37 8.04 -5.82
N ASP A 11 1.12 7.65 -6.07
CA ASP A 11 0.22 8.47 -6.87
C ASP A 11 -0.04 9.81 -6.19
N GLU A 12 -0.09 9.81 -4.86
CA GLU A 12 -0.33 11.02 -4.10
C GLU A 12 -1.73 11.56 -4.37
N GLY A 13 -2.40 12.02 -3.31
CA GLY A 13 -3.74 12.57 -3.46
C GLY A 13 -4.66 11.63 -4.22
N SER A 14 -4.35 10.34 -4.18
CA SER A 14 -5.16 9.34 -4.88
C SER A 14 -5.29 8.06 -4.04
N TYR A 15 -5.92 7.05 -4.62
CA TYR A 15 -6.12 5.78 -3.94
C TYR A 15 -4.79 5.04 -3.77
N THR A 16 -4.87 3.76 -3.45
CA THR A 16 -3.69 2.93 -3.27
C THR A 16 -3.06 2.57 -4.62
N ASN A 17 -1.84 3.03 -4.84
CA ASN A 17 -1.14 2.74 -6.09
C ASN A 17 0.32 3.21 -6.01
N PHE A 18 1.18 2.57 -6.79
CA PHE A 18 2.60 2.91 -6.81
C PHE A 18 3.34 2.11 -7.88
N ILE A 19 4.49 2.62 -8.30
CA ILE A 19 5.29 1.96 -9.31
C ILE A 19 6.68 1.63 -8.78
N TYR A 20 7.08 0.37 -8.92
CA TYR A 20 8.38 -0.08 -8.46
C TYR A 20 9.11 -0.87 -9.54
N ASP A 21 10.36 -0.52 -9.78
CA ASP A 21 11.17 -1.20 -10.79
C ASP A 21 10.57 -1.01 -12.18
N ASN A 22 10.01 0.17 -12.42
CA ASN A 22 9.40 0.47 -13.71
C ASN A 22 8.20 -0.43 -13.97
N LYS A 23 7.52 -0.85 -12.91
CA LYS A 23 6.36 -1.71 -13.02
C LYS A 23 5.22 -1.22 -12.14
N SER A 24 4.02 -1.18 -12.70
CA SER A 24 2.85 -0.73 -11.97
C SER A 24 2.53 -1.67 -10.82
N TYR A 25 2.06 -1.11 -9.70
CA TYR A 25 1.72 -1.90 -8.53
C TYR A 25 0.67 -1.19 -7.68
N PHE A 26 -0.05 -1.96 -6.88
CA PHE A 26 -1.09 -1.40 -6.01
C PHE A 26 -1.23 -2.23 -4.74
N VAL A 27 -1.88 -1.65 -3.74
CA VAL A 27 -2.09 -2.33 -2.47
C VAL A 27 -3.38 -3.15 -2.48
N THR A 28 -3.27 -4.43 -2.13
CA THR A 28 -4.41 -5.32 -2.11
C THR A 28 -4.98 -5.46 -0.70
N ASP A 29 -6.19 -5.99 -0.59
CA ASP A 29 -6.84 -6.17 0.69
C ASP A 29 -6.20 -7.32 1.47
N LYS A 30 -5.46 -8.16 0.76
CA LYS A 30 -4.78 -9.31 1.37
C LYS A 30 -3.74 -8.84 2.38
N GLU A 31 -3.83 -9.35 3.60
CA GLU A 31 -2.90 -8.99 4.66
C GLU A 31 -1.98 -10.17 5.00
N ILE A 32 -0.71 -9.87 5.24
CA ILE A 32 0.26 -10.91 5.58
C ILE A 32 0.75 -10.74 7.01
N PRO A 33 0.81 -11.86 7.75
CA PRO A 33 1.25 -11.87 9.14
C PRO A 33 2.75 -11.61 9.27
N GLN A 34 3.14 -10.95 10.37
CA GLN A 34 4.55 -10.63 10.60
C GLN A 34 5.41 -11.89 10.54
N GLU A 35 4.82 -13.02 10.94
CA GLU A 35 5.54 -14.29 10.93
C GLU A 35 5.95 -14.68 9.52
N ASN A 36 5.25 -14.13 8.53
CA ASN A 36 5.54 -14.42 7.13
C ASN A 36 6.50 -13.38 6.55
N VAL A 37 6.58 -12.22 7.20
CA VAL A 37 7.46 -11.16 6.75
C VAL A 37 8.92 -11.51 6.98
N ASN A 38 9.76 -11.25 5.98
CA ASN A 38 11.18 -11.55 6.07
C ASN A 38 11.93 -10.41 6.75
N ASN A 39 11.82 -9.21 6.18
CA ASN A 39 12.48 -8.04 6.73
C ASN A 39 12.03 -6.77 6.02
N SER A 40 12.55 -5.63 6.47
CA SER A 40 12.20 -4.34 5.87
C SER A 40 12.47 -4.35 4.38
N LYS A 41 11.84 -3.41 3.67
CA LYS A 41 12.01 -3.30 2.23
C LYS A 41 12.30 -1.86 1.82
N VAL A 42 11.46 -0.94 2.27
CA VAL A 42 11.63 0.48 1.96
C VAL A 42 11.08 1.35 3.07
N LYS A 43 11.77 2.46 3.35
CA LYS A 43 11.35 3.39 4.39
C LYS A 43 10.78 4.66 3.78
N PHE A 44 9.49 4.89 4.01
CA PHE A 44 8.82 6.07 3.48
C PHE A 44 7.70 6.51 4.41
N TYR A 45 7.33 7.79 4.33
CA TYR A 45 6.27 8.34 5.15
C TYR A 45 5.20 9.02 4.30
N LYS A 46 4.04 8.38 4.21
CA LYS A 46 2.93 8.92 3.43
C LYS A 46 1.60 8.66 4.12
N LEU A 47 0.83 9.72 4.32
CA LEU A 47 -0.47 9.61 4.98
C LEU A 47 -1.51 10.48 4.28
N LEU A 48 -2.72 9.94 4.12
CA LEU A 48 -3.80 10.68 3.47
C LEU A 48 -5.16 10.21 3.99
N ILE A 49 -6.20 10.96 3.64
CA ILE A 49 -7.56 10.62 4.07
C ILE A 49 -8.48 10.43 2.88
N VAL A 50 -9.29 9.38 2.92
CA VAL A 50 -10.23 9.09 1.84
C VAL A 50 -11.64 8.86 2.38
N ASP A 51 -12.62 9.43 1.70
CA ASP A 51 -14.02 9.29 2.11
C ASP A 51 -14.63 8.01 1.54
N MET A 52 -15.13 7.15 2.42
CA MET A 52 -15.75 5.90 2.01
C MET A 52 -17.05 6.15 1.27
N LYS A 53 -17.52 7.39 1.30
CA LYS A 53 -18.77 7.76 0.63
C LYS A 53 -18.63 7.64 -0.89
N SER A 54 -17.61 8.29 -1.44
CA SER A 54 -17.37 8.25 -2.88
C SER A 54 -15.97 7.71 -3.18
N GLU A 55 -15.31 7.20 -2.15
CA GLU A 55 -13.96 6.66 -2.30
C GLU A 55 -13.02 7.71 -2.90
N LYS A 56 -13.23 8.96 -2.51
CA LYS A 56 -12.39 10.05 -3.01
C LYS A 56 -11.53 10.63 -1.89
N LEU A 57 -10.45 11.29 -2.27
CA LEU A 57 -9.53 11.89 -1.30
C LEU A 57 -10.11 13.17 -0.72
N LEU A 58 -9.72 13.49 0.50
CA LEU A 58 -10.21 14.69 1.17
C LEU A 58 -9.05 15.51 1.74
N SER A 59 -9.38 16.55 2.50
CA SER A 59 -8.36 17.41 3.10
C SER A 59 -8.38 17.29 4.62
N SER A 60 -9.47 16.74 5.15
CA SER A 60 -9.62 16.58 6.59
C SER A 60 -10.14 15.19 6.93
N SER A 61 -10.25 14.91 8.23
CA SER A 61 -10.73 13.61 8.69
C SER A 61 -12.15 13.73 9.25
N ASN A 62 -13.12 13.20 8.52
CA ASN A 62 -14.51 13.25 8.96
C ASN A 62 -14.99 11.87 9.40
N LYS A 63 -16.21 11.81 9.94
CA LYS A 63 -16.78 10.56 10.40
C LYS A 63 -17.07 9.62 9.22
N ASN A 64 -17.36 10.22 8.07
CA ASN A 64 -17.67 9.45 6.87
C ASN A 64 -16.39 9.18 6.06
N SER A 65 -15.24 9.43 6.68
CA SER A 65 -13.96 9.22 6.01
C SER A 65 -13.01 8.42 6.90
N VAL A 66 -12.02 7.80 6.27
CA VAL A 66 -11.05 7.00 7.00
C VAL A 66 -9.63 7.31 6.55
N THR A 67 -8.72 7.46 7.52
CA THR A 67 -7.32 7.76 7.21
C THR A 67 -6.58 6.52 6.75
N LEU A 68 -5.71 6.68 5.76
CA LEU A 68 -4.93 5.58 5.22
C LEU A 68 -3.46 5.95 5.11
N VAL A 69 -2.59 5.07 5.61
CA VAL A 69 -1.16 5.31 5.56
C VAL A 69 -0.46 4.32 4.64
N LEU A 70 -0.09 4.78 3.46
CA LEU A 70 0.58 3.93 2.48
C LEU A 70 2.09 4.07 2.58
N ASN A 71 2.73 3.16 3.31
CA ASN A 71 4.17 3.18 3.48
C ASN A 71 4.65 1.98 4.28
N ASN A 72 5.91 2.00 4.69
CA ASN A 72 6.49 0.91 5.46
C ASN A 72 6.40 -0.41 4.70
N ILE A 73 7.14 -0.50 3.60
CA ILE A 73 7.15 -1.71 2.78
C ILE A 73 8.06 -2.77 3.37
N TYR A 74 7.63 -4.02 3.29
CA TYR A 74 8.40 -5.14 3.82
C TYR A 74 8.45 -6.29 2.82
N GLU A 75 9.30 -7.27 3.10
CA GLU A 75 9.44 -8.43 2.22
C GLU A 75 8.81 -9.67 2.87
N ALA A 76 8.57 -10.70 2.05
CA ALA A 76 7.98 -11.94 2.54
C ALA A 76 8.90 -13.12 2.31
N SER A 77 8.58 -14.25 2.92
CA SER A 77 9.39 -15.45 2.79
C SER A 77 9.30 -16.00 1.36
N ASP A 78 8.18 -15.74 0.71
CA ASP A 78 7.97 -16.21 -0.66
C ASP A 78 8.34 -15.14 -1.67
N LYS A 79 9.24 -14.25 -1.27
CA LYS A 79 9.69 -13.18 -2.15
C LYS A 79 8.55 -12.21 -2.46
N SER A 80 7.48 -12.31 -1.68
CA SER A 80 6.32 -11.45 -1.87
C SER A 80 6.53 -10.09 -1.21
N LEU A 81 5.97 -9.05 -1.82
CA LEU A 81 6.09 -7.70 -1.30
C LEU A 81 4.80 -7.26 -0.61
N CYS A 82 4.93 -6.40 0.40
CA CYS A 82 3.77 -5.91 1.14
C CYS A 82 4.05 -4.52 1.69
N MET A 83 2.98 -3.81 2.07
CA MET A 83 3.10 -2.47 2.63
C MET A 83 2.40 -2.37 3.97
N GLY A 84 2.90 -1.50 4.83
CA GLY A 84 2.30 -1.33 6.15
C GLY A 84 1.18 -0.30 6.14
N ILE A 85 0.03 -0.70 6.68
CA ILE A 85 -1.13 0.19 6.72
C ILE A 85 -1.95 -0.06 7.98
N ASN A 86 -1.96 0.90 8.89
CA ASN A 86 -2.71 0.79 10.13
C ASN A 86 -2.25 -0.42 10.93
N ASP A 87 -0.94 -0.56 11.08
CA ASP A 87 -0.37 -1.68 11.83
C ASP A 87 -0.70 -3.00 11.16
N ARG A 88 -1.11 -2.93 9.89
CA ARG A 88 -1.45 -4.14 9.15
C ARG A 88 -0.70 -4.18 7.81
N TYR A 89 0.02 -5.26 7.58
CA TYR A 89 0.79 -5.42 6.36
C TYR A 89 -0.07 -6.01 5.25
N TYR A 90 -0.26 -5.25 4.17
CA TYR A 90 -1.06 -5.69 3.04
C TYR A 90 -0.19 -5.99 1.83
N LYS A 91 -0.40 -7.16 1.23
CA LYS A 91 0.37 -7.57 0.07
C LYS A 91 0.11 -6.63 -1.11
N ILE A 92 1.12 -6.45 -1.95
CA ILE A 92 1.01 -5.58 -3.11
C ILE A 92 1.20 -6.37 -4.41
N LEU A 93 0.31 -6.14 -5.37
CA LEU A 93 0.39 -6.83 -6.65
C LEU A 93 0.37 -5.82 -7.81
N PRO A 94 0.85 -6.26 -8.98
CA PRO A 94 0.89 -5.42 -10.18
C PRO A 94 -0.49 -5.14 -10.75
N GLU A 95 -0.65 -3.97 -11.35
CA GLU A 95 -1.93 -3.58 -11.94
C GLU A 95 -2.37 -4.57 -13.01
N SER A 96 -1.40 -5.33 -13.54
CA SER A 96 -1.69 -6.31 -14.57
C SER A 96 -2.50 -7.48 -14.01
N ASP A 97 -2.51 -7.60 -12.68
CA ASP A 97 -3.24 -8.67 -12.03
C ASP A 97 -4.72 -8.32 -11.90
N LYS A 98 -5.08 -7.12 -12.38
CA LYS A 98 -6.47 -6.67 -12.32
C LYS A 98 -7.41 -7.72 -12.89
N GLY A 99 -8.71 -7.54 -12.63
CA GLY A 99 -9.69 -8.48 -13.12
C GLY A 99 -10.08 -9.51 -12.07
N ALA A 100 -9.09 -10.01 -11.33
CA ALA A 100 -9.33 -11.00 -10.29
C ALA A 100 -9.06 -10.43 -8.91
N VAL A 101 -8.27 -9.36 -8.87
CA VAL A 101 -7.93 -8.72 -7.60
C VAL A 101 -8.14 -7.21 -7.68
N LYS A 102 -8.53 -6.61 -6.56
CA LYS A 102 -8.77 -5.18 -6.51
C LYS A 102 -8.04 -4.55 -5.32
N ALA A 103 -7.93 -3.23 -5.32
CA ALA A 103 -7.26 -2.51 -4.24
C ALA A 103 -7.83 -2.91 -2.89
N LEU A 104 -7.13 -2.51 -1.82
CA LEU A 104 -7.57 -2.82 -0.47
C LEU A 104 -8.85 -2.06 -0.11
N ARG A 105 -9.51 -2.48 0.95
CA ARG A 105 -10.74 -1.85 1.40
C ARG A 105 -10.54 -1.13 2.73
N LEU A 106 -11.12 0.06 2.85
CA LEU A 106 -11.00 0.85 4.07
C LEU A 106 -11.80 0.22 5.20
N GLN A 107 -12.69 -0.70 4.86
CA GLN A 107 -13.53 -1.37 5.84
C GLN A 107 -12.67 -2.16 6.82
N ASN A 108 -11.42 -2.41 6.45
CA ASN A 108 -10.50 -3.16 7.29
C ASN A 108 -9.94 -2.27 8.41
N PHE A 109 -10.31 -1.00 8.38
CA PHE A 109 -9.85 -0.05 9.38
C PHE A 109 -11.01 0.54 10.16
N TYR A 1 21.29 -9.12 -1.02
CA TYR A 1 20.30 -8.25 -1.67
C TYR A 1 20.96 -6.98 -2.17
N GLN A 2 21.08 -6.81 -3.49
CA GLN A 2 21.67 -5.62 -4.09
C GLN A 2 20.64 -4.95 -4.98
N THR A 3 20.65 -3.61 -4.97
CA THR A 3 19.78 -2.68 -5.70
C THR A 3 18.28 -2.87 -5.40
N SER A 4 17.94 -3.73 -4.43
CA SER A 4 16.60 -4.10 -3.97
C SER A 4 15.80 -2.96 -3.31
N HIS A 5 16.34 -1.75 -3.18
CA HIS A 5 15.66 -0.60 -2.58
C HIS A 5 15.98 0.62 -3.43
N LYS A 6 14.94 1.36 -3.80
CA LYS A 6 15.00 2.57 -4.62
C LYS A 6 13.86 3.50 -4.19
N LYS A 7 13.74 4.68 -4.81
CA LYS A 7 12.64 5.60 -4.48
C LYS A 7 11.38 4.95 -5.05
N VAL A 8 10.21 5.39 -4.57
CA VAL A 8 8.93 4.90 -5.01
C VAL A 8 8.10 6.15 -5.34
N ARG A 9 7.32 6.12 -6.42
CA ARG A 9 6.47 7.24 -6.82
C ARG A 9 5.05 6.91 -6.43
N PHE A 10 4.46 7.71 -5.56
CA PHE A 10 3.08 7.54 -5.10
C PHE A 10 2.22 8.44 -5.97
N ASP A 11 0.99 8.01 -6.25
CA ASP A 11 0.06 8.75 -7.09
C ASP A 11 -0.30 10.11 -6.51
N GLU A 12 -0.40 10.18 -5.18
CA GLU A 12 -0.72 11.36 -4.38
C GLU A 12 -2.15 11.85 -4.65
N GLY A 13 -2.92 12.15 -3.60
CA GLY A 13 -4.30 12.62 -3.76
C GLY A 13 -5.18 11.58 -4.46
N SER A 14 -4.77 10.31 -4.46
CA SER A 14 -5.45 9.18 -5.08
C SER A 14 -5.42 7.98 -4.13
N TYR A 15 -6.04 6.88 -4.56
CA TYR A 15 -6.18 5.61 -3.87
C TYR A 15 -4.83 4.89 -3.92
N THR A 16 -4.76 3.62 -3.54
CA THR A 16 -3.46 2.98 -3.52
C THR A 16 -3.12 2.58 -4.95
N ASN A 17 -2.00 3.15 -5.38
CA ASN A 17 -1.35 3.05 -6.67
C ASN A 17 0.04 3.66 -6.50
N PHE A 18 1.06 3.05 -7.06
CA PHE A 18 2.45 3.54 -6.96
C PHE A 18 3.30 2.90 -8.07
N ILE A 19 4.58 3.26 -8.16
CA ILE A 19 5.50 2.73 -9.16
C ILE A 19 6.85 2.44 -8.51
N TYR A 20 7.31 1.18 -8.61
CA TYR A 20 8.58 0.71 -8.09
C TYR A 20 9.24 -0.07 -9.22
N ASP A 21 10.57 0.04 -9.35
CA ASP A 21 11.38 -0.65 -10.38
C ASP A 21 10.83 -0.25 -11.75
N ASN A 22 10.35 0.99 -11.87
CA ASN A 22 9.74 1.60 -13.05
C ASN A 22 8.47 0.88 -13.49
N LYS A 23 7.91 -0.01 -12.66
CA LYS A 23 6.71 -0.76 -12.98
C LYS A 23 5.60 -0.32 -12.05
N SER A 24 4.40 -0.34 -12.59
CA SER A 24 3.19 0.04 -11.89
C SER A 24 2.80 -1.07 -10.93
N TYR A 25 2.48 -0.68 -9.71
CA TYR A 25 2.08 -1.55 -8.62
C TYR A 25 0.98 -0.87 -7.81
N PHE A 26 0.24 -1.64 -7.02
CA PHE A 26 -0.85 -1.12 -6.18
C PHE A 26 -0.93 -1.97 -4.91
N VAL A 27 -1.59 -1.46 -3.87
CA VAL A 27 -1.72 -2.17 -2.60
C VAL A 27 -3.02 -2.97 -2.63
N THR A 28 -2.93 -4.25 -2.27
CA THR A 28 -4.06 -5.17 -2.24
C THR A 28 -4.60 -5.34 -0.83
N ASP A 29 -5.75 -5.99 -0.74
CA ASP A 29 -6.47 -6.34 0.48
C ASP A 29 -5.79 -7.49 1.23
N LYS A 30 -4.87 -8.19 0.58
CA LYS A 30 -4.12 -9.31 1.16
C LYS A 30 -3.14 -8.79 2.19
N GLU A 31 -3.22 -9.30 3.41
CA GLU A 31 -2.33 -8.93 4.51
C GLU A 31 -1.47 -10.16 4.79
N ILE A 32 -0.21 -9.96 5.16
CA ILE A 32 0.77 -11.00 5.44
C ILE A 32 1.30 -10.79 6.87
N PRO A 33 1.49 -11.84 7.69
CA PRO A 33 1.98 -11.70 9.05
C PRO A 33 3.47 -11.35 9.11
N GLN A 34 3.88 -10.68 10.20
CA GLN A 34 5.24 -10.23 10.47
C GLN A 34 6.30 -11.30 10.32
N GLU A 35 5.98 -12.55 10.64
CA GLU A 35 6.91 -13.68 10.54
C GLU A 35 7.25 -14.00 9.07
N ASN A 36 6.34 -13.69 8.15
CA ASN A 36 6.59 -13.94 6.73
C ASN A 36 7.42 -12.78 6.18
N VAL A 37 7.35 -11.59 6.81
CA VAL A 37 8.09 -10.40 6.41
C VAL A 37 9.57 -10.68 6.66
N ASN A 38 10.38 -10.62 5.61
CA ASN A 38 11.81 -10.86 5.68
C ASN A 38 12.52 -9.67 6.30
N ASN A 39 12.44 -8.49 5.70
CA ASN A 39 13.08 -7.28 6.22
C ASN A 39 12.49 -6.03 5.59
N SER A 40 12.90 -4.88 6.12
CA SER A 40 12.49 -3.55 5.66
C SER A 40 12.92 -3.37 4.20
N LYS A 41 12.28 -2.47 3.48
CA LYS A 41 12.62 -2.21 2.09
C LYS A 41 12.74 -0.72 1.81
N VAL A 42 11.74 0.08 2.17
CA VAL A 42 11.80 1.52 1.91
C VAL A 42 11.15 2.32 3.05
N LYS A 43 11.96 3.07 3.80
CA LYS A 43 11.47 3.91 4.89
C LYS A 43 11.02 5.23 4.28
N PHE A 44 9.74 5.28 3.95
CA PHE A 44 8.96 6.36 3.37
C PHE A 44 7.78 6.59 4.31
N TYR A 45 7.20 7.78 4.28
CA TYR A 45 6.06 8.19 5.10
C TYR A 45 5.03 8.95 4.24
N LYS A 46 3.79 8.48 4.16
CA LYS A 46 2.69 9.10 3.43
C LYS A 46 1.41 8.78 4.20
N LEU A 47 0.58 9.79 4.43
CA LEU A 47 -0.72 9.71 5.08
C LEU A 47 -1.67 10.53 4.22
N LEU A 48 -2.92 10.09 4.10
CA LEU A 48 -3.99 10.74 3.36
C LEU A 48 -5.33 10.23 3.92
N ILE A 49 -6.45 10.87 3.59
CA ILE A 49 -7.78 10.48 4.09
C ILE A 49 -8.70 10.27 2.90
N VAL A 50 -9.35 9.11 2.84
CA VAL A 50 -10.27 8.72 1.78
C VAL A 50 -11.70 8.64 2.34
N ASP A 51 -12.67 9.09 1.56
CA ASP A 51 -14.09 9.08 1.90
C ASP A 51 -14.68 7.74 1.48
N MET A 52 -15.22 6.99 2.41
CA MET A 52 -15.82 5.69 2.11
C MET A 52 -17.04 5.74 1.19
N LYS A 53 -17.75 6.87 1.06
CA LYS A 53 -18.94 6.92 0.20
C LYS A 53 -18.56 7.01 -1.28
N SER A 54 -17.73 7.98 -1.67
CA SER A 54 -17.34 8.13 -3.06
C SER A 54 -16.01 7.49 -3.40
N GLU A 55 -15.27 6.97 -2.41
CA GLU A 55 -13.95 6.35 -2.60
C GLU A 55 -12.96 7.42 -3.08
N LYS A 56 -13.24 8.71 -2.82
CA LYS A 56 -12.41 9.84 -3.24
C LYS A 56 -11.59 10.36 -2.09
N LEU A 57 -10.49 11.03 -2.43
CA LEU A 57 -9.60 11.60 -1.44
C LEU A 57 -10.24 12.88 -0.91
N LEU A 58 -9.90 13.23 0.32
CA LEU A 58 -10.41 14.40 1.01
C LEU A 58 -9.26 15.24 1.53
N SER A 59 -9.60 16.44 1.96
CA SER A 59 -8.73 17.44 2.54
C SER A 59 -9.04 17.57 4.04
N SER A 60 -9.83 16.65 4.62
CA SER A 60 -10.23 16.65 6.02
C SER A 60 -10.58 15.24 6.51
N SER A 61 -10.74 15.11 7.83
CA SER A 61 -11.09 13.88 8.51
C SER A 61 -12.58 13.98 8.83
N ASN A 62 -13.40 13.16 8.17
CA ASN A 62 -14.85 13.12 8.38
C ASN A 62 -15.24 11.73 8.89
N LYS A 63 -16.38 11.57 9.59
CA LYS A 63 -16.76 10.24 10.12
C LYS A 63 -16.91 9.16 9.04
N ASN A 64 -17.34 9.53 7.84
CA ASN A 64 -17.51 8.63 6.71
C ASN A 64 -16.17 8.45 5.98
N SER A 65 -15.04 8.83 6.57
CA SER A 65 -13.72 8.74 5.97
C SER A 65 -12.81 7.87 6.83
N VAL A 66 -11.71 7.42 6.24
CA VAL A 66 -10.71 6.59 6.90
C VAL A 66 -9.33 7.09 6.48
N THR A 67 -8.46 7.31 7.45
CA THR A 67 -7.10 7.75 7.22
C THR A 67 -6.30 6.51 6.81
N LEU A 68 -5.50 6.61 5.76
CA LEU A 68 -4.68 5.52 5.24
C LEU A 68 -3.26 6.05 5.20
N VAL A 69 -2.35 5.31 5.82
CA VAL A 69 -0.95 5.68 5.86
C VAL A 69 -0.32 4.70 4.89
N LEU A 70 0.02 5.11 3.66
CA LEU A 70 0.61 4.23 2.65
C LEU A 70 2.11 4.42 2.73
N ASN A 71 2.78 3.60 3.52
CA ASN A 71 4.21 3.78 3.73
C ASN A 71 4.92 2.60 4.37
N ASN A 72 6.17 2.82 4.78
CA ASN A 72 7.00 1.82 5.47
C ASN A 72 6.97 0.46 4.77
N ILE A 73 7.53 0.39 3.57
CA ILE A 73 7.58 -0.81 2.72
C ILE A 73 8.55 -1.85 3.28
N TYR A 74 8.19 -3.13 3.11
CA TYR A 74 8.94 -4.32 3.53
C TYR A 74 8.88 -5.39 2.43
N GLU A 75 9.71 -6.42 2.61
CA GLU A 75 9.85 -7.58 1.75
C GLU A 75 9.44 -8.82 2.56
N ALA A 76 9.16 -9.92 1.88
CA ALA A 76 8.75 -11.19 2.44
C ALA A 76 9.73 -12.31 2.06
N SER A 77 9.47 -13.50 2.61
CA SER A 77 10.25 -14.71 2.43
C SER A 77 10.43 -15.05 0.94
N ASP A 78 9.37 -15.02 0.12
CA ASP A 78 9.43 -15.33 -1.31
C ASP A 78 9.81 -14.11 -2.15
N LYS A 79 10.40 -13.07 -1.54
CA LYS A 79 10.80 -11.80 -2.17
C LYS A 79 9.56 -10.97 -2.50
N SER A 80 8.38 -11.38 -2.02
CA SER A 80 7.11 -10.69 -2.21
C SER A 80 7.26 -9.35 -1.47
N LEU A 81 6.48 -8.34 -1.83
CA LEU A 81 6.57 -7.03 -1.22
C LEU A 81 5.28 -6.67 -0.49
N CYS A 82 5.36 -5.78 0.51
CA CYS A 82 4.19 -5.34 1.26
C CYS A 82 4.44 -3.91 1.78
N MET A 83 3.40 -3.26 2.30
CA MET A 83 3.42 -1.89 2.81
C MET A 83 2.66 -1.82 4.12
N GLY A 84 3.13 -1.01 5.06
CA GLY A 84 2.53 -0.82 6.37
C GLY A 84 1.41 0.22 6.27
N ILE A 85 0.21 -0.14 6.71
CA ILE A 85 -0.97 0.71 6.69
C ILE A 85 -1.77 0.44 7.95
N ASN A 86 -2.01 1.46 8.76
CA ASN A 86 -2.77 1.35 10.02
C ASN A 86 -2.24 0.20 10.89
N ASP A 87 -0.92 0.00 10.86
CA ASP A 87 -0.19 -1.02 11.62
C ASP A 87 -0.34 -2.44 11.07
N ARG A 88 -0.89 -2.61 9.87
CA ARG A 88 -1.07 -3.91 9.21
C ARG A 88 -0.29 -3.92 7.90
N TYR A 89 0.43 -5.01 7.59
CA TYR A 89 1.22 -5.13 6.38
C TYR A 89 0.38 -5.73 5.25
N TYR A 90 0.16 -4.96 4.18
CA TYR A 90 -0.63 -5.35 3.02
C TYR A 90 0.26 -5.57 1.80
N LYS A 91 0.07 -6.71 1.12
CA LYS A 91 0.84 -7.08 -0.06
C LYS A 91 0.54 -6.12 -1.20
N ILE A 92 1.54 -5.91 -2.06
CA ILE A 92 1.43 -5.04 -3.21
C ILE A 92 1.63 -5.92 -4.44
N LEU A 93 0.76 -5.78 -5.45
CA LEU A 93 0.78 -6.55 -6.70
C LEU A 93 0.91 -5.59 -7.88
N PRO A 94 1.35 -6.07 -9.06
CA PRO A 94 1.49 -5.22 -10.23
C PRO A 94 0.09 -4.89 -10.76
N GLU A 95 -0.06 -3.74 -11.41
CA GLU A 95 -1.35 -3.31 -11.95
C GLU A 95 -1.88 -4.23 -13.06
N SER A 96 -1.09 -5.21 -13.48
CA SER A 96 -1.45 -6.20 -14.49
C SER A 96 -2.31 -7.31 -13.88
N ASP A 97 -2.23 -7.54 -12.57
CA ASP A 97 -2.94 -8.58 -11.82
C ASP A 97 -4.45 -8.33 -11.65
N LYS A 98 -4.93 -7.21 -12.19
CA LYS A 98 -6.33 -6.82 -12.14
C LYS A 98 -7.24 -7.94 -12.64
N GLY A 99 -8.51 -7.89 -12.22
CA GLY A 99 -9.54 -8.87 -12.56
C GLY A 99 -9.65 -9.96 -11.51
N ALA A 100 -8.57 -10.24 -10.76
CA ALA A 100 -8.53 -11.23 -9.69
C ALA A 100 -8.28 -10.54 -8.34
N VAL A 101 -7.90 -9.26 -8.38
CA VAL A 101 -7.61 -8.46 -7.21
C VAL A 101 -7.95 -7.00 -7.54
N LYS A 102 -8.33 -6.28 -6.51
CA LYS A 102 -8.69 -4.87 -6.49
C LYS A 102 -7.88 -4.26 -5.35
N ALA A 103 -7.91 -2.95 -5.21
CA ALA A 103 -7.17 -2.30 -4.14
C ALA A 103 -7.67 -2.76 -2.77
N LEU A 104 -6.87 -2.46 -1.74
CA LEU A 104 -7.17 -2.79 -0.36
C LEU A 104 -8.45 -2.10 0.09
N ARG A 105 -9.07 -2.56 1.19
CA ARG A 105 -10.33 -2.02 1.70
C ARG A 105 -10.14 -1.28 3.00
N LEU A 106 -10.82 -0.15 3.14
CA LEU A 106 -10.78 0.68 4.34
C LEU A 106 -11.50 0.01 5.52
N GLN A 107 -12.33 -1.01 5.25
CA GLN A 107 -13.09 -1.74 6.25
C GLN A 107 -12.20 -2.59 7.18
N ASN A 108 -10.88 -2.62 6.93
CA ASN A 108 -9.93 -3.35 7.78
C ASN A 108 -9.39 -2.42 8.88
N PHE A 109 -9.90 -1.20 8.96
CA PHE A 109 -9.52 -0.16 9.91
C PHE A 109 -10.78 0.42 10.52
N TYR A 1 15.99 -15.09 -6.59
CA TYR A 1 17.02 -14.37 -5.82
C TYR A 1 17.19 -12.99 -6.46
N GLN A 2 16.62 -11.93 -5.86
CA GLN A 2 16.71 -10.58 -6.40
C GLN A 2 16.52 -9.58 -5.25
N THR A 3 17.30 -8.49 -5.23
CA THR A 3 17.25 -7.44 -4.22
C THR A 3 17.55 -6.10 -4.89
N SER A 4 16.82 -5.04 -4.55
CA SER A 4 17.01 -3.70 -5.14
C SER A 4 16.48 -2.59 -4.20
N HIS A 5 16.86 -1.33 -4.45
CA HIS A 5 16.47 -0.14 -3.69
C HIS A 5 16.48 1.12 -4.57
N LYS A 6 15.37 1.86 -4.58
CA LYS A 6 15.16 3.11 -5.33
C LYS A 6 14.05 3.89 -4.63
N LYS A 7 13.97 5.21 -4.84
CA LYS A 7 12.90 6.01 -4.22
C LYS A 7 11.58 5.51 -4.83
N VAL A 8 10.48 5.60 -4.08
CA VAL A 8 9.17 5.15 -4.55
C VAL A 8 8.32 6.38 -4.85
N ARG A 9 7.59 6.37 -5.97
CA ARG A 9 6.72 7.46 -6.38
C ARG A 9 5.30 6.99 -6.13
N PHE A 10 4.56 7.67 -5.27
CA PHE A 10 3.19 7.36 -4.92
C PHE A 10 2.22 8.15 -5.81
N ASP A 11 0.95 7.79 -5.65
CA ASP A 11 -0.21 8.34 -6.31
C ASP A 11 -0.51 9.79 -5.97
N GLU A 12 -0.08 10.25 -4.79
CA GLU A 12 -0.25 11.59 -4.26
C GLU A 12 -1.67 12.14 -4.41
N GLY A 13 -2.43 11.92 -3.36
CA GLY A 13 -3.82 12.35 -3.24
C GLY A 13 -4.79 11.49 -4.03
N SER A 14 -4.48 10.20 -4.15
CA SER A 14 -5.23 9.17 -4.84
C SER A 14 -5.30 7.88 -3.99
N TYR A 15 -5.95 6.83 -4.50
CA TYR A 15 -6.09 5.54 -3.84
C TYR A 15 -4.73 4.81 -3.89
N THR A 16 -4.66 3.53 -3.51
CA THR A 16 -3.34 2.90 -3.46
C THR A 16 -2.90 2.49 -4.86
N ASN A 17 -1.77 3.08 -5.24
CA ASN A 17 -1.04 2.92 -6.49
C ASN A 17 0.32 3.58 -6.30
N PHE A 18 1.38 3.07 -6.90
CA PHE A 18 2.72 3.63 -6.83
C PHE A 18 3.55 2.98 -7.93
N ILE A 19 4.73 3.52 -8.23
CA ILE A 19 5.61 3.00 -9.25
C ILE A 19 6.96 2.70 -8.62
N TYR A 20 7.39 1.45 -8.72
CA TYR A 20 8.67 0.99 -8.22
C TYR A 20 9.35 0.17 -9.32
N ASP A 21 10.67 0.32 -9.48
CA ASP A 21 11.47 -0.38 -10.49
C ASP A 21 10.90 -0.16 -11.90
N ASN A 22 10.40 1.05 -12.15
CA ASN A 22 9.79 1.49 -13.41
C ASN A 22 8.57 0.64 -13.80
N LYS A 23 7.97 -0.08 -12.85
CA LYS A 23 6.80 -0.94 -13.02
C LYS A 23 5.72 -0.37 -12.11
N SER A 24 4.49 -0.35 -12.58
CA SER A 24 3.40 0.18 -11.79
C SER A 24 2.97 -0.91 -10.80
N TYR A 25 2.65 -0.52 -9.58
CA TYR A 25 2.25 -1.39 -8.49
C TYR A 25 1.13 -0.73 -7.67
N PHE A 26 0.41 -1.52 -6.86
CA PHE A 26 -0.66 -1.06 -5.99
C PHE A 26 -0.72 -1.94 -4.74
N VAL A 27 -1.33 -1.45 -3.66
CA VAL A 27 -1.46 -2.20 -2.42
C VAL A 27 -2.74 -3.03 -2.45
N THR A 28 -2.64 -4.30 -2.06
CA THR A 28 -3.74 -5.24 -2.06
C THR A 28 -4.33 -5.41 -0.65
N ASP A 29 -5.47 -6.09 -0.59
CA ASP A 29 -6.26 -6.43 0.59
C ASP A 29 -5.59 -7.51 1.46
N LYS A 30 -4.67 -8.29 0.89
CA LYS A 30 -3.95 -9.38 1.55
C LYS A 30 -2.79 -8.88 2.41
N GLU A 31 -2.79 -9.27 3.68
CA GLU A 31 -1.79 -8.95 4.69
C GLU A 31 -0.81 -10.10 4.83
N ILE A 32 0.45 -9.79 5.14
CA ILE A 32 1.56 -10.71 5.35
C ILE A 32 1.90 -10.56 6.84
N PRO A 33 1.98 -11.66 7.61
CA PRO A 33 2.30 -11.57 9.03
C PRO A 33 3.73 -11.11 9.23
N GLN A 34 3.97 -10.38 10.31
CA GLN A 34 5.29 -9.85 10.63
C GLN A 34 6.40 -10.89 10.72
N GLU A 35 6.06 -12.13 11.04
CA GLU A 35 7.02 -13.24 11.13
C GLU A 35 7.52 -13.68 9.74
N ASN A 36 6.78 -13.35 8.66
CA ASN A 36 7.17 -13.70 7.30
C ASN A 36 8.01 -12.58 6.69
N VAL A 37 7.90 -11.36 7.22
CA VAL A 37 8.64 -10.18 6.77
C VAL A 37 10.13 -10.49 6.93
N ASN A 38 10.91 -10.10 5.92
CA ASN A 38 12.34 -10.31 5.91
C ASN A 38 13.02 -9.09 6.51
N ASN A 39 12.86 -7.90 5.91
CA ASN A 39 13.53 -6.68 6.40
C ASN A 39 12.86 -5.42 5.87
N SER A 40 13.20 -4.26 6.46
CA SER A 40 12.69 -2.94 6.07
C SER A 40 13.25 -2.58 4.70
N LYS A 41 12.42 -2.10 3.77
CA LYS A 41 12.86 -1.75 2.43
C LYS A 41 12.98 -0.26 2.24
N VAL A 42 11.91 0.50 2.47
CA VAL A 42 11.93 1.95 2.26
C VAL A 42 11.16 2.73 3.33
N LYS A 43 11.87 3.64 4.01
CA LYS A 43 11.33 4.53 5.04
C LYS A 43 10.78 5.72 4.26
N PHE A 44 9.47 5.93 4.38
CA PHE A 44 8.64 6.95 3.72
C PHE A 44 7.51 7.36 4.65
N TYR A 45 6.89 8.52 4.45
CA TYR A 45 5.75 8.95 5.27
C TYR A 45 4.73 9.65 4.38
N LYS A 46 3.48 9.17 4.31
CA LYS A 46 2.40 9.77 3.52
C LYS A 46 1.11 9.48 4.29
N LEU A 47 0.19 10.43 4.42
CA LEU A 47 -1.11 10.30 5.07
C LEU A 47 -2.15 10.97 4.17
N LEU A 48 -3.35 10.41 4.11
CA LEU A 48 -4.49 10.92 3.35
C LEU A 48 -5.79 10.40 3.96
N ILE A 49 -6.94 10.93 3.53
CA ILE A 49 -8.28 10.58 4.00
C ILE A 49 -9.12 10.28 2.77
N VAL A 50 -9.82 9.14 2.74
CA VAL A 50 -10.65 8.71 1.62
C VAL A 50 -12.06 8.34 2.09
N ASP A 51 -13.07 8.82 1.37
CA ASP A 51 -14.50 8.62 1.57
C ASP A 51 -14.83 7.17 1.20
N MET A 52 -15.30 6.35 2.13
CA MET A 52 -15.64 4.95 1.80
C MET A 52 -16.83 4.81 0.86
N LYS A 53 -17.73 5.81 0.79
CA LYS A 53 -18.92 5.77 -0.06
C LYS A 53 -18.51 5.87 -1.53
N SER A 54 -17.74 6.90 -1.86
CA SER A 54 -17.30 7.18 -3.22
C SER A 54 -15.84 6.89 -3.56
N GLU A 55 -15.02 6.45 -2.60
CA GLU A 55 -13.60 6.13 -2.80
C GLU A 55 -12.81 7.33 -3.32
N LYS A 56 -13.18 8.54 -2.87
CA LYS A 56 -12.55 9.80 -3.26
C LYS A 56 -11.91 10.45 -2.03
N LEU A 57 -10.83 11.18 -2.21
CA LEU A 57 -10.15 11.84 -1.10
C LEU A 57 -11.01 12.96 -0.55
N LEU A 58 -10.78 13.31 0.72
CA LEU A 58 -11.48 14.36 1.44
C LEU A 58 -10.48 15.25 2.15
N SER A 59 -10.97 16.37 2.68
CA SER A 59 -10.18 17.36 3.40
C SER A 59 -10.16 17.10 4.92
N SER A 60 -11.19 16.47 5.49
CA SER A 60 -11.30 16.17 6.93
C SER A 60 -11.79 14.75 7.14
N SER A 61 -11.62 14.22 8.34
CA SER A 61 -12.02 12.89 8.75
C SER A 61 -13.46 12.90 9.26
N ASN A 62 -14.38 12.30 8.49
CA ASN A 62 -15.79 12.18 8.86
C ASN A 62 -16.12 10.69 8.94
N LYS A 63 -17.18 10.30 9.67
CA LYS A 63 -17.54 8.89 9.86
C LYS A 63 -17.77 8.07 8.59
N ASN A 64 -18.00 8.70 7.44
CA ASN A 64 -18.19 7.95 6.20
C ASN A 64 -16.85 7.79 5.47
N SER A 65 -15.74 8.17 6.10
CA SER A 65 -14.40 8.14 5.57
C SER A 65 -13.43 7.53 6.59
N VAL A 66 -12.22 7.19 6.13
CA VAL A 66 -11.12 6.61 6.90
C VAL A 66 -9.81 7.22 6.40
N THR A 67 -8.77 7.23 7.24
CA THR A 67 -7.44 7.75 6.93
C THR A 67 -6.49 6.57 6.72
N LEU A 68 -5.55 6.71 5.79
CA LEU A 68 -4.58 5.68 5.46
C LEU A 68 -3.19 6.30 5.40
N VAL A 69 -2.20 5.66 6.03
CA VAL A 69 -0.84 6.16 6.02
C VAL A 69 -0.13 5.21 5.02
N LEU A 70 0.12 5.65 3.79
CA LEU A 70 0.81 4.81 2.81
C LEU A 70 2.30 4.92 3.06
N ASN A 71 2.89 3.99 3.82
CA ASN A 71 4.31 4.09 4.12
C ASN A 71 4.96 2.81 4.65
N ASN A 72 6.23 2.95 5.05
CA ASN A 72 7.10 1.93 5.63
C ASN A 72 7.07 0.63 4.84
N ILE A 73 7.62 0.67 3.64
CA ILE A 73 7.67 -0.50 2.76
C ILE A 73 8.69 -1.50 3.32
N TYR A 74 8.37 -2.79 3.26
CA TYR A 74 9.17 -3.92 3.71
C TYR A 74 9.16 -5.01 2.63
N GLU A 75 10.01 -6.00 2.84
CA GLU A 75 10.19 -7.16 1.98
C GLU A 75 9.83 -8.39 2.79
N ALA A 76 9.39 -9.44 2.11
CA ALA A 76 8.99 -10.73 2.68
C ALA A 76 10.06 -11.76 2.37
N SER A 77 10.01 -12.89 3.06
CA SER A 77 10.94 -13.99 2.85
C SER A 77 10.84 -14.54 1.42
N ASP A 78 9.67 -14.34 0.78
CA ASP A 78 9.32 -14.77 -0.57
C ASP A 78 9.86 -13.76 -1.58
N LYS A 79 10.67 -12.80 -1.12
CA LYS A 79 11.27 -11.72 -1.90
C LYS A 79 10.19 -10.73 -2.35
N SER A 80 8.92 -10.98 -2.03
CA SER A 80 7.84 -10.07 -2.42
C SER A 80 7.92 -8.84 -1.50
N LEU A 81 7.19 -7.78 -1.84
CA LEU A 81 7.19 -6.53 -1.10
C LEU A 81 5.82 -6.25 -0.46
N CYS A 82 5.80 -5.45 0.59
CA CYS A 82 4.57 -5.06 1.30
C CYS A 82 4.69 -3.62 1.82
N MET A 83 3.58 -3.01 2.25
CA MET A 83 3.49 -1.65 2.76
C MET A 83 2.68 -1.65 4.07
N GLY A 84 3.10 -0.86 5.06
CA GLY A 84 2.45 -0.73 6.36
C GLY A 84 1.30 0.25 6.36
N ILE A 85 0.07 -0.23 6.48
CA ILE A 85 -1.14 0.59 6.51
C ILE A 85 -1.92 0.10 7.72
N ASN A 86 -2.24 1.04 8.61
CA ASN A 86 -2.97 0.85 9.86
C ASN A 86 -2.36 -0.31 10.64
N ASP A 87 -1.05 -0.21 10.85
CA ASP A 87 -0.20 -1.15 11.57
C ASP A 87 -0.18 -2.57 10.99
N ARG A 88 -0.70 -2.78 9.78
CA ARG A 88 -0.76 -4.07 9.11
C ARG A 88 0.01 -4.01 7.81
N TYR A 89 0.87 -5.01 7.57
CA TYR A 89 1.66 -5.05 6.36
C TYR A 89 0.84 -5.72 5.26
N TYR A 90 0.52 -4.97 4.22
CA TYR A 90 -0.29 -5.42 3.10
C TYR A 90 0.59 -5.59 1.86
N LYS A 91 0.46 -6.73 1.18
CA LYS A 91 1.24 -7.03 0.00
C LYS A 91 0.92 -6.07 -1.14
N ILE A 92 1.88 -5.81 -2.01
CA ILE A 92 1.71 -4.93 -3.15
C ILE A 92 1.91 -5.77 -4.42
N LEU A 93 1.02 -5.63 -5.40
CA LEU A 93 1.03 -6.36 -6.67
C LEU A 93 1.12 -5.36 -7.84
N PRO A 94 1.60 -5.78 -9.03
CA PRO A 94 1.72 -4.93 -10.19
C PRO A 94 0.36 -4.60 -10.79
N GLU A 95 0.25 -3.47 -11.47
CA GLU A 95 -0.99 -3.03 -12.11
C GLU A 95 -1.46 -4.03 -13.17
N SER A 96 -0.56 -4.89 -13.64
CA SER A 96 -0.87 -5.90 -14.64
C SER A 96 -1.64 -7.07 -14.06
N ASP A 97 -1.58 -7.30 -12.73
CA ASP A 97 -2.30 -8.39 -12.08
C ASP A 97 -3.77 -8.00 -11.83
N LYS A 98 -4.17 -6.79 -12.21
CA LYS A 98 -5.54 -6.32 -12.06
C LYS A 98 -6.45 -7.25 -12.84
N GLY A 99 -7.67 -7.36 -12.35
CA GLY A 99 -8.70 -8.23 -12.92
C GLY A 99 -8.81 -9.50 -12.09
N ALA A 100 -7.70 -9.94 -11.49
CA ALA A 100 -7.60 -11.10 -10.61
C ALA A 100 -7.50 -10.66 -9.15
N VAL A 101 -7.11 -9.40 -8.91
CA VAL A 101 -6.95 -8.75 -7.63
C VAL A 101 -7.28 -7.26 -7.84
N LYS A 102 -7.72 -6.58 -6.78
CA LYS A 102 -8.07 -5.16 -6.76
C LYS A 102 -7.38 -4.51 -5.57
N ALA A 103 -7.45 -3.18 -5.51
CA ALA A 103 -6.83 -2.47 -4.41
C ALA A 103 -7.56 -2.80 -3.11
N LEU A 104 -6.95 -2.48 -1.98
CA LEU A 104 -7.57 -2.79 -0.70
C LEU A 104 -8.83 -1.99 -0.37
N ARG A 105 -9.56 -2.42 0.66
CA ARG A 105 -10.80 -1.82 1.14
C ARG A 105 -10.58 -1.22 2.51
N LEU A 106 -11.16 -0.05 2.74
CA LEU A 106 -11.06 0.67 4.00
C LEU A 106 -11.86 -0.03 5.09
N GLN A 107 -12.72 -0.98 4.71
CA GLN A 107 -13.54 -1.72 5.64
C GLN A 107 -12.70 -2.44 6.69
N ASN A 108 -11.44 -2.77 6.39
CA ASN A 108 -10.51 -3.46 7.27
C ASN A 108 -10.15 -2.63 8.51
N PHE A 109 -10.37 -1.32 8.46
CA PHE A 109 -10.05 -0.35 9.49
C PHE A 109 -11.31 0.20 10.16
N TYR A 1 15.88 -3.47 -12.23
CA TYR A 1 16.61 -3.98 -11.07
C TYR A 1 18.08 -3.58 -11.12
N GLN A 2 18.37 -2.28 -11.00
CA GLN A 2 19.71 -1.69 -11.00
C GLN A 2 19.53 -0.36 -10.25
N THR A 3 19.29 -0.41 -8.95
CA THR A 3 19.08 0.77 -8.11
C THR A 3 19.69 0.55 -6.72
N SER A 4 19.88 1.65 -5.96
CA SER A 4 20.44 1.64 -4.61
C SER A 4 19.38 2.11 -3.63
N HIS A 5 18.89 3.36 -3.78
CA HIS A 5 17.85 3.92 -2.92
C HIS A 5 16.52 3.25 -3.23
N LYS A 6 16.25 2.95 -4.51
CA LYS A 6 15.03 2.29 -5.00
C LYS A 6 13.79 3.05 -4.48
N LYS A 7 13.82 4.39 -4.53
CA LYS A 7 12.73 5.26 -4.07
C LYS A 7 11.39 4.79 -4.61
N VAL A 8 10.37 4.82 -3.75
CA VAL A 8 9.02 4.42 -4.08
C VAL A 8 8.28 5.66 -4.59
N ARG A 9 7.80 5.65 -5.84
CA ARG A 9 7.06 6.78 -6.37
C ARG A 9 5.61 6.57 -5.92
N PHE A 10 5.16 7.26 -4.87
CA PHE A 10 3.79 7.17 -4.38
C PHE A 10 2.94 8.00 -5.34
N ASP A 11 1.75 7.51 -5.71
CA ASP A 11 0.89 8.20 -6.67
C ASP A 11 0.37 9.57 -6.22
N GLU A 12 0.09 9.74 -4.93
CA GLU A 12 -0.42 10.95 -4.28
C GLU A 12 -1.76 11.46 -4.85
N GLY A 13 -2.65 11.92 -3.97
CA GLY A 13 -3.97 12.44 -4.35
C GLY A 13 -4.84 11.36 -5.01
N SER A 14 -4.44 10.10 -4.86
CA SER A 14 -5.06 8.91 -5.39
C SER A 14 -5.04 7.81 -4.33
N TYR A 15 -5.63 6.69 -4.70
CA TYR A 15 -5.84 5.44 -3.98
C TYR A 15 -4.52 4.67 -3.92
N THR A 16 -4.54 3.39 -3.54
CA THR A 16 -3.28 2.69 -3.40
C THR A 16 -2.83 2.31 -4.82
N ASN A 17 -1.67 2.86 -5.13
CA ASN A 17 -0.86 2.78 -6.33
C ASN A 17 0.51 3.39 -6.01
N PHE A 18 1.59 2.79 -6.49
CA PHE A 18 2.98 3.20 -6.35
C PHE A 18 3.79 2.46 -7.42
N ILE A 19 4.94 2.99 -7.81
CA ILE A 19 5.79 2.40 -8.83
C ILE A 19 7.15 2.05 -8.21
N TYR A 20 7.58 0.79 -8.36
CA TYR A 20 8.86 0.28 -7.85
C TYR A 20 9.57 -0.48 -8.96
N ASP A 21 10.89 -0.28 -9.06
CA ASP A 21 11.80 -0.90 -10.03
C ASP A 21 11.34 -0.73 -11.47
N ASN A 22 10.72 0.43 -11.77
CA ASN A 22 10.17 0.82 -13.08
C ASN A 22 9.00 -0.08 -13.47
N LYS A 23 8.23 -0.56 -12.48
CA LYS A 23 7.05 -1.42 -12.64
C LYS A 23 5.97 -0.86 -11.72
N SER A 24 4.79 -0.60 -12.25
CA SER A 24 3.65 -0.07 -11.52
C SER A 24 3.07 -1.20 -10.68
N TYR A 25 2.82 -0.95 -9.40
CA TYR A 25 2.31 -1.85 -8.38
C TYR A 25 1.05 -1.30 -7.71
N PHE A 26 0.37 -2.06 -6.85
CA PHE A 26 -0.83 -1.73 -6.05
C PHE A 26 -0.95 -2.56 -4.77
N VAL A 27 -1.46 -1.96 -3.68
CA VAL A 27 -1.65 -2.68 -2.42
C VAL A 27 -2.98 -3.45 -2.53
N THR A 28 -2.99 -4.73 -2.15
CA THR A 28 -4.17 -5.60 -2.21
C THR A 28 -4.77 -5.77 -0.80
N ASP A 29 -5.97 -6.33 -0.70
CA ASP A 29 -6.70 -6.59 0.55
C ASP A 29 -6.11 -7.74 1.36
N LYS A 30 -5.20 -8.51 0.77
CA LYS A 30 -4.55 -9.66 1.40
C LYS A 30 -3.42 -9.27 2.35
N GLU A 31 -3.64 -9.51 3.64
CA GLU A 31 -2.71 -9.23 4.72
C GLU A 31 -1.83 -10.48 4.96
N ILE A 32 -0.57 -10.32 5.34
CA ILE A 32 0.39 -11.39 5.62
C ILE A 32 0.74 -11.34 7.13
N PRO A 33 0.87 -12.50 7.82
CA PRO A 33 1.19 -12.56 9.25
C PRO A 33 2.63 -12.15 9.49
N GLN A 34 2.91 -11.58 10.67
CA GLN A 34 4.25 -11.11 11.02
C GLN A 34 5.31 -12.21 11.04
N GLU A 35 4.89 -13.47 11.14
CA GLU A 35 5.80 -14.62 11.14
C GLU A 35 6.33 -14.88 9.72
N ASN A 36 5.64 -14.38 8.68
CA ASN A 36 6.06 -14.56 7.28
C ASN A 36 7.02 -13.47 6.84
N VAL A 37 7.02 -12.34 7.54
CA VAL A 37 7.88 -11.20 7.26
C VAL A 37 9.34 -11.66 7.39
N ASN A 38 10.15 -11.35 6.38
CA ASN A 38 11.56 -11.70 6.31
C ASN A 38 12.41 -10.60 6.93
N ASN A 39 12.30 -9.37 6.40
CA ASN A 39 13.06 -8.21 6.88
C ASN A 39 12.43 -6.91 6.35
N SER A 40 12.93 -5.77 6.83
CA SER A 40 12.43 -4.46 6.40
C SER A 40 12.82 -4.23 4.94
N LYS A 41 12.18 -3.28 4.25
CA LYS A 41 12.52 -3.01 2.86
C LYS A 41 12.59 -1.53 2.54
N VAL A 42 11.63 -0.73 3.00
CA VAL A 42 11.65 0.70 2.72
C VAL A 42 11.00 1.51 3.85
N LYS A 43 11.77 2.45 4.41
CA LYS A 43 11.32 3.34 5.48
C LYS A 43 10.97 4.67 4.84
N PHE A 44 9.69 4.98 4.86
CA PHE A 44 9.03 6.19 4.38
C PHE A 44 7.81 6.36 5.28
N TYR A 45 7.27 7.57 5.41
CA TYR A 45 6.10 7.87 6.21
C TYR A 45 5.16 8.72 5.34
N LYS A 46 3.94 8.25 5.06
CA LYS A 46 2.94 8.97 4.29
C LYS A 46 1.55 8.58 4.81
N LEU A 47 0.66 9.55 5.02
CA LEU A 47 -0.70 9.41 5.54
C LEU A 47 -1.64 10.29 4.73
N LEU A 48 -2.83 9.80 4.40
CA LEU A 48 -3.82 10.53 3.61
C LEU A 48 -5.24 10.20 4.10
N ILE A 49 -6.25 10.94 3.63
CA ILE A 49 -7.66 10.77 4.00
C ILE A 49 -8.46 10.51 2.73
N VAL A 50 -9.25 9.44 2.73
CA VAL A 50 -10.08 9.02 1.61
C VAL A 50 -11.53 8.92 2.07
N ASP A 51 -12.44 9.47 1.27
CA ASP A 51 -13.88 9.45 1.52
C ASP A 51 -14.36 8.04 1.16
N MET A 52 -15.02 7.33 2.07
CA MET A 52 -15.54 6.01 1.78
C MET A 52 -16.68 6.01 0.78
N LYS A 53 -17.49 7.08 0.73
CA LYS A 53 -18.62 7.18 -0.18
C LYS A 53 -18.17 7.57 -1.58
N SER A 54 -17.41 8.64 -1.74
CA SER A 54 -16.95 9.08 -3.04
C SER A 54 -15.72 8.28 -3.50
N GLU A 55 -15.02 7.59 -2.59
CA GLU A 55 -13.80 6.83 -2.93
C GLU A 55 -12.74 7.77 -3.50
N LYS A 56 -12.67 9.00 -2.96
CA LYS A 56 -11.73 10.04 -3.41
C LYS A 56 -10.95 10.64 -2.26
N LEU A 57 -9.84 11.29 -2.57
CA LEU A 57 -8.96 11.93 -1.59
C LEU A 57 -9.58 13.22 -1.10
N LEU A 58 -9.32 13.54 0.17
CA LEU A 58 -9.84 14.72 0.86
C LEU A 58 -8.75 15.48 1.59
N SER A 59 -9.10 16.66 2.08
CA SER A 59 -8.20 17.51 2.85
C SER A 59 -8.41 17.16 4.32
N SER A 60 -9.67 17.04 4.76
CA SER A 60 -10.03 16.77 6.15
C SER A 60 -10.86 15.48 6.29
N SER A 61 -10.90 14.94 7.52
CA SER A 61 -11.59 13.71 7.87
C SER A 61 -13.11 13.83 8.09
N ASN A 62 -13.92 13.53 7.07
CA ASN A 62 -15.36 13.57 7.31
C ASN A 62 -15.70 12.29 8.07
N LYS A 63 -16.90 12.17 8.63
CA LYS A 63 -17.27 10.92 9.30
C LYS A 63 -17.44 9.84 8.22
N ASN A 64 -17.71 10.24 6.96
CA ASN A 64 -17.84 9.33 5.83
C ASN A 64 -16.44 8.97 5.32
N SER A 65 -15.36 9.44 5.97
CA SER A 65 -14.00 9.22 5.55
C SER A 65 -13.18 8.48 6.60
N VAL A 66 -12.08 7.91 6.13
CA VAL A 66 -11.11 7.15 6.89
C VAL A 66 -9.73 7.62 6.42
N THR A 67 -8.73 7.47 7.27
CA THR A 67 -7.37 7.85 6.96
C THR A 67 -6.58 6.55 6.79
N LEU A 68 -5.63 6.53 5.85
CA LEU A 68 -4.78 5.37 5.60
C LEU A 68 -3.35 5.85 5.70
N VAL A 69 -2.48 4.98 6.20
CA VAL A 69 -1.07 5.25 6.34
C VAL A 69 -0.44 4.23 5.41
N LEU A 70 0.01 4.65 4.23
CA LEU A 70 0.63 3.80 3.22
C LEU A 70 2.11 4.04 3.34
N ASN A 71 2.79 3.19 4.12
CA ASN A 71 4.21 3.35 4.37
C ASN A 71 4.83 2.09 4.97
N ASN A 72 6.11 2.16 5.37
CA ASN A 72 6.83 1.07 6.02
C ASN A 72 6.74 -0.26 5.25
N ILE A 73 7.37 -0.33 4.07
CA ILE A 73 7.38 -1.51 3.20
C ILE A 73 8.33 -2.56 3.80
N TYR A 74 7.98 -3.84 3.66
CA TYR A 74 8.72 -5.01 4.13
C TYR A 74 8.72 -6.09 3.06
N GLU A 75 9.53 -7.11 3.30
CA GLU A 75 9.71 -8.28 2.46
C GLU A 75 9.24 -9.49 3.26
N ALA A 76 8.90 -10.57 2.56
CA ALA A 76 8.42 -11.82 3.11
C ALA A 76 9.32 -13.00 2.71
N SER A 77 9.16 -14.12 3.39
CA SER A 77 9.90 -15.36 3.17
C SER A 77 9.76 -15.84 1.72
N ASP A 78 8.59 -15.65 1.10
CA ASP A 78 8.32 -16.08 -0.27
C ASP A 78 8.71 -14.99 -1.26
N LYS A 79 9.55 -14.04 -0.84
CA LYS A 79 10.04 -12.90 -1.63
C LYS A 79 8.93 -11.92 -1.96
N SER A 80 7.70 -12.14 -1.48
CA SER A 80 6.60 -11.22 -1.72
C SER A 80 6.93 -9.95 -0.94
N LEU A 81 6.38 -8.83 -1.38
CA LEU A 81 6.60 -7.54 -0.77
C LEU A 81 5.26 -7.07 -0.21
N CYS A 82 5.30 -6.33 0.90
CA CYS A 82 4.09 -5.82 1.54
C CYS A 82 4.32 -4.41 2.11
N MET A 83 3.26 -3.73 2.52
CA MET A 83 3.23 -2.37 3.07
C MET A 83 2.46 -2.40 4.39
N GLY A 84 2.91 -1.66 5.40
CA GLY A 84 2.28 -1.60 6.71
C GLY A 84 1.22 -0.52 6.76
N ILE A 85 -0.04 -0.91 6.93
CA ILE A 85 -1.18 0.00 6.97
C ILE A 85 -2.02 -0.37 8.19
N ASN A 86 -2.20 0.57 9.13
CA ASN A 86 -2.98 0.36 10.36
C ASN A 86 -2.54 -0.91 11.08
N ASP A 87 -1.23 -1.05 11.22
CA ASP A 87 -0.48 -2.13 11.87
C ASP A 87 -0.67 -3.49 11.21
N ARG A 88 -1.30 -3.53 10.04
CA ARG A 88 -1.56 -4.73 9.26
C ARG A 88 -0.72 -4.67 8.00
N TYR A 89 0.09 -5.69 7.74
CA TYR A 89 0.94 -5.72 6.55
C TYR A 89 0.13 -6.29 5.39
N TYR A 90 -0.11 -5.48 4.36
CA TYR A 90 -0.87 -5.86 3.17
C TYR A 90 0.08 -5.99 1.99
N LYS A 91 -0.07 -7.10 1.26
CA LYS A 91 0.77 -7.41 0.10
C LYS A 91 0.60 -6.40 -1.03
N ILE A 92 1.62 -6.27 -1.88
CA ILE A 92 1.61 -5.38 -3.03
C ILE A 92 1.91 -6.24 -4.26
N LEU A 93 1.14 -6.08 -5.34
CA LEU A 93 1.26 -6.83 -6.61
C LEU A 93 1.36 -5.86 -7.79
N PRO A 94 1.87 -6.30 -8.96
CA PRO A 94 1.99 -5.44 -10.13
C PRO A 94 0.60 -5.10 -10.66
N GLU A 95 0.46 -3.94 -11.32
CA GLU A 95 -0.82 -3.54 -11.89
C GLU A 95 -1.31 -4.55 -12.94
N SER A 96 -0.46 -5.46 -13.43
CA SER A 96 -0.90 -6.46 -14.39
C SER A 96 -1.85 -7.48 -13.72
N ASP A 97 -1.94 -7.53 -12.39
CA ASP A 97 -2.82 -8.45 -11.67
C ASP A 97 -4.28 -7.95 -11.67
N LYS A 98 -4.57 -6.76 -12.26
CA LYS A 98 -5.91 -6.20 -12.36
C LYS A 98 -6.88 -7.20 -12.98
N GLY A 99 -8.15 -7.07 -12.61
CA GLY A 99 -9.21 -7.95 -13.09
C GLY A 99 -9.26 -9.20 -12.23
N ALA A 100 -8.12 -9.80 -11.88
CA ALA A 100 -8.05 -11.00 -11.05
C ALA A 100 -7.81 -10.62 -9.58
N VAL A 101 -7.42 -9.38 -9.31
CA VAL A 101 -7.12 -8.82 -8.00
C VAL A 101 -7.61 -7.37 -8.01
N LYS A 102 -7.93 -6.81 -6.84
CA LYS A 102 -8.39 -5.43 -6.68
C LYS A 102 -7.64 -4.78 -5.53
N ALA A 103 -7.67 -3.45 -5.48
CA ALA A 103 -7.01 -2.70 -4.43
C ALA A 103 -7.73 -3.00 -3.10
N LEU A 104 -7.03 -2.74 -2.00
CA LEU A 104 -7.56 -2.96 -0.65
C LEU A 104 -8.74 -2.01 -0.37
N ARG A 105 -9.52 -2.27 0.68
CA ARG A 105 -10.68 -1.46 1.07
C ARG A 105 -10.55 -1.04 2.53
N LEU A 106 -10.93 0.20 2.79
CA LEU A 106 -10.92 0.85 4.10
C LEU A 106 -11.88 0.21 5.09
N GLN A 107 -12.80 -0.66 4.64
CA GLN A 107 -13.77 -1.34 5.52
C GLN A 107 -13.07 -2.22 6.56
N ASN A 108 -11.79 -2.53 6.37
CA ASN A 108 -11.00 -3.34 7.29
C ASN A 108 -10.48 -2.49 8.46
N PHE A 109 -10.69 -1.17 8.42
CA PHE A 109 -10.28 -0.19 9.41
C PHE A 109 -11.53 0.60 9.82
N TYR A 1 19.70 -0.70 6.55
CA TYR A 1 18.90 -1.63 5.74
C TYR A 1 18.85 -1.12 4.30
N GLN A 2 19.43 -1.90 3.38
CA GLN A 2 19.53 -1.61 1.96
C GLN A 2 18.14 -1.58 1.31
N THR A 3 18.05 -0.94 0.12
CA THR A 3 16.82 -0.77 -0.65
C THR A 3 16.94 -1.18 -2.13
N SER A 4 17.88 -2.09 -2.45
CA SER A 4 18.10 -2.58 -3.82
C SER A 4 18.42 -1.46 -4.83
N HIS A 5 18.81 -0.26 -4.38
CA HIS A 5 19.13 0.91 -5.21
C HIS A 5 17.97 1.32 -6.14
N LYS A 6 16.72 1.11 -5.69
CA LYS A 6 15.49 1.45 -6.42
C LYS A 6 14.59 2.29 -5.51
N LYS A 7 13.65 3.04 -6.10
CA LYS A 7 12.70 3.89 -5.40
C LYS A 7 11.30 3.64 -5.95
N VAL A 8 10.29 4.23 -5.30
CA VAL A 8 8.89 4.08 -5.68
C VAL A 8 8.26 5.46 -5.90
N ARG A 9 7.36 5.54 -6.88
CA ARG A 9 6.60 6.72 -7.27
C ARG A 9 5.16 6.40 -6.90
N PHE A 10 4.45 7.35 -6.33
CA PHE A 10 3.06 7.21 -5.93
C PHE A 10 2.25 8.14 -6.82
N ASP A 11 0.99 7.79 -7.06
CA ASP A 11 0.09 8.57 -7.90
C ASP A 11 -0.20 9.95 -7.32
N GLU A 12 -0.08 10.08 -5.99
CA GLU A 12 -0.29 11.26 -5.17
C GLU A 12 -1.75 11.70 -5.13
N GLY A 13 -2.25 12.07 -3.95
CA GLY A 13 -3.61 12.53 -3.71
C GLY A 13 -4.63 11.56 -4.31
N SER A 14 -4.36 10.27 -4.23
CA SER A 14 -5.14 9.18 -4.78
C SER A 14 -5.22 7.98 -3.83
N TYR A 15 -5.95 6.95 -4.27
CA TYR A 15 -6.20 5.67 -3.63
C TYR A 15 -4.91 4.83 -3.75
N THR A 16 -4.92 3.53 -3.43
CA THR A 16 -3.65 2.80 -3.51
C THR A 16 -3.37 2.41 -4.96
N ASN A 17 -2.23 2.92 -5.43
CA ASN A 17 -1.62 2.76 -6.74
C ASN A 17 -0.19 3.30 -6.63
N PHE A 18 0.78 2.71 -7.30
CA PHE A 18 2.17 3.16 -7.29
C PHE A 18 2.93 2.50 -8.44
N ILE A 19 4.18 2.90 -8.67
CA ILE A 19 5.02 2.33 -9.73
C ILE A 19 6.38 1.95 -9.16
N TYR A 20 6.72 0.67 -9.32
CA TYR A 20 7.97 0.06 -8.93
C TYR A 20 8.36 -0.83 -10.10
N ASP A 21 9.66 -0.94 -10.36
CA ASP A 21 10.22 -1.76 -11.45
C ASP A 21 9.58 -1.40 -12.80
N ASN A 22 9.26 -0.10 -12.98
CA ASN A 22 8.67 0.49 -14.18
C ASN A 22 7.32 -0.15 -14.55
N LYS A 23 6.63 -0.78 -13.60
CA LYS A 23 5.34 -1.44 -13.78
C LYS A 23 4.33 -0.84 -12.81
N SER A 24 3.06 -0.85 -13.19
CA SER A 24 1.96 -0.34 -12.38
C SER A 24 1.65 -1.41 -11.34
N TYR A 25 1.73 -1.04 -10.08
CA TYR A 25 1.45 -1.88 -8.93
C TYR A 25 0.43 -1.19 -8.03
N PHE A 26 -0.22 -1.94 -7.14
CA PHE A 26 -1.20 -1.41 -6.21
C PHE A 26 -1.17 -2.26 -4.95
N VAL A 27 -1.82 -1.78 -3.87
CA VAL A 27 -1.85 -2.49 -2.60
C VAL A 27 -3.15 -3.29 -2.49
N THR A 28 -3.05 -4.59 -2.19
CA THR A 28 -4.17 -5.51 -2.07
C THR A 28 -4.62 -5.64 -0.60
N ASP A 29 -5.79 -6.25 -0.39
CA ASP A 29 -6.39 -6.51 0.94
C ASP A 29 -5.70 -7.66 1.66
N LYS A 30 -4.88 -8.41 0.93
CA LYS A 30 -4.12 -9.56 1.43
C LYS A 30 -3.01 -9.07 2.36
N GLU A 31 -3.20 -9.20 3.67
CA GLU A 31 -2.22 -8.79 4.67
C GLU A 31 -1.28 -9.97 4.95
N ILE A 32 0.00 -9.72 5.23
CA ILE A 32 1.05 -10.70 5.51
C ILE A 32 1.45 -10.57 6.99
N PRO A 33 1.70 -11.70 7.70
CA PRO A 33 2.11 -11.69 9.09
C PRO A 33 3.61 -11.39 9.19
N GLN A 34 4.05 -10.73 10.27
CA GLN A 34 5.45 -10.37 10.46
C GLN A 34 6.37 -11.60 10.39
N GLU A 35 5.88 -12.77 10.81
CA GLU A 35 6.64 -14.01 10.80
C GLU A 35 7.04 -14.44 9.39
N ASN A 36 6.36 -13.93 8.37
CA ASN A 36 6.64 -14.25 6.97
C ASN A 36 7.42 -13.11 6.30
N VAL A 37 7.58 -11.95 6.93
CA VAL A 37 8.31 -10.82 6.37
C VAL A 37 9.80 -11.16 6.48
N ASN A 38 10.49 -11.13 5.34
CA ASN A 38 11.92 -11.41 5.23
C ASN A 38 12.75 -10.27 5.81
N ASN A 39 12.59 -9.07 5.23
CA ASN A 39 13.27 -7.84 5.60
C ASN A 39 12.64 -6.66 4.85
N SER A 40 13.00 -5.45 5.24
CA SER A 40 12.54 -4.19 4.67
C SER A 40 12.94 -4.02 3.19
N LYS A 41 12.38 -3.00 2.53
CA LYS A 41 12.64 -2.69 1.13
C LYS A 41 12.75 -1.20 0.83
N VAL A 42 11.85 -0.33 1.29
CA VAL A 42 11.97 1.11 0.98
C VAL A 42 11.30 1.96 2.07
N LYS A 43 12.01 2.98 2.59
CA LYS A 43 11.50 3.89 3.62
C LYS A 43 11.02 5.20 3.00
N PHE A 44 9.71 5.37 2.95
CA PHE A 44 8.93 6.51 2.46
C PHE A 44 7.93 6.86 3.57
N TYR A 45 7.41 8.08 3.61
CA TYR A 45 6.44 8.45 4.65
C TYR A 45 5.34 9.33 4.04
N LYS A 46 4.11 8.84 3.89
CA LYS A 46 3.01 9.64 3.36
C LYS A 46 1.69 9.22 3.99
N LEU A 47 0.84 10.16 4.33
CA LEU A 47 -0.47 9.96 4.96
C LEU A 47 -1.49 10.81 4.24
N LEU A 48 -2.70 10.27 4.04
CA LEU A 48 -3.82 10.93 3.36
C LEU A 48 -5.17 10.47 3.95
N ILE A 49 -6.29 11.10 3.57
CA ILE A 49 -7.64 10.79 4.07
C ILE A 49 -8.62 10.54 2.91
N VAL A 50 -9.55 9.59 3.04
CA VAL A 50 -10.54 9.23 1.99
C VAL A 50 -11.95 9.02 2.59
N ASP A 51 -13.00 9.66 2.06
CA ASP A 51 -14.40 9.54 2.50
C ASP A 51 -14.93 8.19 2.05
N MET A 52 -15.21 7.24 2.94
CA MET A 52 -15.71 5.90 2.56
C MET A 52 -16.99 5.95 1.74
N LYS A 53 -17.77 7.01 1.89
CA LYS A 53 -19.03 7.19 1.19
C LYS A 53 -18.82 7.19 -0.33
N SER A 54 -17.91 8.05 -0.78
CA SER A 54 -17.58 8.23 -2.19
C SER A 54 -16.23 7.65 -2.62
N GLU A 55 -15.43 7.16 -1.68
CA GLU A 55 -14.09 6.60 -1.87
C GLU A 55 -13.17 7.67 -2.50
N LYS A 56 -13.41 8.95 -2.20
CA LYS A 56 -12.63 10.10 -2.72
C LYS A 56 -11.81 10.78 -1.64
N LEU A 57 -10.72 11.42 -2.07
CA LEU A 57 -9.83 12.13 -1.15
C LEU A 57 -10.52 13.33 -0.51
N LEU A 58 -10.10 13.66 0.71
CA LEU A 58 -10.63 14.78 1.48
C LEU A 58 -9.50 15.68 1.96
N SER A 59 -9.89 16.79 2.58
CA SER A 59 -9.03 17.83 3.13
C SER A 59 -9.03 17.86 4.66
N SER A 60 -9.78 16.95 5.33
CA SER A 60 -9.87 16.87 6.77
C SER A 60 -10.44 15.50 7.15
N SER A 61 -10.30 15.08 8.40
CA SER A 61 -10.75 13.81 8.95
C SER A 61 -12.17 13.90 9.55
N ASN A 62 -13.13 13.15 9.00
CA ASN A 62 -14.52 13.06 9.45
C ASN A 62 -14.88 11.60 9.73
N LYS A 63 -15.89 11.33 10.55
CA LYS A 63 -16.34 9.97 10.92
C LYS A 63 -16.73 9.04 9.78
N ASN A 64 -17.00 9.58 8.61
CA ASN A 64 -17.37 8.80 7.41
C ASN A 64 -16.16 8.54 6.52
N SER A 65 -14.98 8.96 6.97
CA SER A 65 -13.72 8.85 6.31
C SER A 65 -12.79 8.03 7.21
N VAL A 66 -11.64 7.64 6.66
CA VAL A 66 -10.59 6.89 7.31
C VAL A 66 -9.29 7.45 6.74
N THR A 67 -8.25 7.50 7.57
CA THR A 67 -6.95 8.00 7.16
C THR A 67 -6.12 6.76 6.77
N LEU A 68 -5.32 6.91 5.72
CA LEU A 68 -4.48 5.83 5.22
C LEU A 68 -3.05 6.35 5.23
N VAL A 69 -2.11 5.42 5.37
CA VAL A 69 -0.70 5.69 5.44
C VAL A 69 -0.06 4.78 4.41
N LEU A 70 0.36 5.27 3.24
CA LEU A 70 0.96 4.44 2.18
C LEU A 70 2.48 4.53 2.25
N ASN A 71 3.11 3.59 2.94
CA ASN A 71 4.56 3.60 3.11
C ASN A 71 5.12 2.28 3.65
N ASN A 72 6.38 2.29 4.07
CA ASN A 72 7.04 1.17 4.69
C ASN A 72 7.01 -0.11 3.84
N ILE A 73 7.73 -0.10 2.71
CA ILE A 73 7.75 -1.29 1.84
C ILE A 73 8.71 -2.33 2.45
N TYR A 74 8.32 -3.61 2.39
CA TYR A 74 9.08 -4.77 2.88
C TYR A 74 8.96 -5.91 1.86
N GLU A 75 9.78 -6.94 2.05
CA GLU A 75 9.83 -8.16 1.25
C GLU A 75 9.42 -9.31 2.16
N ALA A 76 8.86 -10.31 1.54
CA ALA A 76 8.35 -11.51 2.16
C ALA A 76 9.25 -12.69 1.82
N SER A 77 9.18 -13.74 2.64
CA SER A 77 9.95 -14.96 2.46
C SER A 77 9.65 -15.61 1.10
N ASP A 78 8.41 -15.49 0.60
CA ASP A 78 7.96 -16.06 -0.68
C ASP A 78 8.35 -15.14 -1.84
N LYS A 79 9.27 -14.20 -1.60
CA LYS A 79 9.76 -13.19 -2.55
C LYS A 79 8.68 -12.16 -2.88
N SER A 80 7.50 -12.27 -2.26
CA SER A 80 6.42 -11.32 -2.48
C SER A 80 6.83 -9.99 -1.86
N LEU A 81 6.20 -8.90 -2.28
CA LEU A 81 6.47 -7.56 -1.82
C LEU A 81 5.23 -7.05 -1.08
N CYS A 82 5.40 -6.23 -0.04
CA CYS A 82 4.27 -5.69 0.73
C CYS A 82 4.55 -4.23 1.14
N MET A 83 3.53 -3.51 1.62
CA MET A 83 3.57 -2.11 2.05
C MET A 83 2.82 -1.98 3.38
N GLY A 84 3.39 -1.22 4.31
CA GLY A 84 2.88 -0.94 5.65
C GLY A 84 1.81 0.13 5.62
N ILE A 85 0.63 -0.19 6.13
CA ILE A 85 -0.51 0.71 6.19
C ILE A 85 -1.15 0.51 7.55
N ASN A 86 -1.17 1.57 8.36
CA ASN A 86 -1.73 1.55 9.72
C ASN A 86 -1.18 0.37 10.51
N ASP A 87 0.13 0.14 10.42
CA ASP A 87 0.93 -0.89 11.08
C ASP A 87 0.74 -2.31 10.52
N ARG A 88 -0.12 -2.54 9.52
CA ARG A 88 -0.38 -3.84 8.91
C ARG A 88 0.30 -3.88 7.54
N TYR A 89 0.99 -4.99 7.23
CA TYR A 89 1.69 -5.15 5.96
C TYR A 89 0.76 -5.79 4.93
N TYR A 90 0.45 -5.07 3.85
CA TYR A 90 -0.42 -5.52 2.78
C TYR A 90 0.39 -5.81 1.52
N LYS A 91 0.17 -6.98 0.91
CA LYS A 91 0.87 -7.39 -0.30
C LYS A 91 0.55 -6.45 -1.45
N ILE A 92 1.51 -6.26 -2.35
CA ILE A 92 1.36 -5.40 -3.51
C ILE A 92 1.46 -6.27 -4.75
N LEU A 93 0.55 -6.09 -5.70
CA LEU A 93 0.44 -6.86 -6.93
C LEU A 93 0.40 -5.93 -8.15
N PRO A 94 0.70 -6.44 -9.37
CA PRO A 94 0.67 -5.65 -10.58
C PRO A 94 -0.79 -5.42 -10.98
N GLU A 95 -1.11 -4.25 -11.54
CA GLU A 95 -2.48 -3.94 -11.97
C GLU A 95 -3.00 -4.94 -13.00
N SER A 96 -2.12 -5.70 -13.65
CA SER A 96 -2.55 -6.65 -14.64
C SER A 96 -3.32 -7.83 -14.03
N ASP A 97 -3.33 -8.01 -12.70
CA ASP A 97 -4.08 -9.09 -12.06
C ASP A 97 -5.58 -8.78 -11.90
N LYS A 98 -6.02 -7.60 -12.39
CA LYS A 98 -7.39 -7.10 -12.38
C LYS A 98 -8.40 -8.17 -12.82
N GLY A 99 -9.56 -8.12 -12.17
CA GLY A 99 -10.71 -8.99 -12.35
C GLY A 99 -10.73 -10.08 -11.31
N ALA A 100 -9.57 -10.68 -11.01
CA ALA A 100 -9.47 -11.74 -10.00
C ALA A 100 -9.06 -11.13 -8.65
N VAL A 101 -8.53 -9.91 -8.66
CA VAL A 101 -8.08 -9.17 -7.50
C VAL A 101 -8.50 -7.71 -7.68
N LYS A 102 -8.58 -7.01 -6.56
CA LYS A 102 -8.94 -5.60 -6.41
C LYS A 102 -8.05 -5.03 -5.31
N ALA A 103 -8.02 -3.71 -5.15
CA ALA A 103 -7.22 -3.09 -4.12
C ALA A 103 -7.77 -3.39 -2.73
N LEU A 104 -7.11 -2.86 -1.70
CA LEU A 104 -7.52 -3.07 -0.32
C LEU A 104 -8.77 -2.27 0.04
N ARG A 105 -9.33 -2.51 1.24
CA ARG A 105 -10.53 -1.85 1.75
C ARG A 105 -10.22 -1.17 3.07
N LEU A 106 -10.80 0.02 3.29
CA LEU A 106 -10.59 0.80 4.51
C LEU A 106 -11.25 0.15 5.72
N GLN A 107 -12.04 -0.90 5.49
CA GLN A 107 -12.76 -1.67 6.49
C GLN A 107 -11.78 -2.35 7.46
N ASN A 108 -10.53 -2.56 7.04
CA ASN A 108 -9.52 -3.20 7.88
C ASN A 108 -8.96 -2.27 8.95
N PHE A 109 -9.32 -0.99 8.96
CA PHE A 109 -8.84 0.02 9.89
C PHE A 109 -9.96 0.53 10.79
N TYR A 1 19.19 -12.40 -1.17
CA TYR A 1 18.42 -11.15 -1.04
C TYR A 1 18.94 -10.14 -2.05
N GLN A 2 18.07 -9.25 -2.55
CA GLN A 2 18.42 -8.21 -3.51
C GLN A 2 17.89 -6.87 -3.01
N THR A 3 18.80 -5.89 -2.92
CA THR A 3 18.53 -4.53 -2.47
C THR A 3 18.50 -3.62 -3.71
N SER A 4 17.99 -2.38 -3.60
CA SER A 4 17.91 -1.47 -4.74
C SER A 4 18.17 0.01 -4.42
N HIS A 5 17.79 0.54 -3.24
CA HIS A 5 17.96 1.94 -2.86
C HIS A 5 17.41 2.88 -3.95
N LYS A 6 16.11 2.80 -4.21
CA LYS A 6 15.39 3.59 -5.21
C LYS A 6 14.26 4.37 -4.53
N LYS A 7 13.56 5.23 -5.25
CA LYS A 7 12.43 5.99 -4.71
C LYS A 7 11.15 5.26 -5.16
N VAL A 8 9.99 5.61 -4.62
CA VAL A 8 8.71 5.02 -4.97
C VAL A 8 7.82 6.22 -5.32
N ARG A 9 7.20 6.22 -6.50
CA ARG A 9 6.33 7.32 -6.89
C ARG A 9 4.93 6.96 -6.45
N PHE A 10 4.19 7.90 -5.85
CA PHE A 10 2.82 7.68 -5.41
C PHE A 10 1.89 8.41 -6.37
N ASP A 11 0.59 8.11 -6.32
CA ASP A 11 -0.37 8.77 -7.20
C ASP A 11 -0.75 10.17 -6.72
N GLU A 12 -0.78 10.36 -5.39
CA GLU A 12 -1.10 11.61 -4.72
C GLU A 12 -2.42 12.23 -5.17
N GLY A 13 -3.45 11.97 -4.36
CA GLY A 13 -4.82 12.44 -4.58
C GLY A 13 -5.75 11.34 -5.09
N SER A 14 -5.27 10.10 -5.10
CA SER A 14 -5.96 8.88 -5.52
C SER A 14 -5.78 7.79 -4.45
N TYR A 15 -6.39 6.64 -4.71
CA TYR A 15 -6.45 5.40 -3.95
C TYR A 15 -5.08 4.71 -4.07
N THR A 16 -4.96 3.45 -3.66
CA THR A 16 -3.66 2.82 -3.71
C THR A 16 -3.35 2.39 -5.14
N ASN A 17 -2.24 2.97 -5.58
CA ASN A 17 -1.52 2.89 -6.84
C ASN A 17 -0.17 3.54 -6.54
N PHE A 18 0.90 3.05 -7.13
CA PHE A 18 2.25 3.57 -6.98
C PHE A 18 3.11 2.97 -8.09
N ILE A 19 4.35 3.43 -8.26
CA ILE A 19 5.23 2.92 -9.31
C ILE A 19 6.61 2.63 -8.72
N TYR A 20 7.06 1.40 -8.87
CA TYR A 20 8.36 0.90 -8.41
C TYR A 20 9.03 0.24 -9.61
N ASP A 21 10.33 0.49 -9.82
CA ASP A 21 11.13 -0.05 -10.92
C ASP A 21 10.44 0.25 -12.26
N ASN A 22 9.77 1.40 -12.35
CA ASN A 22 9.04 1.92 -13.51
C ASN A 22 7.83 1.05 -13.87
N LYS A 23 7.43 0.14 -13.00
CA LYS A 23 6.33 -0.79 -13.17
C LYS A 23 5.19 -0.33 -12.29
N SER A 24 3.97 -0.40 -12.83
CA SER A 24 2.77 -0.03 -12.12
C SER A 24 2.54 -1.06 -11.02
N TYR A 25 2.19 -0.60 -9.82
CA TYR A 25 1.92 -1.45 -8.68
C TYR A 25 0.79 -0.84 -7.85
N PHE A 26 0.14 -1.65 -7.03
CA PHE A 26 -0.94 -1.20 -6.16
C PHE A 26 -0.95 -2.06 -4.90
N VAL A 27 -1.65 -1.58 -3.88
CA VAL A 27 -1.77 -2.27 -2.60
C VAL A 27 -3.11 -3.03 -2.62
N THR A 28 -3.12 -4.30 -2.25
CA THR A 28 -4.32 -5.13 -2.23
C THR A 28 -4.75 -5.39 -0.78
N ASP A 29 -5.88 -6.05 -0.60
CA ASP A 29 -6.45 -6.38 0.71
C ASP A 29 -5.75 -7.56 1.39
N LYS A 30 -4.90 -8.27 0.65
CA LYS A 30 -4.13 -9.40 1.15
C LYS A 30 -3.06 -8.90 2.10
N GLU A 31 -3.18 -9.18 3.40
CA GLU A 31 -2.23 -8.79 4.44
C GLU A 31 -1.33 -10.00 4.71
N ILE A 32 -0.04 -9.78 4.98
CA ILE A 32 0.93 -10.84 5.26
C ILE A 32 1.46 -10.61 6.70
N PRO A 33 1.59 -11.66 7.54
CA PRO A 33 2.09 -11.52 8.90
C PRO A 33 3.59 -11.20 8.96
N GLN A 34 4.03 -10.66 10.10
CA GLN A 34 5.42 -10.27 10.32
C GLN A 34 6.40 -11.43 10.26
N GLU A 35 5.98 -12.66 10.57
CA GLU A 35 6.88 -13.81 10.50
C GLU A 35 7.17 -14.16 9.04
N ASN A 36 6.29 -13.75 8.11
CA ASN A 36 6.48 -13.99 6.68
C ASN A 36 7.36 -12.87 6.13
N VAL A 37 7.39 -11.70 6.78
CA VAL A 37 8.22 -10.56 6.42
C VAL A 37 9.66 -11.01 6.61
N ASN A 38 10.54 -10.48 5.76
CA ASN A 38 11.96 -10.78 5.75
C ASN A 38 12.77 -9.57 6.17
N ASN A 39 12.69 -8.46 5.44
CA ASN A 39 13.44 -7.24 5.73
C ASN A 39 12.75 -5.98 5.20
N SER A 40 13.22 -4.81 5.62
CA SER A 40 12.74 -3.49 5.24
C SER A 40 13.11 -3.23 3.78
N LYS A 41 12.27 -2.48 3.06
CA LYS A 41 12.48 -2.17 1.64
C LYS A 41 12.60 -0.67 1.43
N VAL A 42 11.65 0.15 1.90
CA VAL A 42 11.74 1.59 1.68
C VAL A 42 11.09 2.39 2.82
N LYS A 43 11.88 3.22 3.51
CA LYS A 43 11.38 4.08 4.58
C LYS A 43 10.88 5.35 3.90
N PHE A 44 9.58 5.46 3.73
CA PHE A 44 8.81 6.55 3.11
C PHE A 44 7.76 6.99 4.11
N TYR A 45 7.22 8.22 4.02
CA TYR A 45 6.20 8.66 4.98
C TYR A 45 5.11 9.48 4.30
N LYS A 46 3.88 8.95 4.15
CA LYS A 46 2.78 9.70 3.54
C LYS A 46 1.45 9.27 4.15
N LEU A 47 0.55 10.22 4.42
CA LEU A 47 -0.77 10.05 5.01
C LEU A 47 -1.77 10.81 4.15
N LEU A 48 -2.98 10.26 4.02
CA LEU A 48 -4.10 10.80 3.28
C LEU A 48 -5.41 10.35 3.94
N ILE A 49 -6.55 10.90 3.49
CA ILE A 49 -7.87 10.60 4.02
C ILE A 49 -8.78 10.22 2.85
N VAL A 50 -9.53 9.12 2.95
CA VAL A 50 -10.41 8.62 1.89
C VAL A 50 -11.85 8.49 2.39
N ASP A 51 -12.77 9.05 1.63
CA ASP A 51 -14.22 9.06 1.86
C ASP A 51 -14.79 7.66 1.68
N MET A 52 -15.45 7.12 2.69
CA MET A 52 -16.06 5.78 2.65
C MET A 52 -17.27 5.67 1.71
N LYS A 53 -17.93 6.78 1.39
CA LYS A 53 -19.11 6.82 0.51
C LYS A 53 -18.71 6.84 -0.95
N SER A 54 -17.84 7.78 -1.32
CA SER A 54 -17.38 7.94 -2.69
C SER A 54 -16.09 7.17 -2.97
N GLU A 55 -15.39 6.63 -1.97
CA GLU A 55 -14.12 5.92 -2.15
C GLU A 55 -13.04 6.83 -2.79
N LYS A 56 -13.20 8.16 -2.63
CA LYS A 56 -12.29 9.17 -3.18
C LYS A 56 -11.52 9.88 -2.08
N LEU A 57 -10.43 10.54 -2.46
CA LEU A 57 -9.56 11.25 -1.54
C LEU A 57 -10.22 12.55 -1.08
N LEU A 58 -9.95 12.93 0.17
CA LEU A 58 -10.46 14.14 0.82
C LEU A 58 -9.33 14.84 1.56
N SER A 59 -9.65 16.01 2.12
CA SER A 59 -8.73 16.82 2.89
C SER A 59 -9.20 16.92 4.35
N SER A 60 -10.42 16.45 4.68
CA SER A 60 -10.98 16.51 6.01
C SER A 60 -11.24 15.13 6.62
N SER A 61 -10.72 14.92 7.83
CA SER A 61 -10.88 13.69 8.57
C SER A 61 -12.27 13.79 9.20
N ASN A 62 -13.26 13.15 8.58
CA ASN A 62 -14.64 13.15 9.05
C ASN A 62 -15.10 11.72 9.32
N LYS A 63 -16.24 11.54 10.00
CA LYS A 63 -16.77 10.22 10.34
C LYS A 63 -17.01 9.29 9.16
N ASN A 64 -17.44 9.83 8.02
CA ASN A 64 -17.72 9.04 6.82
C ASN A 64 -16.46 8.90 5.97
N SER A 65 -15.29 9.13 6.55
CA SER A 65 -13.99 9.05 5.92
C SER A 65 -13.01 8.36 6.88
N VAL A 66 -11.98 7.74 6.34
CA VAL A 66 -10.95 7.04 7.12
C VAL A 66 -9.57 7.45 6.60
N THR A 67 -8.62 7.65 7.53
CA THR A 67 -7.25 8.04 7.21
C THR A 67 -6.40 6.78 7.01
N LEU A 68 -5.44 6.86 6.08
CA LEU A 68 -4.52 5.77 5.74
C LEU A 68 -3.13 6.37 5.61
N VAL A 69 -2.10 5.59 5.89
CA VAL A 69 -0.73 6.02 5.80
C VAL A 69 -0.08 4.98 4.88
N LEU A 70 0.17 5.33 3.61
CA LEU A 70 0.78 4.43 2.63
C LEU A 70 2.27 4.60 2.81
N ASN A 71 2.90 3.74 3.60
CA ASN A 71 4.32 3.89 3.86
C ASN A 71 5.01 2.63 4.38
N ASN A 72 6.30 2.79 4.73
CA ASN A 72 7.17 1.77 5.27
C ASN A 72 7.10 0.41 4.57
N ILE A 73 7.59 0.36 3.34
CA ILE A 73 7.60 -0.84 2.51
C ILE A 73 8.59 -1.87 3.08
N TYR A 74 8.26 -3.17 2.95
CA TYR A 74 9.04 -4.35 3.39
C TYR A 74 8.95 -5.46 2.34
N GLU A 75 9.77 -6.50 2.53
CA GLU A 75 9.89 -7.70 1.71
C GLU A 75 9.48 -8.90 2.56
N ALA A 76 9.20 -10.04 1.91
CA ALA A 76 8.81 -11.31 2.51
C ALA A 76 9.80 -12.39 2.12
N SER A 77 9.70 -13.53 2.79
CA SER A 77 10.56 -14.68 2.54
C SER A 77 10.49 -15.12 1.07
N ASP A 78 9.31 -15.05 0.45
CA ASP A 78 9.06 -15.44 -0.93
C ASP A 78 9.36 -14.30 -1.91
N LYS A 79 10.13 -13.30 -1.48
CA LYS A 79 10.51 -12.13 -2.27
C LYS A 79 9.31 -11.25 -2.61
N SER A 80 8.16 -11.52 -1.99
CA SER A 80 6.94 -10.77 -2.18
C SER A 80 7.14 -9.45 -1.43
N LEU A 81 6.72 -8.34 -2.03
CA LEU A 81 6.87 -7.02 -1.44
C LEU A 81 5.54 -6.59 -0.80
N CYS A 82 5.63 -5.77 0.25
CA CYS A 82 4.45 -5.28 0.96
C CYS A 82 4.64 -3.84 1.49
N MET A 83 3.58 -3.22 1.99
CA MET A 83 3.56 -1.86 2.53
C MET A 83 2.75 -1.80 3.83
N GLY A 84 3.21 -0.98 4.79
CA GLY A 84 2.57 -0.79 6.07
C GLY A 84 1.45 0.23 5.97
N ILE A 85 0.26 -0.11 6.48
CA ILE A 85 -0.92 0.72 6.48
C ILE A 85 -1.67 0.33 7.75
N ASN A 86 -2.00 1.31 8.60
CA ASN A 86 -2.73 1.10 9.86
C ASN A 86 -2.06 -0.01 10.67
N ASP A 87 -0.73 -0.01 10.67
CA ASP A 87 0.16 -0.94 11.36
C ASP A 87 0.06 -2.40 10.88
N ARG A 88 -0.55 -2.65 9.72
CA ARG A 88 -0.70 -3.97 9.11
C ARG A 88 0.03 -3.95 7.78
N TYR A 89 0.73 -5.03 7.43
CA TYR A 89 1.47 -5.13 6.18
C TYR A 89 0.61 -5.71 5.07
N TYR A 90 0.33 -4.95 4.02
CA TYR A 90 -0.47 -5.34 2.88
C TYR A 90 0.44 -5.55 1.66
N LYS A 91 0.33 -6.72 1.01
CA LYS A 91 1.13 -7.09 -0.17
C LYS A 91 0.84 -6.11 -1.31
N ILE A 92 1.79 -5.95 -2.24
CA ILE A 92 1.63 -5.07 -3.38
C ILE A 92 1.76 -5.94 -4.63
N LEU A 93 0.85 -5.78 -5.59
CA LEU A 93 0.81 -6.55 -6.83
C LEU A 93 0.91 -5.62 -8.04
N PRO A 94 1.38 -6.11 -9.20
CA PRO A 94 1.50 -5.31 -10.41
C PRO A 94 0.09 -5.04 -10.92
N GLU A 95 -0.14 -3.88 -11.55
CA GLU A 95 -1.46 -3.56 -12.07
C GLU A 95 -1.95 -4.57 -13.10
N SER A 96 -1.03 -5.36 -13.67
CA SER A 96 -1.40 -6.37 -14.65
C SER A 96 -2.21 -7.48 -13.97
N ASP A 97 -2.11 -7.64 -12.66
CA ASP A 97 -2.81 -8.67 -11.90
C ASP A 97 -4.27 -8.33 -11.62
N LYS A 98 -4.73 -7.15 -12.01
CA LYS A 98 -6.12 -6.73 -11.84
C LYS A 98 -7.05 -7.81 -12.42
N GLY A 99 -8.28 -7.83 -11.92
CA GLY A 99 -9.31 -8.80 -12.31
C GLY A 99 -9.24 -9.99 -11.36
N ALA A 100 -8.04 -10.47 -11.02
CA ALA A 100 -7.86 -11.56 -10.06
C ALA A 100 -7.88 -10.92 -8.68
N VAL A 101 -7.39 -9.69 -8.59
CA VAL A 101 -7.31 -8.89 -7.39
C VAL A 101 -7.71 -7.44 -7.72
N LYS A 102 -8.03 -6.70 -6.67
CA LYS A 102 -8.44 -5.30 -6.67
C LYS A 102 -7.71 -4.60 -5.53
N ALA A 103 -7.79 -3.28 -5.46
CA ALA A 103 -7.13 -2.53 -4.41
C ALA A 103 -7.66 -2.96 -3.03
N LEU A 104 -6.96 -2.56 -1.97
CA LEU A 104 -7.33 -2.87 -0.59
C LEU A 104 -8.65 -2.20 -0.20
N ARG A 105 -9.18 -2.55 0.98
CA ARG A 105 -10.43 -2.00 1.49
C ARG A 105 -10.25 -1.44 2.89
N LEU A 106 -10.82 -0.26 3.13
CA LEU A 106 -10.75 0.45 4.41
C LEU A 106 -11.50 -0.27 5.51
N GLN A 107 -12.45 -1.14 5.17
CA GLN A 107 -13.25 -1.90 6.12
C GLN A 107 -12.42 -2.80 7.05
N ASN A 108 -11.12 -2.98 6.77
CA ASN A 108 -10.21 -3.76 7.62
C ASN A 108 -9.72 -2.89 8.78
N PHE A 109 -10.15 -1.63 8.85
CA PHE A 109 -9.79 -0.63 9.85
C PHE A 109 -11.10 0.01 10.35
N TYR A 1 19.15 -11.93 -3.94
CA TYR A 1 19.52 -10.66 -3.30
C TYR A 1 19.07 -9.52 -4.20
N GLN A 2 18.26 -8.63 -3.64
CA GLN A 2 17.72 -7.46 -4.31
C GLN A 2 18.57 -6.25 -3.91
N THR A 3 18.19 -5.06 -4.38
CA THR A 3 18.88 -3.82 -4.08
C THR A 3 17.80 -2.80 -3.69
N SER A 4 17.22 -3.03 -2.52
CA SER A 4 16.15 -2.26 -1.90
C SER A 4 16.63 -0.88 -1.46
N HIS A 5 16.98 -0.05 -2.44
CA HIS A 5 17.48 1.30 -2.30
C HIS A 5 16.85 2.28 -3.31
N LYS A 6 15.90 1.83 -4.13
CA LYS A 6 15.26 2.70 -5.12
C LYS A 6 14.00 3.31 -4.50
N LYS A 7 13.71 4.56 -4.89
CA LYS A 7 12.59 5.40 -4.47
C LYS A 7 11.25 4.81 -4.94
N VAL A 8 10.14 5.34 -4.40
CA VAL A 8 8.78 4.93 -4.73
C VAL A 8 7.97 6.20 -4.97
N ARG A 9 7.26 6.25 -6.09
CA ARG A 9 6.42 7.35 -6.52
C ARG A 9 4.98 6.94 -6.22
N PHE A 10 4.29 7.64 -5.32
CA PHE A 10 2.90 7.33 -5.00
C PHE A 10 2.01 8.08 -6.01
N ASP A 11 0.72 7.76 -6.09
CA ASP A 11 -0.17 8.46 -7.05
C ASP A 11 -0.52 9.86 -6.58
N GLU A 12 -0.64 10.06 -5.27
CA GLU A 12 -0.96 11.34 -4.61
C GLU A 12 -2.32 11.93 -5.01
N GLY A 13 -3.21 12.05 -4.03
CA GLY A 13 -4.56 12.58 -4.23
C GLY A 13 -5.45 11.52 -4.88
N SER A 14 -5.05 10.26 -4.79
CA SER A 14 -5.71 9.10 -5.35
C SER A 14 -5.71 7.92 -4.37
N TYR A 15 -6.35 6.84 -4.79
CA TYR A 15 -6.54 5.57 -4.12
C TYR A 15 -5.21 4.79 -4.12
N THR A 16 -5.18 3.50 -3.76
CA THR A 16 -3.89 2.86 -3.71
C THR A 16 -3.49 2.50 -5.13
N ASN A 17 -2.36 3.09 -5.49
CA ASN A 17 -1.61 3.02 -6.72
C ASN A 17 -0.26 3.69 -6.43
N PHE A 18 0.82 3.21 -7.03
CA PHE A 18 2.19 3.71 -6.92
C PHE A 18 2.99 3.09 -8.07
N ILE A 19 4.24 3.49 -8.24
CA ILE A 19 5.10 2.95 -9.30
C ILE A 19 6.45 2.66 -8.67
N TYR A 20 6.94 1.43 -8.89
CA TYR A 20 8.22 0.98 -8.40
C TYR A 20 8.88 0.20 -9.53
N ASP A 21 10.19 0.39 -9.68
CA ASP A 21 11.03 -0.24 -10.70
C ASP A 21 10.47 -0.09 -12.11
N ASN A 22 9.93 1.12 -12.38
CA ASN A 22 9.33 1.50 -13.65
C ASN A 22 8.07 0.70 -13.97
N LYS A 23 7.45 0.02 -12.99
CA LYS A 23 6.26 -0.80 -13.16
C LYS A 23 5.13 -0.27 -12.30
N SER A 24 3.91 -0.32 -12.83
CA SER A 24 2.69 0.11 -12.19
C SER A 24 2.32 -0.89 -11.10
N TYR A 25 2.08 -0.42 -9.87
CA TYR A 25 1.75 -1.28 -8.74
C TYR A 25 0.68 -0.65 -7.84
N PHE A 26 0.00 -1.47 -7.04
CA PHE A 26 -1.03 -1.01 -6.10
C PHE A 26 -1.07 -1.90 -4.86
N VAL A 27 -1.70 -1.40 -3.78
CA VAL A 27 -1.83 -2.10 -2.51
C VAL A 27 -3.14 -2.88 -2.48
N THR A 28 -3.04 -4.18 -2.17
CA THR A 28 -4.17 -5.10 -2.09
C THR A 28 -4.59 -5.28 -0.63
N ASP A 29 -5.71 -5.94 -0.40
CA ASP A 29 -6.28 -6.25 0.92
C ASP A 29 -5.62 -7.47 1.59
N LYS A 30 -4.81 -8.22 0.84
CA LYS A 30 -4.08 -9.41 1.26
C LYS A 30 -2.95 -9.01 2.22
N GLU A 31 -3.03 -9.37 3.51
CA GLU A 31 -2.05 -9.05 4.54
C GLU A 31 -1.06 -10.20 4.76
N ILE A 32 0.19 -9.87 5.08
CA ILE A 32 1.32 -10.76 5.33
C ILE A 32 1.77 -10.55 6.79
N PRO A 33 1.96 -11.63 7.59
CA PRO A 33 2.38 -11.53 8.98
C PRO A 33 3.85 -11.15 9.14
N GLN A 34 4.22 -10.58 10.29
CA GLN A 34 5.58 -10.14 10.59
C GLN A 34 6.61 -11.28 10.52
N GLU A 35 6.19 -12.53 10.75
CA GLU A 35 7.10 -13.66 10.67
C GLU A 35 7.52 -13.93 9.23
N ASN A 36 6.71 -13.54 8.24
CA ASN A 36 7.04 -13.73 6.82
C ASN A 36 7.93 -12.57 6.39
N VAL A 37 7.84 -11.42 7.06
CA VAL A 37 8.63 -10.24 6.75
C VAL A 37 10.11 -10.57 6.95
N ASN A 38 10.87 -10.48 5.87
CA ASN A 38 12.29 -10.76 5.85
C ASN A 38 13.05 -9.59 6.45
N ASN A 39 12.94 -8.41 5.83
CA ASN A 39 13.62 -7.20 6.27
C ASN A 39 12.89 -5.98 5.69
N SER A 40 13.32 -4.79 6.10
CA SER A 40 12.78 -3.51 5.65
C SER A 40 13.01 -3.30 4.15
N LYS A 41 12.43 -2.27 3.55
CA LYS A 41 12.65 -2.04 2.13
C LYS A 41 12.68 -0.57 1.74
N VAL A 42 11.75 0.25 2.23
CA VAL A 42 11.71 1.67 1.90
C VAL A 42 11.06 2.46 3.04
N LYS A 43 11.68 3.56 3.45
CA LYS A 43 11.21 4.45 4.51
C LYS A 43 10.75 5.75 3.86
N PHE A 44 9.45 5.96 3.84
CA PHE A 44 8.72 7.12 3.30
C PHE A 44 7.61 7.45 4.29
N TYR A 45 7.10 8.69 4.28
CA TYR A 45 6.03 9.10 5.18
C TYR A 45 4.90 9.68 4.34
N LYS A 46 3.77 8.98 4.21
CA LYS A 46 2.62 9.46 3.43
C LYS A 46 1.33 8.98 4.08
N LEU A 47 0.48 9.95 4.42
CA LEU A 47 -0.83 9.82 5.02
C LEU A 47 -1.78 10.66 4.17
N LEU A 48 -3.00 10.20 3.98
CA LEU A 48 -4.07 10.86 3.23
C LEU A 48 -5.41 10.40 3.83
N ILE A 49 -6.53 10.99 3.44
CA ILE A 49 -7.85 10.64 3.96
C ILE A 49 -8.79 10.42 2.79
N VAL A 50 -9.52 9.31 2.83
CA VAL A 50 -10.47 8.89 1.80
C VAL A 50 -11.86 8.74 2.44
N ASP A 51 -12.88 9.23 1.77
CA ASP A 51 -14.28 9.18 2.17
C ASP A 51 -14.84 7.80 1.86
N MET A 52 -15.31 7.00 2.83
CA MET A 52 -15.86 5.69 2.48
C MET A 52 -17.17 5.81 1.68
N LYS A 53 -17.86 6.96 1.74
CA LYS A 53 -19.12 7.19 1.03
C LYS A 53 -18.96 7.34 -0.48
N SER A 54 -17.91 8.02 -0.95
CA SER A 54 -17.65 8.25 -2.37
C SER A 54 -16.31 7.71 -2.86
N GLU A 55 -15.47 7.26 -1.94
CA GLU A 55 -14.13 6.72 -2.20
C GLU A 55 -13.24 7.76 -2.88
N LYS A 56 -13.33 9.01 -2.42
CA LYS A 56 -12.56 10.15 -2.93
C LYS A 56 -11.78 10.78 -1.78
N LEU A 57 -10.71 11.49 -2.11
CA LEU A 57 -9.84 12.13 -1.14
C LEU A 57 -10.53 13.32 -0.45
N LEU A 58 -10.20 13.54 0.82
CA LEU A 58 -10.74 14.60 1.66
C LEU A 58 -9.60 15.31 2.39
N SER A 59 -9.86 16.55 2.82
CA SER A 59 -8.91 17.36 3.55
C SER A 59 -9.00 17.08 5.07
N SER A 60 -10.12 16.53 5.55
CA SER A 60 -10.38 16.23 6.96
C SER A 60 -11.03 14.85 7.11
N SER A 61 -10.72 14.17 8.22
CA SER A 61 -11.17 12.84 8.59
C SER A 61 -12.47 12.87 9.37
N ASN A 62 -13.60 12.63 8.69
CA ASN A 62 -14.92 12.61 9.33
C ASN A 62 -15.33 11.17 9.66
N LYS A 63 -16.44 11.01 10.39
CA LYS A 63 -17.03 9.76 10.86
C LYS A 63 -17.34 8.68 9.80
N ASN A 64 -17.47 9.06 8.53
CA ASN A 64 -17.74 8.20 7.38
C ASN A 64 -16.48 8.02 6.53
N SER A 65 -15.34 8.61 6.92
CA SER A 65 -14.08 8.59 6.23
C SER A 65 -13.03 7.84 7.05
N VAL A 66 -11.96 7.42 6.38
CA VAL A 66 -10.85 6.69 6.96
C VAL A 66 -9.53 7.22 6.39
N THR A 67 -8.64 7.60 7.31
CA THR A 67 -7.31 8.08 7.01
C THR A 67 -6.51 6.82 6.66
N LEU A 68 -5.60 6.88 5.70
CA LEU A 68 -4.77 5.75 5.30
C LEU A 68 -3.33 6.26 5.29
N VAL A 69 -2.40 5.40 5.66
CA VAL A 69 -0.98 5.73 5.70
C VAL A 69 -0.33 4.75 4.73
N LEU A 70 0.05 5.21 3.54
CA LEU A 70 0.67 4.38 2.50
C LEU A 70 2.16 4.58 2.64
N ASN A 71 2.82 3.71 3.41
CA ASN A 71 4.25 3.84 3.65
C ASN A 71 4.84 2.58 4.26
N ASN A 72 6.03 2.71 4.85
CA ASN A 72 6.77 1.67 5.56
C ASN A 72 6.75 0.35 4.78
N ILE A 73 7.42 0.32 3.62
CA ILE A 73 7.48 -0.84 2.72
C ILE A 73 8.44 -1.89 3.29
N TYR A 74 8.11 -3.19 3.13
CA TYR A 74 8.94 -4.30 3.62
C TYR A 74 8.95 -5.48 2.65
N GLU A 75 9.96 -6.33 2.75
CA GLU A 75 10.15 -7.50 1.91
C GLU A 75 9.76 -8.76 2.67
N ALA A 76 9.58 -9.88 1.97
CA ALA A 76 9.17 -11.14 2.56
C ALA A 76 10.12 -12.29 2.21
N SER A 77 9.92 -13.43 2.88
CA SER A 77 10.68 -14.66 2.70
C SER A 77 10.56 -15.14 1.24
N ASP A 78 9.36 -15.04 0.67
CA ASP A 78 9.00 -15.43 -0.68
C ASP A 78 9.34 -14.29 -1.66
N LYS A 79 10.12 -13.28 -1.23
CA LYS A 79 10.52 -12.09 -1.99
C LYS A 79 9.29 -11.24 -2.35
N SER A 80 8.13 -11.54 -1.74
CA SER A 80 6.93 -10.79 -1.96
C SER A 80 7.19 -9.40 -1.39
N LEU A 81 6.55 -8.38 -1.96
CA LEU A 81 6.72 -7.01 -1.51
C LEU A 81 5.40 -6.58 -0.88
N CYS A 82 5.47 -5.83 0.22
CA CYS A 82 4.29 -5.34 0.93
C CYS A 82 4.46 -3.88 1.37
N MET A 83 3.40 -3.29 1.95
CA MET A 83 3.33 -1.92 2.43
C MET A 83 2.68 -1.91 3.81
N GLY A 84 3.12 -1.07 4.73
CA GLY A 84 2.58 -0.95 6.09
C GLY A 84 1.49 0.12 6.07
N ILE A 85 0.31 -0.26 6.56
CA ILE A 85 -0.88 0.55 6.67
C ILE A 85 -1.54 0.13 7.99
N ASN A 86 -1.73 1.06 8.92
CA ASN A 86 -2.35 0.84 10.22
C ASN A 86 -1.80 -0.37 10.97
N ASP A 87 -0.49 -0.39 11.16
CA ASP A 87 0.25 -1.43 11.87
C ASP A 87 0.30 -2.78 11.18
N ARG A 88 -0.35 -2.95 10.02
CA ARG A 88 -0.41 -4.20 9.27
C ARG A 88 0.33 -4.05 7.97
N TYR A 89 0.78 -5.15 7.39
CA TYR A 89 1.53 -5.16 6.14
C TYR A 89 0.72 -5.88 5.07
N TYR A 90 0.35 -5.16 4.02
CA TYR A 90 -0.44 -5.64 2.90
C TYR A 90 0.38 -5.77 1.62
N LYS A 91 0.24 -6.90 0.92
CA LYS A 91 0.97 -7.18 -0.32
C LYS A 91 0.60 -6.18 -1.40
N ILE A 92 1.58 -5.84 -2.22
CA ILE A 92 1.44 -4.94 -3.34
C ILE A 92 1.58 -5.78 -4.60
N LEU A 93 0.67 -5.61 -5.57
CA LEU A 93 0.66 -6.37 -6.82
C LEU A 93 0.65 -5.38 -7.99
N PRO A 94 1.11 -5.78 -9.18
CA PRO A 94 1.13 -4.90 -10.34
C PRO A 94 -0.26 -4.66 -10.89
N GLU A 95 -0.43 -3.61 -11.68
CA GLU A 95 -1.72 -3.33 -12.30
C GLU A 95 -2.07 -4.47 -13.26
N SER A 96 -1.06 -5.22 -13.70
CA SER A 96 -1.19 -6.35 -14.60
C SER A 96 -1.83 -7.57 -13.92
N ASP A 97 -2.09 -7.53 -12.61
CA ASP A 97 -2.70 -8.65 -11.88
C ASP A 97 -4.22 -8.42 -11.68
N LYS A 98 -4.78 -7.27 -12.09
CA LYS A 98 -6.21 -6.97 -12.00
C LYS A 98 -7.07 -8.05 -12.65
N GLY A 99 -8.32 -8.13 -12.21
CA GLY A 99 -9.33 -9.07 -12.67
C GLY A 99 -9.57 -10.09 -11.56
N ALA A 100 -8.50 -10.56 -10.92
CA ALA A 100 -8.59 -11.50 -9.82
C ALA A 100 -8.58 -10.70 -8.51
N VAL A 101 -7.71 -9.68 -8.43
CA VAL A 101 -7.53 -8.80 -7.28
C VAL A 101 -7.86 -7.35 -7.65
N LYS A 102 -8.14 -6.54 -6.62
CA LYS A 102 -8.45 -5.12 -6.63
C LYS A 102 -7.81 -4.51 -5.39
N ALA A 103 -7.85 -3.18 -5.29
CA ALA A 103 -7.31 -2.42 -4.19
C ALA A 103 -7.98 -2.84 -2.88
N LEU A 104 -7.34 -2.44 -1.78
CA LEU A 104 -7.86 -2.76 -0.46
C LEU A 104 -9.18 -2.08 -0.09
N ARG A 105 -9.73 -2.48 1.05
CA ARG A 105 -11.00 -1.99 1.60
C ARG A 105 -10.72 -1.29 2.91
N LEU A 106 -11.20 -0.06 3.04
CA LEU A 106 -11.03 0.75 4.24
C LEU A 106 -11.75 0.13 5.44
N GLN A 107 -12.74 -0.75 5.20
CA GLN A 107 -13.52 -1.45 6.21
C GLN A 107 -12.62 -2.21 7.20
N ASN A 108 -11.40 -2.58 6.78
CA ASN A 108 -10.47 -3.32 7.61
C ASN A 108 -9.97 -2.44 8.76
N PHE A 109 -10.14 -1.13 8.68
CA PHE A 109 -9.72 -0.15 9.66
C PHE A 109 -10.93 0.53 10.28
N TYR A 1 16.33 -12.51 -9.45
CA TYR A 1 16.54 -12.69 -8.00
C TYR A 1 17.22 -11.49 -7.32
N GLN A 2 17.29 -10.32 -7.96
CA GLN A 2 17.89 -9.09 -7.42
C GLN A 2 16.91 -7.94 -7.71
N THR A 3 17.23 -6.72 -7.29
CA THR A 3 16.37 -5.58 -7.51
C THR A 3 17.23 -4.30 -7.50
N SER A 4 16.67 -3.21 -8.03
CA SER A 4 17.29 -1.90 -8.15
C SER A 4 16.53 -0.99 -7.18
N HIS A 5 17.00 -0.91 -5.94
CA HIS A 5 16.41 -0.10 -4.87
C HIS A 5 16.36 1.36 -5.32
N LYS A 6 15.17 1.98 -5.35
CA LYS A 6 14.95 3.36 -5.78
C LYS A 6 13.94 4.05 -4.86
N LYS A 7 13.82 5.37 -4.97
CA LYS A 7 12.87 6.16 -4.19
C LYS A 7 11.47 5.71 -4.60
N VAL A 8 10.59 5.46 -3.63
CA VAL A 8 9.23 5.07 -3.92
C VAL A 8 8.52 6.27 -4.51
N ARG A 9 7.74 6.07 -5.56
CA ARG A 9 7.00 7.15 -6.20
C ARG A 9 5.52 6.97 -5.89
N PHE A 10 4.99 7.68 -4.89
CA PHE A 10 3.57 7.59 -4.58
C PHE A 10 2.90 8.53 -5.57
N ASP A 11 1.67 8.23 -5.98
CA ASP A 11 0.96 9.07 -6.95
C ASP A 11 0.57 10.42 -6.39
N GLU A 12 0.23 10.47 -5.09
CA GLU A 12 -0.16 11.62 -4.28
C GLU A 12 -1.62 12.04 -4.46
N GLY A 13 -2.28 12.22 -3.32
CA GLY A 13 -3.68 12.61 -3.19
C GLY A 13 -4.59 11.67 -3.98
N SER A 14 -4.21 10.40 -4.04
CA SER A 14 -4.94 9.35 -4.73
C SER A 14 -4.99 8.07 -3.89
N TYR A 15 -5.67 7.04 -4.40
CA TYR A 15 -5.88 5.74 -3.77
C TYR A 15 -4.57 4.94 -3.80
N THR A 16 -4.57 3.65 -3.47
CA THR A 16 -3.29 2.96 -3.44
C THR A 16 -2.89 2.60 -4.87
N ASN A 17 -1.75 3.17 -5.21
CA ASN A 17 -0.99 3.11 -6.44
C ASN A 17 0.37 3.71 -6.09
N PHE A 18 1.44 3.28 -6.75
CA PHE A 18 2.79 3.77 -6.56
C PHE A 18 3.64 3.12 -7.66
N ILE A 19 4.91 3.46 -7.76
CA ILE A 19 5.79 2.88 -8.76
C ILE A 19 7.09 2.50 -8.08
N TYR A 20 7.54 1.27 -8.31
CA TYR A 20 8.79 0.75 -7.79
C TYR A 20 9.50 0.13 -8.99
N ASP A 21 10.81 0.32 -9.13
CA ASP A 21 11.65 -0.20 -10.21
C ASP A 21 11.07 0.01 -11.61
N ASN A 22 10.54 1.21 -11.82
CA ASN A 22 9.94 1.64 -13.09
C ASN A 22 8.73 0.79 -13.51
N LYS A 23 8.09 0.11 -12.55
CA LYS A 23 6.92 -0.75 -12.74
C LYS A 23 5.84 -0.20 -11.84
N SER A 24 4.65 0.04 -12.37
CA SER A 24 3.54 0.55 -11.58
C SER A 24 3.02 -0.62 -10.73
N TYR A 25 2.84 -0.34 -9.46
CA TYR A 25 2.39 -1.24 -8.42
C TYR A 25 1.24 -0.61 -7.63
N PHE A 26 0.54 -1.41 -6.83
CA PHE A 26 -0.56 -0.97 -6.00
C PHE A 26 -0.60 -1.84 -4.74
N VAL A 27 -1.36 -1.42 -3.73
CA VAL A 27 -1.46 -2.16 -2.48
C VAL A 27 -2.76 -2.97 -2.50
N THR A 28 -2.64 -4.27 -2.25
CA THR A 28 -3.76 -5.19 -2.23
C THR A 28 -4.32 -5.35 -0.81
N ASP A 29 -5.45 -6.01 -0.67
CA ASP A 29 -6.12 -6.30 0.60
C ASP A 29 -5.44 -7.47 1.35
N LYS A 30 -4.59 -8.26 0.67
CA LYS A 30 -3.86 -9.39 1.24
C LYS A 30 -2.83 -8.91 2.25
N GLU A 31 -2.92 -9.38 3.49
CA GLU A 31 -2.04 -9.03 4.59
C GLU A 31 -1.16 -10.21 4.97
N ILE A 32 0.08 -9.93 5.39
CA ILE A 32 1.07 -10.94 5.78
C ILE A 32 1.38 -10.75 7.28
N PRO A 33 1.57 -11.85 8.03
CA PRO A 33 1.89 -11.79 9.46
C PRO A 33 3.33 -11.34 9.66
N GLN A 34 3.62 -10.70 10.79
CA GLN A 34 4.97 -10.19 11.09
C GLN A 34 6.04 -11.28 11.01
N GLU A 35 5.71 -12.52 11.36
CA GLU A 35 6.65 -13.65 11.31
C GLU A 35 7.12 -13.97 9.89
N ASN A 36 6.36 -13.56 8.87
CA ASN A 36 6.72 -13.81 7.47
C ASN A 36 7.55 -12.64 6.91
N VAL A 37 7.57 -11.49 7.58
CA VAL A 37 8.34 -10.32 7.15
C VAL A 37 9.82 -10.60 7.35
N ASN A 38 10.61 -10.48 6.28
CA ASN A 38 12.05 -10.71 6.29
C ASN A 38 12.72 -9.51 6.96
N ASN A 39 12.61 -8.30 6.39
CA ASN A 39 13.20 -7.10 6.98
C ASN A 39 12.57 -5.84 6.37
N SER A 40 12.92 -4.67 6.92
CA SER A 40 12.46 -3.35 6.51
C SER A 40 12.96 -3.04 5.09
N LYS A 41 12.12 -2.50 4.21
CA LYS A 41 12.54 -2.21 2.84
C LYS A 41 12.67 -0.73 2.59
N VAL A 42 11.68 0.10 2.93
CA VAL A 42 11.78 1.53 2.66
C VAL A 42 11.14 2.37 3.76
N LYS A 43 11.93 3.25 4.38
CA LYS A 43 11.45 4.16 5.42
C LYS A 43 10.85 5.35 4.68
N PHE A 44 9.54 5.51 4.82
CA PHE A 44 8.69 6.54 4.21
C PHE A 44 7.51 6.84 5.13
N TYR A 45 6.87 8.01 5.00
CA TYR A 45 5.71 8.40 5.81
C TYR A 45 4.72 9.19 4.93
N LYS A 46 3.47 8.74 4.75
CA LYS A 46 2.43 9.43 3.98
C LYS A 46 1.09 9.09 4.64
N LEU A 47 0.20 10.06 4.82
CA LEU A 47 -1.13 9.92 5.39
C LEU A 47 -2.14 10.67 4.52
N LEU A 48 -3.36 10.15 4.38
CA LEU A 48 -4.44 10.77 3.61
C LEU A 48 -5.80 10.25 4.14
N ILE A 49 -6.90 10.87 3.70
CA ILE A 49 -8.27 10.56 4.09
C ILE A 49 -9.08 10.32 2.81
N VAL A 50 -9.90 9.26 2.81
CA VAL A 50 -10.73 8.84 1.69
C VAL A 50 -12.15 8.51 2.18
N ASP A 51 -13.14 9.00 1.46
CA ASP A 51 -14.56 8.84 1.67
C ASP A 51 -15.03 7.43 1.35
N MET A 52 -15.55 6.68 2.33
CA MET A 52 -16.05 5.33 2.06
C MET A 52 -17.30 5.34 1.19
N LYS A 53 -18.03 6.47 1.08
CA LYS A 53 -19.25 6.50 0.27
C LYS A 53 -18.93 6.32 -1.21
N SER A 54 -18.04 7.13 -1.77
CA SER A 54 -17.69 7.06 -3.19
C SER A 54 -16.20 6.85 -3.51
N GLU A 55 -15.34 6.55 -2.53
CA GLU A 55 -13.90 6.30 -2.68
C GLU A 55 -13.15 7.49 -3.29
N LYS A 56 -13.42 8.68 -2.77
CA LYS A 56 -12.80 9.94 -3.20
C LYS A 56 -12.00 10.52 -2.05
N LEU A 57 -10.88 11.22 -2.31
CA LEU A 57 -10.10 11.81 -1.23
C LEU A 57 -10.92 12.96 -0.64
N LEU A 58 -10.64 13.30 0.63
CA LEU A 58 -11.30 14.37 1.36
C LEU A 58 -10.27 15.20 2.11
N SER A 59 -10.66 16.44 2.43
CA SER A 59 -9.83 17.38 3.15
C SER A 59 -9.95 17.30 4.69
N SER A 60 -10.94 16.57 5.26
CA SER A 60 -11.07 16.50 6.72
C SER A 60 -11.63 15.16 7.16
N SER A 61 -11.21 14.74 8.36
CA SER A 61 -11.61 13.50 8.99
C SER A 61 -13.08 13.60 9.42
N ASN A 62 -13.92 12.75 8.84
CA ASN A 62 -15.35 12.67 9.10
C ASN A 62 -15.78 11.21 9.20
N LYS A 63 -16.89 10.95 9.90
CA LYS A 63 -17.45 9.60 10.13
C LYS A 63 -17.71 8.78 8.87
N ASN A 64 -18.04 9.41 7.73
CA ASN A 64 -18.30 8.67 6.50
C ASN A 64 -17.00 8.28 5.79
N SER A 65 -15.84 8.57 6.38
CA SER A 65 -14.53 8.32 5.83
C SER A 65 -13.67 7.48 6.79
N VAL A 66 -12.47 7.15 6.33
CA VAL A 66 -11.43 6.37 7.01
C VAL A 66 -10.09 7.03 6.61
N THR A 67 -9.09 6.96 7.49
CA THR A 67 -7.76 7.51 7.26
C THR A 67 -6.85 6.32 6.92
N LEU A 68 -5.92 6.50 5.96
CA LEU A 68 -4.98 5.44 5.56
C LEU A 68 -3.58 6.01 5.69
N VAL A 69 -2.61 5.17 6.08
CA VAL A 69 -1.23 5.57 6.24
C VAL A 69 -0.47 4.74 5.20
N LEU A 70 -0.07 5.31 4.06
CA LEU A 70 0.65 4.55 3.02
C LEU A 70 2.13 4.72 3.29
N ASN A 71 2.73 3.78 4.02
CA ASN A 71 4.15 3.91 4.34
C ASN A 71 4.80 2.62 4.83
N ASN A 72 6.06 2.74 5.26
CA ASN A 72 6.88 1.68 5.84
C ASN A 72 6.85 0.37 5.07
N ILE A 73 7.45 0.38 3.88
CA ILE A 73 7.52 -0.80 3.02
C ILE A 73 8.48 -1.81 3.66
N TYR A 74 8.18 -3.11 3.54
CA TYR A 74 8.96 -4.24 4.05
C TYR A 74 8.99 -5.33 2.97
N GLU A 75 9.85 -6.33 3.21
CA GLU A 75 10.03 -7.49 2.35
C GLU A 75 9.64 -8.71 3.16
N ALA A 76 9.22 -9.77 2.48
CA ALA A 76 8.81 -11.03 3.09
C ALA A 76 9.82 -12.11 2.77
N SER A 77 9.79 -13.19 3.55
CA SER A 77 10.68 -14.32 3.38
C SER A 77 10.42 -15.06 2.05
N ASP A 78 9.30 -14.78 1.37
CA ASP A 78 8.93 -15.38 0.08
C ASP A 78 9.43 -14.47 -1.06
N LYS A 79 10.13 -13.40 -0.72
CA LYS A 79 10.71 -12.37 -1.57
C LYS A 79 9.66 -11.34 -2.03
N SER A 80 8.39 -11.47 -1.67
CA SER A 80 7.39 -10.49 -2.09
C SER A 80 7.55 -9.26 -1.19
N LEU A 81 7.00 -8.12 -1.64
CA LEU A 81 7.08 -6.85 -0.94
C LEU A 81 5.73 -6.50 -0.34
N CYS A 82 5.68 -5.63 0.67
CA CYS A 82 4.42 -5.21 1.30
C CYS A 82 4.57 -3.76 1.82
N MET A 83 3.49 -3.17 2.30
CA MET A 83 3.43 -1.80 2.82
C MET A 83 2.61 -1.81 4.11
N GLY A 84 3.07 -1.12 5.14
CA GLY A 84 2.42 -1.03 6.44
C GLY A 84 1.34 0.05 6.37
N ILE A 85 0.07 -0.35 6.41
CA ILE A 85 -1.09 0.52 6.36
C ILE A 85 -1.91 0.24 7.61
N ASN A 86 -2.16 1.29 8.41
CA ASN A 86 -2.92 1.21 9.66
C ASN A 86 -2.34 0.10 10.55
N ASP A 87 -1.01 -0.01 10.51
CA ASP A 87 -0.14 -0.93 11.23
C ASP A 87 -0.25 -2.39 10.77
N ARG A 88 -0.83 -2.66 9.59
CA ARG A 88 -0.98 -4.00 9.02
C ARG A 88 -0.19 -4.04 7.72
N TYR A 89 0.63 -5.08 7.51
CA TYR A 89 1.44 -5.18 6.30
C TYR A 89 0.63 -5.84 5.18
N TYR A 90 0.38 -5.09 4.12
CA TYR A 90 -0.37 -5.53 2.96
C TYR A 90 0.53 -5.69 1.74
N LYS A 91 0.45 -6.85 1.09
CA LYS A 91 1.25 -7.17 -0.09
C LYS A 91 0.95 -6.21 -1.23
N ILE A 92 1.96 -5.87 -2.01
CA ILE A 92 1.84 -4.96 -3.14
C ILE A 92 2.06 -5.77 -4.42
N LEU A 93 1.19 -5.60 -5.41
CA LEU A 93 1.25 -6.32 -6.69
C LEU A 93 1.36 -5.30 -7.82
N PRO A 94 1.89 -5.69 -8.99
CA PRO A 94 2.03 -4.78 -10.11
C PRO A 94 0.65 -4.59 -10.74
N GLU A 95 0.43 -3.48 -11.46
CA GLU A 95 -0.86 -3.26 -12.10
C GLU A 95 -1.12 -4.30 -13.21
N SER A 96 -0.09 -5.08 -13.58
CA SER A 96 -0.22 -6.13 -14.58
C SER A 96 -1.07 -7.28 -14.03
N ASP A 97 -1.18 -7.39 -12.70
CA ASP A 97 -1.96 -8.42 -12.02
C ASP A 97 -3.45 -8.06 -11.94
N LYS A 98 -3.81 -6.83 -12.35
CA LYS A 98 -5.19 -6.37 -12.34
C LYS A 98 -6.03 -7.33 -13.15
N GLY A 99 -7.29 -7.46 -12.76
CA GLY A 99 -8.25 -8.36 -13.39
C GLY A 99 -8.52 -9.53 -12.45
N ALA A 100 -7.52 -9.94 -11.66
CA ALA A 100 -7.60 -11.03 -10.68
C ALA A 100 -7.40 -10.53 -9.25
N VAL A 101 -7.02 -9.27 -9.07
CA VAL A 101 -6.81 -8.61 -7.80
C VAL A 101 -7.12 -7.13 -8.02
N LYS A 102 -7.58 -6.46 -6.96
CA LYS A 102 -7.90 -5.04 -6.93
C LYS A 102 -7.25 -4.43 -5.70
N ALA A 103 -7.27 -3.11 -5.64
CA ALA A 103 -6.71 -2.38 -4.54
C ALA A 103 -7.47 -2.73 -3.27
N LEU A 104 -6.88 -2.43 -2.12
CA LEU A 104 -7.50 -2.74 -0.85
C LEU A 104 -8.79 -1.96 -0.55
N ARG A 105 -9.49 -2.43 0.49
CA ARG A 105 -10.74 -1.91 0.98
C ARG A 105 -10.57 -1.24 2.33
N LEU A 106 -11.18 -0.07 2.49
CA LEU A 106 -11.13 0.67 3.74
C LEU A 106 -11.91 -0.08 4.82
N GLN A 107 -12.74 -1.04 4.40
CA GLN A 107 -13.57 -1.89 5.25
C GLN A 107 -12.71 -2.69 6.25
N ASN A 108 -11.43 -2.90 5.94
CA ASN A 108 -10.52 -3.64 6.80
C ASN A 108 -10.11 -2.81 8.03
N PHE A 109 -10.51 -1.54 8.13
CA PHE A 109 -10.17 -0.62 9.20
C PHE A 109 -11.42 -0.05 9.87
N TYR A 1 18.20 -11.29 -1.60
CA TYR A 1 18.80 -9.96 -1.40
C TYR A 1 18.99 -9.24 -2.74
N GLN A 2 18.32 -8.10 -2.95
CA GLN A 2 18.42 -7.30 -4.18
C GLN A 2 19.19 -6.03 -3.82
N THR A 3 20.19 -5.69 -4.61
CA THR A 3 21.06 -4.53 -4.45
C THR A 3 20.37 -3.20 -4.79
N SER A 4 19.81 -3.11 -6.00
CA SER A 4 19.16 -1.95 -6.57
C SER A 4 18.07 -1.34 -5.67
N HIS A 5 18.21 -0.06 -5.37
CA HIS A 5 17.31 0.74 -4.54
C HIS A 5 17.09 2.09 -5.24
N LYS A 6 15.82 2.49 -5.39
CA LYS A 6 15.36 3.73 -6.03
C LYS A 6 14.09 4.19 -5.34
N LYS A 7 13.74 5.49 -5.39
CA LYS A 7 12.52 6.00 -4.74
C LYS A 7 11.29 5.32 -5.33
N VAL A 8 10.16 5.44 -4.64
CA VAL A 8 8.88 4.89 -5.01
C VAL A 8 8.02 6.09 -5.37
N ARG A 9 7.36 6.06 -6.52
CA ARG A 9 6.52 7.20 -6.92
C ARG A 9 5.14 6.94 -6.36
N PHE A 10 4.69 7.80 -5.47
CA PHE A 10 3.36 7.69 -4.89
C PHE A 10 2.41 8.39 -5.86
N ASP A 11 1.17 7.94 -5.82
CA ASP A 11 0.03 8.39 -6.59
C ASP A 11 -0.31 9.85 -6.40
N GLU A 12 -0.10 10.30 -5.17
CA GLU A 12 -0.33 11.63 -4.67
C GLU A 12 -1.78 12.08 -4.78
N GLY A 13 -2.46 12.05 -3.64
CA GLY A 13 -3.85 12.44 -3.50
C GLY A 13 -4.82 11.45 -4.17
N SER A 14 -4.47 10.17 -4.19
CA SER A 14 -5.26 9.07 -4.75
C SER A 14 -5.30 7.83 -3.82
N TYR A 15 -6.01 6.78 -4.26
CA TYR A 15 -6.22 5.50 -3.60
C TYR A 15 -4.90 4.72 -3.67
N THR A 16 -4.88 3.42 -3.34
CA THR A 16 -3.59 2.76 -3.33
C THR A 16 -3.20 2.44 -4.77
N ASN A 17 -2.07 3.02 -5.14
CA ASN A 17 -1.40 2.98 -6.41
C ASN A 17 0.01 3.56 -6.22
N PHE A 18 1.02 3.07 -6.94
CA PHE A 18 2.39 3.56 -6.87
C PHE A 18 3.22 2.93 -8.00
N ILE A 19 4.50 3.31 -8.12
CA ILE A 19 5.40 2.77 -9.14
C ILE A 19 6.75 2.46 -8.48
N TYR A 20 7.21 1.23 -8.65
CA TYR A 20 8.49 0.74 -8.16
C TYR A 20 9.15 0.07 -9.35
N ASP A 21 10.44 0.35 -9.56
CA ASP A 21 11.23 -0.20 -10.66
C ASP A 21 10.57 0.00 -12.03
N ASN A 22 9.95 1.18 -12.21
CA ASN A 22 9.22 1.63 -13.42
C ASN A 22 8.01 0.75 -13.75
N LYS A 23 7.54 -0.06 -12.80
CA LYS A 23 6.40 -0.95 -12.97
C LYS A 23 5.26 -0.45 -12.10
N SER A 24 4.06 -0.47 -12.67
CA SER A 24 2.83 -0.04 -12.05
C SER A 24 2.46 -1.09 -11.00
N TYR A 25 2.32 -0.67 -9.74
CA TYR A 25 1.98 -1.52 -8.61
C TYR A 25 0.90 -0.84 -7.76
N PHE A 26 0.22 -1.61 -6.92
CA PHE A 26 -0.82 -1.13 -6.02
C PHE A 26 -0.83 -2.01 -4.77
N VAL A 27 -1.59 -1.62 -3.75
CA VAL A 27 -1.68 -2.36 -2.49
C VAL A 27 -2.96 -3.20 -2.48
N THR A 28 -2.81 -4.51 -2.26
CA THR A 28 -3.90 -5.47 -2.23
C THR A 28 -4.36 -5.73 -0.79
N ASP A 29 -5.48 -6.44 -0.64
CA ASP A 29 -6.09 -6.82 0.64
C ASP A 29 -5.38 -8.00 1.31
N LYS A 30 -4.46 -8.63 0.60
CA LYS A 30 -3.69 -9.79 1.05
C LYS A 30 -2.72 -9.33 2.12
N GLU A 31 -3.07 -9.48 3.40
CA GLU A 31 -2.24 -9.07 4.52
C GLU A 31 -1.31 -10.22 4.91
N ILE A 32 -0.08 -9.92 5.35
CA ILE A 32 0.97 -10.85 5.73
C ILE A 32 1.42 -10.68 7.21
N PRO A 33 1.72 -11.78 7.93
CA PRO A 33 2.19 -11.75 9.32
C PRO A 33 3.65 -11.30 9.36
N GLN A 34 4.05 -10.58 10.42
CA GLN A 34 5.40 -10.07 10.61
C GLN A 34 6.50 -11.14 10.52
N GLU A 35 6.20 -12.37 10.91
CA GLU A 35 7.14 -13.49 10.85
C GLU A 35 7.50 -13.85 9.40
N ASN A 36 6.58 -13.60 8.46
CA ASN A 36 6.81 -13.88 7.05
C ASN A 36 7.55 -12.71 6.42
N VAL A 37 7.58 -11.55 7.09
CA VAL A 37 8.26 -10.37 6.62
C VAL A 37 9.75 -10.61 6.88
N ASN A 38 10.49 -10.72 5.78
CA ASN A 38 11.91 -10.93 5.77
C ASN A 38 12.63 -9.71 6.31
N ASN A 39 12.49 -8.54 5.68
CA ASN A 39 13.15 -7.31 6.13
C ASN A 39 12.48 -6.09 5.51
N SER A 40 12.83 -4.89 5.98
CA SER A 40 12.28 -3.65 5.45
C SER A 40 12.88 -3.40 4.06
N LYS A 41 12.13 -2.70 3.20
CA LYS A 41 12.55 -2.39 1.85
C LYS A 41 12.64 -0.89 1.65
N VAL A 42 11.70 -0.12 2.22
CA VAL A 42 11.74 1.34 2.07
C VAL A 42 11.18 2.04 3.31
N LYS A 43 11.81 3.16 3.69
CA LYS A 43 11.44 4.00 4.83
C LYS A 43 10.98 5.35 4.27
N PHE A 44 9.68 5.49 4.07
CA PHE A 44 8.97 6.67 3.57
C PHE A 44 7.68 6.74 4.39
N TYR A 45 7.09 7.92 4.50
CA TYR A 45 5.87 8.22 5.24
C TYR A 45 4.91 9.01 4.34
N LYS A 46 3.67 8.55 4.17
CA LYS A 46 2.63 9.21 3.37
C LYS A 46 1.30 8.92 4.04
N LEU A 47 0.47 9.94 4.28
CA LEU A 47 -0.86 9.84 4.87
C LEU A 47 -1.81 10.70 4.06
N LEU A 48 -3.06 10.26 3.91
CA LEU A 48 -4.13 10.96 3.20
C LEU A 48 -5.47 10.45 3.76
N ILE A 49 -6.60 11.05 3.43
CA ILE A 49 -7.92 10.65 3.92
C ILE A 49 -8.86 10.48 2.72
N VAL A 50 -9.62 9.38 2.70
CA VAL A 50 -10.55 9.02 1.63
C VAL A 50 -11.96 8.81 2.18
N ASP A 51 -12.94 9.39 1.50
CA ASP A 51 -14.37 9.34 1.81
C ASP A 51 -14.87 7.94 1.50
N MET A 52 -15.38 7.20 2.48
CA MET A 52 -15.89 5.86 2.20
C MET A 52 -17.16 5.88 1.34
N LYS A 53 -17.88 7.00 1.21
CA LYS A 53 -19.09 7.05 0.40
C LYS A 53 -18.80 7.19 -1.08
N SER A 54 -18.01 8.19 -1.44
CA SER A 54 -17.67 8.45 -2.83
C SER A 54 -16.33 7.88 -3.26
N GLU A 55 -15.51 7.34 -2.35
CA GLU A 55 -14.19 6.77 -2.59
C GLU A 55 -13.19 7.87 -3.04
N LYS A 56 -13.53 9.16 -2.84
CA LYS A 56 -12.72 10.32 -3.22
C LYS A 56 -11.97 10.88 -2.03
N LEU A 57 -10.85 11.56 -2.28
CA LEU A 57 -10.08 12.18 -1.22
C LEU A 57 -10.84 13.41 -0.74
N LEU A 58 -10.54 13.82 0.50
CA LEU A 58 -11.17 14.96 1.17
C LEU A 58 -10.14 15.95 1.70
N SER A 59 -10.63 16.96 2.42
CA SER A 59 -9.86 18.04 3.03
C SER A 59 -9.68 17.89 4.55
N SER A 60 -10.45 17.01 5.19
CA SER A 60 -10.39 16.74 6.62
C SER A 60 -10.77 15.28 6.86
N SER A 61 -10.92 14.89 8.13
CA SER A 61 -11.28 13.55 8.56
C SER A 61 -12.66 13.66 9.19
N ASN A 62 -13.67 13.18 8.49
CA ASN A 62 -15.06 13.19 8.90
C ASN A 62 -15.50 11.77 9.23
N LYS A 63 -16.62 11.64 9.92
CA LYS A 63 -17.22 10.37 10.37
C LYS A 63 -17.58 9.41 9.24
N ASN A 64 -17.57 9.84 7.98
CA ASN A 64 -17.91 8.99 6.84
C ASN A 64 -16.64 8.74 6.00
N SER A 65 -15.46 9.04 6.55
CA SER A 65 -14.18 8.89 5.91
C SER A 65 -13.21 8.16 6.84
N VAL A 66 -12.08 7.73 6.29
CA VAL A 66 -11.03 7.00 6.98
C VAL A 66 -9.65 7.49 6.48
N THR A 67 -8.74 7.72 7.42
CA THR A 67 -7.38 8.16 7.13
C THR A 67 -6.60 6.90 6.71
N LEU A 68 -5.69 6.99 5.75
CA LEU A 68 -4.90 5.86 5.27
C LEU A 68 -3.47 6.32 5.22
N VAL A 69 -2.56 5.51 5.75
CA VAL A 69 -1.15 5.80 5.77
C VAL A 69 -0.56 4.73 4.85
N LEU A 70 -0.21 5.11 3.62
CA LEU A 70 0.34 4.20 2.61
C LEU A 70 1.84 4.35 2.64
N ASN A 71 2.51 3.53 3.44
CA ASN A 71 3.96 3.65 3.61
C ASN A 71 4.59 2.41 4.25
N ASN A 72 5.83 2.51 4.75
CA ASN A 72 6.51 1.41 5.44
C ASN A 72 6.53 0.13 4.58
N ILE A 73 7.29 0.17 3.49
CA ILE A 73 7.40 -0.97 2.57
C ILE A 73 8.41 -1.99 3.11
N TYR A 74 8.04 -3.27 3.09
CA TYR A 74 8.83 -4.42 3.54
C TYR A 74 8.78 -5.54 2.50
N GLU A 75 9.62 -6.54 2.69
CA GLU A 75 9.77 -7.72 1.86
C GLU A 75 9.43 -8.97 2.66
N ALA A 76 8.94 -9.98 1.98
CA ALA A 76 8.54 -11.28 2.51
C ALA A 76 9.59 -12.34 2.15
N SER A 77 9.48 -13.51 2.77
CA SER A 77 10.37 -14.64 2.55
C SER A 77 10.51 -15.04 1.07
N ASP A 78 9.41 -14.97 0.32
CA ASP A 78 9.31 -15.35 -1.10
C ASP A 78 9.70 -14.22 -2.04
N LYS A 79 10.30 -13.15 -1.52
CA LYS A 79 10.71 -11.95 -2.27
C LYS A 79 9.50 -11.10 -2.62
N SER A 80 8.27 -11.49 -2.21
CA SER A 80 7.11 -10.67 -2.51
C SER A 80 7.26 -9.44 -1.59
N LEU A 81 6.72 -8.30 -2.00
CA LEU A 81 6.79 -7.06 -1.25
C LEU A 81 5.43 -6.72 -0.67
N CYS A 82 5.42 -5.98 0.44
CA CYS A 82 4.21 -5.55 1.14
C CYS A 82 4.40 -4.10 1.62
N MET A 83 3.32 -3.44 2.07
CA MET A 83 3.29 -2.07 2.54
C MET A 83 2.49 -2.00 3.85
N GLY A 84 2.99 -1.21 4.81
CA GLY A 84 2.44 -0.97 6.12
C GLY A 84 1.35 0.08 6.08
N ILE A 85 0.13 -0.31 6.47
CA ILE A 85 -1.03 0.54 6.50
C ILE A 85 -1.74 0.23 7.80
N ASN A 86 -1.88 1.24 8.68
CA ASN A 86 -2.53 1.08 9.98
C ASN A 86 -1.89 -0.10 10.73
N ASP A 87 -0.56 -0.16 10.68
CA ASP A 87 0.31 -1.15 11.30
C ASP A 87 0.10 -2.58 10.80
N ARG A 88 -0.54 -2.75 9.63
CA ARG A 88 -0.79 -4.04 9.02
C ARG A 88 -0.10 -4.09 7.67
N TYR A 89 0.64 -5.16 7.39
CA TYR A 89 1.36 -5.31 6.13
C TYR A 89 0.48 -5.93 5.07
N TYR A 90 0.21 -5.18 4.00
CA TYR A 90 -0.60 -5.54 2.85
C TYR A 90 0.28 -5.74 1.63
N LYS A 91 0.22 -6.91 1.00
CA LYS A 91 1.00 -7.29 -0.18
C LYS A 91 0.74 -6.36 -1.35
N ILE A 92 1.77 -6.03 -2.13
CA ILE A 92 1.67 -5.17 -3.29
C ILE A 92 1.87 -6.01 -4.55
N LEU A 93 1.01 -5.82 -5.56
CA LEU A 93 1.00 -6.56 -6.83
C LEU A 93 0.96 -5.60 -8.02
N PRO A 94 1.28 -6.07 -9.24
CA PRO A 94 1.24 -5.23 -10.43
C PRO A 94 -0.19 -5.00 -10.90
N GLU A 95 -0.44 -3.88 -11.57
CA GLU A 95 -1.76 -3.54 -12.10
C GLU A 95 -2.24 -4.54 -13.18
N SER A 96 -1.40 -5.49 -13.60
CA SER A 96 -1.76 -6.49 -14.60
C SER A 96 -2.64 -7.58 -13.98
N ASP A 97 -2.70 -7.68 -12.65
CA ASP A 97 -3.49 -8.69 -11.94
C ASP A 97 -5.01 -8.47 -11.96
N LYS A 98 -5.45 -7.35 -12.53
CA LYS A 98 -6.85 -6.92 -12.69
C LYS A 98 -7.72 -8.07 -13.17
N GLY A 99 -8.92 -8.18 -12.61
CA GLY A 99 -9.88 -9.23 -12.95
C GLY A 99 -9.87 -10.32 -11.88
N ALA A 100 -8.74 -10.50 -11.18
CA ALA A 100 -8.58 -11.50 -10.12
C ALA A 100 -8.24 -10.85 -8.78
N VAL A 101 -7.75 -9.61 -8.78
CA VAL A 101 -7.35 -8.87 -7.60
C VAL A 101 -7.80 -7.42 -7.78
N LYS A 102 -7.97 -6.72 -6.67
CA LYS A 102 -8.37 -5.32 -6.56
C LYS A 102 -7.64 -4.73 -5.35
N ALA A 103 -7.67 -3.40 -5.24
CA ALA A 103 -7.04 -2.69 -4.14
C ALA A 103 -7.64 -3.12 -2.80
N LEU A 104 -6.95 -2.84 -1.70
CA LEU A 104 -7.45 -3.21 -0.38
C LEU A 104 -8.68 -2.38 0.02
N ARG A 105 -9.37 -2.77 1.10
CA ARG A 105 -10.57 -2.08 1.58
C ARG A 105 -10.36 -1.38 2.91
N LEU A 106 -10.93 -0.19 3.05
CA LEU A 106 -10.83 0.64 4.26
C LEU A 106 -11.60 0.00 5.42
N GLN A 107 -12.44 -1.00 5.14
CA GLN A 107 -13.25 -1.69 6.15
C GLN A 107 -12.36 -2.38 7.20
N ASN A 108 -11.10 -2.69 6.88
CA ASN A 108 -10.19 -3.36 7.82
C ASN A 108 -9.75 -2.44 8.96
N PHE A 109 -10.08 -1.15 8.89
CA PHE A 109 -9.70 -0.16 9.86
C PHE A 109 -10.91 0.44 10.55
N TYR A 1 22.47 -10.22 -1.27
CA TYR A 1 21.80 -8.94 -1.03
C TYR A 1 20.68 -8.72 -2.03
N GLN A 2 20.98 -8.75 -3.34
CA GLN A 2 20.02 -8.54 -4.42
C GLN A 2 19.20 -7.25 -4.23
N THR A 3 19.80 -6.22 -3.63
CA THR A 3 19.21 -4.93 -3.33
C THR A 3 19.00 -4.09 -4.60
N SER A 4 18.30 -2.96 -4.46
CA SER A 4 18.00 -2.02 -5.53
C SER A 4 17.94 -0.57 -5.02
N HIS A 5 17.54 -0.34 -3.77
CA HIS A 5 17.44 0.99 -3.13
C HIS A 5 16.59 1.99 -3.96
N LYS A 6 15.80 1.49 -4.92
CA LYS A 6 14.95 2.27 -5.81
C LYS A 6 13.90 3.01 -4.99
N LYS A 7 13.72 4.29 -5.32
CA LYS A 7 12.77 5.19 -4.67
C LYS A 7 11.35 4.78 -5.08
N VAL A 8 10.33 5.13 -4.29
CA VAL A 8 8.94 4.80 -4.60
C VAL A 8 8.21 6.11 -4.93
N ARG A 9 7.26 6.05 -5.86
CA ARG A 9 6.46 7.20 -6.27
C ARG A 9 4.99 6.87 -5.99
N PHE A 10 4.45 7.32 -4.85
CA PHE A 10 3.04 7.10 -4.54
C PHE A 10 2.27 8.10 -5.41
N ASP A 11 1.00 7.82 -5.73
CA ASP A 11 0.24 8.74 -6.58
C ASP A 11 0.03 10.12 -5.97
N GLU A 12 -0.09 10.19 -4.64
CA GLU A 12 -0.29 11.39 -3.84
C GLU A 12 -1.73 11.90 -3.99
N GLY A 13 -2.43 12.05 -2.86
CA GLY A 13 -3.81 12.51 -2.80
C GLY A 13 -4.75 11.73 -3.73
N SER A 14 -4.50 10.44 -3.89
CA SER A 14 -5.22 9.47 -4.71
C SER A 14 -5.32 8.13 -3.93
N TYR A 15 -5.94 7.10 -4.52
CA TYR A 15 -6.18 5.77 -3.95
C TYR A 15 -4.87 4.95 -3.89
N THR A 16 -4.92 3.64 -3.63
CA THR A 16 -3.65 2.91 -3.52
C THR A 16 -3.18 2.65 -4.94
N ASN A 17 -2.03 3.21 -5.23
CA ASN A 17 -1.31 3.14 -6.48
C ASN A 17 0.08 3.71 -6.26
N PHE A 18 1.10 3.11 -6.85
CA PHE A 18 2.46 3.60 -6.77
C PHE A 18 3.26 2.99 -7.91
N ILE A 19 4.47 3.48 -8.12
CA ILE A 19 5.32 2.99 -9.19
C ILE A 19 6.68 2.66 -8.58
N TYR A 20 7.13 1.43 -8.82
CA TYR A 20 8.41 0.92 -8.36
C TYR A 20 9.03 0.12 -9.50
N ASP A 21 10.32 0.31 -9.74
CA ASP A 21 11.10 -0.35 -10.79
C ASP A 21 10.48 -0.16 -12.17
N ASN A 22 10.01 1.06 -12.43
CA ASN A 22 9.40 1.49 -13.69
C ASN A 22 8.16 0.67 -14.03
N LYS A 23 7.46 0.14 -13.02
CA LYS A 23 6.27 -0.68 -13.17
C LYS A 23 5.14 -0.19 -12.28
N SER A 24 3.92 -0.26 -12.80
CA SER A 24 2.68 0.11 -12.14
C SER A 24 2.41 -0.91 -11.04
N TYR A 25 2.20 -0.45 -9.82
CA TYR A 25 1.91 -1.30 -8.67
C TYR A 25 0.79 -0.70 -7.82
N PHE A 26 0.14 -1.51 -6.99
CA PHE A 26 -0.94 -1.07 -6.10
C PHE A 26 -0.94 -1.96 -4.85
N VAL A 27 -1.64 -1.54 -3.79
CA VAL A 27 -1.72 -2.31 -2.54
C VAL A 27 -2.97 -3.19 -2.56
N THR A 28 -2.80 -4.48 -2.28
CA THR A 28 -3.85 -5.48 -2.26
C THR A 28 -4.39 -5.72 -0.83
N ASP A 29 -5.53 -6.40 -0.69
CA ASP A 29 -6.16 -6.74 0.58
C ASP A 29 -5.47 -7.92 1.28
N LYS A 30 -4.56 -8.59 0.57
CA LYS A 30 -3.80 -9.73 1.03
C LYS A 30 -2.78 -9.24 2.06
N GLU A 31 -3.09 -9.38 3.34
CA GLU A 31 -2.24 -8.97 4.44
C GLU A 31 -1.34 -10.15 4.82
N ILE A 32 -0.08 -9.90 5.18
CA ILE A 32 0.93 -10.89 5.55
C ILE A 32 1.29 -10.68 7.03
N PRO A 33 1.50 -11.74 7.83
CA PRO A 33 1.85 -11.60 9.24
C PRO A 33 3.29 -11.11 9.36
N GLN A 34 3.60 -10.34 10.41
CA GLN A 34 4.94 -9.81 10.66
C GLN A 34 6.03 -10.89 10.76
N GLU A 35 5.64 -12.11 11.09
CA GLU A 35 6.59 -13.22 11.19
C GLU A 35 7.05 -13.68 9.80
N ASN A 36 6.27 -13.43 8.75
CA ASN A 36 6.58 -13.79 7.36
C ASN A 36 7.40 -12.69 6.70
N VAL A 37 7.45 -11.49 7.31
CA VAL A 37 8.21 -10.38 6.78
C VAL A 37 9.69 -10.74 6.92
N ASN A 38 10.42 -10.74 5.81
CA ASN A 38 11.84 -11.06 5.79
C ASN A 38 12.61 -9.88 6.41
N ASN A 39 12.53 -8.69 5.80
CA ASN A 39 13.20 -7.47 6.26
C ASN A 39 12.63 -6.24 5.54
N SER A 40 12.96 -5.02 5.99
CA SER A 40 12.47 -3.78 5.38
C SER A 40 13.02 -3.58 3.96
N LYS A 41 12.35 -2.73 3.18
CA LYS A 41 12.74 -2.41 1.81
C LYS A 41 12.83 -0.90 1.60
N VAL A 42 11.82 -0.12 1.97
CA VAL A 42 11.86 1.34 1.77
C VAL A 42 11.21 2.09 2.93
N LYS A 43 11.83 3.19 3.41
CA LYS A 43 11.37 4.07 4.49
C LYS A 43 10.81 5.36 3.87
N PHE A 44 9.52 5.60 4.03
CA PHE A 44 8.75 6.76 3.54
C PHE A 44 7.63 7.07 4.53
N TYR A 45 7.11 8.31 4.56
CA TYR A 45 6.03 8.72 5.46
C TYR A 45 5.03 9.63 4.74
N LYS A 46 3.82 9.16 4.42
CA LYS A 46 2.78 9.97 3.78
C LYS A 46 1.42 9.50 4.30
N LEU A 47 0.46 10.40 4.52
CA LEU A 47 -0.89 10.18 5.03
C LEU A 47 -1.89 10.99 4.20
N LEU A 48 -3.07 10.43 4.00
CA LEU A 48 -4.19 11.03 3.27
C LEU A 48 -5.51 10.57 3.92
N ILE A 49 -6.64 11.18 3.52
CA ILE A 49 -7.97 10.90 4.04
C ILE A 49 -8.90 10.61 2.87
N VAL A 50 -9.77 9.59 2.98
CA VAL A 50 -10.71 9.22 1.92
C VAL A 50 -12.08 8.90 2.52
N ASP A 51 -13.15 9.41 1.93
CA ASP A 51 -14.53 9.19 2.39
C ASP A 51 -14.98 7.82 1.90
N MET A 52 -15.45 6.93 2.77
CA MET A 52 -15.90 5.59 2.34
C MET A 52 -17.14 5.64 1.43
N LYS A 53 -17.88 6.75 1.40
CA LYS A 53 -19.08 6.85 0.57
C LYS A 53 -18.76 6.73 -0.92
N SER A 54 -17.83 7.54 -1.43
CA SER A 54 -17.46 7.51 -2.85
C SER A 54 -15.98 7.26 -3.11
N GLU A 55 -15.18 6.90 -2.09
CA GLU A 55 -13.73 6.66 -2.24
C GLU A 55 -13.05 7.90 -2.84
N LYS A 56 -13.52 9.07 -2.40
CA LYS A 56 -13.03 10.39 -2.81
C LYS A 56 -12.20 10.97 -1.69
N LEU A 57 -11.12 11.68 -2.03
CA LEU A 57 -10.28 12.27 -1.02
C LEU A 57 -10.95 13.47 -0.39
N LEU A 58 -10.54 13.74 0.85
CA LEU A 58 -11.08 14.83 1.65
C LEU A 58 -9.96 15.59 2.34
N SER A 59 -10.26 16.83 2.70
CA SER A 59 -9.37 17.74 3.39
C SER A 59 -9.40 17.48 4.91
N SER A 60 -10.45 16.85 5.43
CA SER A 60 -10.61 16.57 6.85
C SER A 60 -11.40 15.28 7.00
N SER A 61 -11.00 14.46 7.97
CA SER A 61 -11.60 13.18 8.29
C SER A 61 -12.89 13.37 9.06
N ASN A 62 -13.98 12.89 8.47
CA ASN A 62 -15.33 12.91 9.01
C ASN A 62 -15.69 11.49 9.42
N LYS A 63 -16.82 11.33 10.08
CA LYS A 63 -17.32 10.05 10.57
C LYS A 63 -17.48 8.98 9.50
N ASN A 64 -17.71 9.36 8.24
CA ASN A 64 -17.88 8.42 7.12
C ASN A 64 -16.56 8.14 6.40
N SER A 65 -15.44 8.66 6.88
CA SER A 65 -14.11 8.52 6.30
C SER A 65 -13.11 7.79 7.21
N VAL A 66 -11.99 7.41 6.61
CA VAL A 66 -10.87 6.73 7.23
C VAL A 66 -9.60 7.39 6.67
N THR A 67 -8.53 7.43 7.47
CA THR A 67 -7.24 7.99 7.09
C THR A 67 -6.34 6.80 6.76
N LEU A 68 -5.48 6.93 5.76
CA LEU A 68 -4.60 5.86 5.33
C LEU A 68 -3.19 6.44 5.21
N VAL A 69 -2.19 5.69 5.69
CA VAL A 69 -0.79 6.10 5.64
C VAL A 69 -0.14 5.04 4.74
N LEU A 70 0.11 5.40 3.48
CA LEU A 70 0.72 4.53 2.47
C LEU A 70 2.22 4.60 2.63
N ASN A 71 2.83 3.65 3.34
CA ASN A 71 4.27 3.67 3.57
C ASN A 71 4.78 2.38 4.21
N ASN A 72 5.99 2.43 4.79
CA ASN A 72 6.65 1.35 5.52
C ASN A 72 6.70 0.04 4.70
N ILE A 73 7.48 0.05 3.61
CA ILE A 73 7.61 -1.10 2.71
C ILE A 73 8.62 -2.12 3.25
N TYR A 74 8.25 -3.41 3.19
CA TYR A 74 9.04 -4.56 3.62
C TYR A 74 8.88 -5.70 2.63
N GLU A 75 9.80 -6.66 2.67
CA GLU A 75 9.84 -7.84 1.81
C GLU A 75 9.38 -9.04 2.63
N ALA A 76 8.87 -10.07 1.95
CA ALA A 76 8.38 -11.31 2.51
C ALA A 76 9.34 -12.45 2.18
N SER A 77 9.22 -13.58 2.87
CA SER A 77 10.07 -14.75 2.64
C SER A 77 10.00 -15.26 1.20
N ASP A 78 8.84 -15.17 0.55
CA ASP A 78 8.63 -15.63 -0.84
C ASP A 78 9.15 -14.59 -1.84
N LYS A 79 9.91 -13.59 -1.35
CA LYS A 79 10.48 -12.45 -2.09
C LYS A 79 9.38 -11.48 -2.51
N SER A 80 8.17 -11.65 -1.97
CA SER A 80 7.05 -10.78 -2.26
C SER A 80 7.30 -9.44 -1.58
N LEU A 81 6.52 -8.42 -1.95
CA LEU A 81 6.63 -7.07 -1.45
C LEU A 81 5.33 -6.67 -0.73
N CYS A 82 5.41 -5.82 0.30
CA CYS A 82 4.24 -5.37 1.05
C CYS A 82 4.46 -3.94 1.53
N MET A 83 3.39 -3.29 2.01
CA MET A 83 3.37 -1.92 2.51
C MET A 83 2.59 -1.91 3.83
N GLY A 84 3.10 -1.18 4.82
CA GLY A 84 2.50 -1.03 6.13
C GLY A 84 1.43 0.04 6.10
N ILE A 85 0.21 -0.33 6.45
CA ILE A 85 -0.97 0.51 6.50
C ILE A 85 -1.66 0.12 7.80
N ASN A 86 -1.83 1.09 8.71
CA ASN A 86 -2.47 0.94 10.02
C ASN A 86 -1.86 -0.24 10.78
N ASP A 87 -0.53 -0.25 10.87
CA ASP A 87 0.28 -1.26 11.53
C ASP A 87 0.11 -2.69 10.97
N ARG A 88 -0.47 -2.82 9.77
CA ARG A 88 -0.70 -4.10 9.09
C ARG A 88 0.01 -4.10 7.76
N TYR A 89 0.64 -5.21 7.37
CA TYR A 89 1.37 -5.28 6.11
C TYR A 89 0.53 -5.89 5.02
N TYR A 90 0.23 -5.12 3.98
CA TYR A 90 -0.57 -5.51 2.84
C TYR A 90 0.33 -5.69 1.62
N LYS A 91 0.27 -6.87 0.98
CA LYS A 91 1.08 -7.20 -0.19
C LYS A 91 0.77 -6.23 -1.32
N ILE A 92 1.77 -5.90 -2.15
CA ILE A 92 1.63 -4.98 -3.28
C ILE A 92 1.88 -5.79 -4.55
N LEU A 93 1.02 -5.65 -5.55
CA LEU A 93 1.08 -6.40 -6.81
C LEU A 93 1.00 -5.47 -8.03
N PRO A 94 1.35 -5.98 -9.22
CA PRO A 94 1.29 -5.21 -10.46
C PRO A 94 -0.15 -5.08 -10.92
N GLU A 95 -0.46 -3.95 -11.59
CA GLU A 95 -1.79 -3.67 -12.11
C GLU A 95 -2.29 -4.75 -13.10
N SER A 96 -1.39 -5.59 -13.60
CA SER A 96 -1.74 -6.63 -14.56
C SER A 96 -2.50 -7.79 -13.89
N ASP A 97 -2.52 -7.89 -12.55
CA ASP A 97 -3.27 -8.95 -11.88
C ASP A 97 -4.78 -8.63 -11.83
N LYS A 98 -5.18 -7.45 -12.32
CA LYS A 98 -6.57 -6.99 -12.40
C LYS A 98 -7.39 -8.03 -13.13
N GLY A 99 -8.66 -8.14 -12.80
CA GLY A 99 -9.58 -9.11 -13.41
C GLY A 99 -9.67 -10.37 -12.55
N ALA A 100 -8.96 -10.39 -11.43
CA ALA A 100 -8.88 -11.45 -10.44
C ALA A 100 -8.66 -10.77 -9.09
N VAL A 101 -7.68 -9.86 -9.02
CA VAL A 101 -7.34 -9.12 -7.83
C VAL A 101 -7.76 -7.65 -8.00
N LYS A 102 -7.87 -6.93 -6.87
CA LYS A 102 -8.24 -5.53 -6.76
C LYS A 102 -7.56 -4.94 -5.52
N ALA A 103 -7.64 -3.62 -5.36
CA ALA A 103 -7.06 -2.91 -4.23
C ALA A 103 -7.67 -3.35 -2.90
N LEU A 104 -7.04 -2.92 -1.82
CA LEU A 104 -7.49 -3.21 -0.47
C LEU A 104 -8.70 -2.33 -0.13
N ARG A 105 -9.30 -2.54 1.03
CA ARG A 105 -10.46 -1.76 1.48
C ARG A 105 -10.20 -1.15 2.84
N LEU A 106 -10.67 0.08 3.03
CA LEU A 106 -10.54 0.83 4.28
C LEU A 106 -11.29 0.13 5.41
N GLN A 107 -12.27 -0.71 5.09
CA GLN A 107 -13.07 -1.44 6.08
C GLN A 107 -12.27 -2.31 7.04
N ASN A 108 -11.00 -2.61 6.72
CA ASN A 108 -10.12 -3.41 7.57
C ASN A 108 -9.60 -2.57 8.75
N PHE A 109 -9.93 -1.28 8.80
CA PHE A 109 -9.54 -0.29 9.79
C PHE A 109 -10.81 0.29 10.39
N TYR A 1 18.29 -11.28 1.04
CA TYR A 1 18.91 -11.57 -0.27
C TYR A 1 19.40 -10.29 -0.94
N GLN A 2 18.53 -9.29 -1.20
CA GLN A 2 18.95 -8.03 -1.81
C GLN A 2 19.32 -7.01 -0.73
N THR A 3 19.94 -5.92 -1.14
CA THR A 3 20.39 -4.82 -0.27
C THR A 3 20.12 -3.44 -0.88
N SER A 4 19.82 -3.37 -2.17
CA SER A 4 19.56 -2.14 -2.90
C SER A 4 18.12 -1.68 -2.67
N HIS A 5 17.90 -0.38 -2.75
CA HIS A 5 16.61 0.28 -2.58
C HIS A 5 16.49 1.32 -3.72
N LYS A 6 15.27 1.72 -4.07
CA LYS A 6 14.98 2.69 -5.14
C LYS A 6 13.88 3.63 -4.65
N LYS A 7 13.82 4.85 -5.19
CA LYS A 7 12.78 5.79 -4.81
C LYS A 7 11.46 5.25 -5.33
N VAL A 8 10.38 5.31 -4.52
CA VAL A 8 9.07 4.83 -4.91
C VAL A 8 8.22 6.06 -5.24
N ARG A 9 7.55 6.06 -6.39
CA ARG A 9 6.69 7.18 -6.80
C ARG A 9 5.26 6.80 -6.45
N PHE A 10 4.65 7.47 -5.49
CA PHE A 10 3.26 7.21 -5.12
C PHE A 10 2.41 8.07 -6.05
N ASP A 11 1.12 7.72 -6.23
CA ASP A 11 0.28 8.51 -7.15
C ASP A 11 -0.01 9.92 -6.65
N GLU A 12 -0.13 10.10 -5.33
CA GLU A 12 -0.41 11.34 -4.62
C GLU A 12 -1.87 11.77 -4.75
N GLY A 13 -2.49 12.05 -3.59
CA GLY A 13 -3.89 12.46 -3.45
C GLY A 13 -4.85 11.51 -4.18
N SER A 14 -4.52 10.22 -4.19
CA SER A 14 -5.26 9.15 -4.85
C SER A 14 -5.31 7.88 -4.00
N TYR A 15 -6.00 6.85 -4.51
CA TYR A 15 -6.18 5.54 -3.90
C TYR A 15 -4.86 4.77 -4.00
N THR A 16 -4.80 3.47 -3.70
CA THR A 16 -3.51 2.80 -3.71
C THR A 16 -3.10 2.45 -5.15
N ASN A 17 -1.94 3.02 -5.50
CA ASN A 17 -1.20 2.93 -6.75
C ASN A 17 0.18 3.55 -6.47
N PHE A 18 1.24 3.03 -7.06
CA PHE A 18 2.61 3.53 -6.93
C PHE A 18 3.43 2.87 -8.04
N ILE A 19 4.63 3.37 -8.34
CA ILE A 19 5.49 2.84 -9.38
C ILE A 19 6.81 2.40 -8.76
N TYR A 20 7.23 1.18 -9.10
CA TYR A 20 8.49 0.57 -8.68
C TYR A 20 8.96 -0.27 -9.88
N ASP A 21 10.27 -0.32 -10.13
CA ASP A 21 10.93 -1.05 -11.23
C ASP A 21 10.31 -0.74 -12.59
N ASN A 22 9.87 0.51 -12.74
CA ASN A 22 9.25 1.09 -13.93
C ASN A 22 8.00 0.34 -14.37
N LYS A 23 7.26 -0.20 -13.39
CA LYS A 23 6.02 -0.95 -13.58
C LYS A 23 5.00 -0.35 -12.62
N SER A 24 3.74 -0.33 -13.02
CA SER A 24 2.68 0.17 -12.17
C SER A 24 2.43 -0.89 -11.11
N TYR A 25 2.18 -0.47 -9.87
CA TYR A 25 1.94 -1.34 -8.72
C TYR A 25 0.83 -0.76 -7.87
N PHE A 26 0.18 -1.57 -7.04
CA PHE A 26 -0.89 -1.13 -6.15
C PHE A 26 -0.90 -1.98 -4.89
N VAL A 27 -1.61 -1.51 -3.86
CA VAL A 27 -1.71 -2.21 -2.58
C VAL A 27 -3.04 -2.95 -2.54
N THR A 28 -2.97 -4.23 -2.22
CA THR A 28 -4.10 -5.14 -2.12
C THR A 28 -4.50 -5.30 -0.66
N ASP A 29 -5.61 -5.98 -0.41
CA ASP A 29 -6.18 -6.28 0.90
C ASP A 29 -5.45 -7.46 1.59
N LYS A 30 -4.65 -8.24 0.84
CA LYS A 30 -3.91 -9.40 1.35
C LYS A 30 -2.81 -8.95 2.33
N GLU A 31 -2.88 -9.33 3.60
CA GLU A 31 -1.93 -8.99 4.65
C GLU A 31 -0.91 -10.10 4.86
N ILE A 32 0.33 -9.74 5.25
CA ILE A 32 1.45 -10.63 5.51
C ILE A 32 1.85 -10.53 6.99
N PRO A 33 1.96 -11.66 7.71
CA PRO A 33 2.35 -11.66 9.12
C PRO A 33 3.81 -11.24 9.24
N GLN A 34 4.17 -10.54 10.32
CA GLN A 34 5.54 -10.08 10.56
C GLN A 34 6.55 -11.23 10.54
N GLU A 35 6.13 -12.44 10.87
CA GLU A 35 6.97 -13.62 10.88
C GLU A 35 7.47 -13.96 9.46
N ASN A 36 6.76 -13.52 8.41
CA ASN A 36 7.14 -13.75 7.01
C ASN A 36 7.92 -12.57 6.44
N VAL A 37 7.84 -11.41 7.07
CA VAL A 37 8.53 -10.20 6.63
C VAL A 37 10.03 -10.46 6.75
N ASN A 38 10.78 -10.00 5.75
CA ASN A 38 12.22 -10.15 5.70
C ASN A 38 12.88 -8.92 6.30
N ASN A 39 12.64 -7.74 5.72
CA ASN A 39 13.24 -6.49 6.18
C ASN A 39 12.50 -5.27 5.61
N SER A 40 12.77 -4.09 6.19
CA SER A 40 12.21 -2.82 5.76
C SER A 40 12.89 -2.53 4.42
N LYS A 41 12.12 -2.27 3.37
CA LYS A 41 12.67 -2.04 2.03
C LYS A 41 12.74 -0.59 1.64
N VAL A 42 11.72 0.22 1.94
CA VAL A 42 11.74 1.63 1.56
C VAL A 42 11.08 2.44 2.67
N LYS A 43 11.76 3.48 3.17
CA LYS A 43 11.27 4.37 4.21
C LYS A 43 10.75 5.64 3.54
N PHE A 44 9.47 5.89 3.68
CA PHE A 44 8.64 7.00 3.20
C PHE A 44 7.53 7.16 4.24
N TYR A 45 6.92 8.34 4.33
CA TYR A 45 5.82 8.66 5.24
C TYR A 45 4.84 9.46 4.37
N LYS A 46 3.64 8.95 4.14
CA LYS A 46 2.61 9.62 3.34
C LYS A 46 1.29 9.21 3.96
N LEU A 47 0.39 10.17 4.19
CA LEU A 47 -0.91 9.98 4.79
C LEU A 47 -1.92 10.81 4.01
N LEU A 48 -3.14 10.30 3.91
CA LEU A 48 -4.27 10.91 3.24
C LEU A 48 -5.53 10.29 3.85
N ILE A 49 -6.70 10.85 3.56
CA ILE A 49 -8.00 10.42 4.06
C ILE A 49 -8.90 10.23 2.85
N VAL A 50 -9.67 9.15 2.85
CA VAL A 50 -10.60 8.81 1.77
C VAL A 50 -11.95 8.50 2.40
N ASP A 51 -13.03 8.94 1.76
CA ASP A 51 -14.38 8.68 2.24
C ASP A 51 -14.81 7.31 1.76
N MET A 52 -15.26 6.45 2.66
CA MET A 52 -15.70 5.09 2.34
C MET A 52 -16.97 5.05 1.49
N LYS A 53 -17.76 6.13 1.45
CA LYS A 53 -19.01 6.17 0.69
C LYS A 53 -18.77 6.23 -0.81
N SER A 54 -17.85 7.07 -1.29
CA SER A 54 -17.56 7.20 -2.72
C SER A 54 -16.11 6.91 -3.10
N GLU A 55 -15.25 6.56 -2.14
CA GLU A 55 -13.83 6.27 -2.34
C GLU A 55 -13.09 7.51 -2.88
N LYS A 56 -13.57 8.69 -2.51
CA LYS A 56 -13.00 9.98 -2.93
C LYS A 56 -12.11 10.54 -1.85
N LEU A 57 -11.04 11.25 -2.24
CA LEU A 57 -10.14 11.85 -1.27
C LEU A 57 -10.81 13.05 -0.64
N LEU A 58 -10.49 13.29 0.63
CA LEU A 58 -11.02 14.37 1.45
C LEU A 58 -9.90 15.21 2.02
N SER A 59 -10.27 16.27 2.74
CA SER A 59 -9.36 17.19 3.38
C SER A 59 -9.53 17.15 4.91
N SER A 60 -10.48 16.40 5.47
CA SER A 60 -10.69 16.28 6.91
C SER A 60 -11.10 14.85 7.24
N SER A 61 -10.99 14.49 8.51
CA SER A 61 -11.35 13.19 9.03
C SER A 61 -12.79 13.28 9.51
N ASN A 62 -13.70 12.55 8.87
CA ASN A 62 -15.10 12.51 9.27
C ASN A 62 -15.47 11.05 9.51
N LYS A 63 -16.56 10.79 10.23
CA LYS A 63 -17.01 9.44 10.59
C LYS A 63 -17.23 8.49 9.42
N ASN A 64 -17.40 8.99 8.20
CA ASN A 64 -17.60 8.18 6.99
C ASN A 64 -16.25 7.93 6.29
N SER A 65 -15.16 8.52 6.78
CA SER A 65 -13.84 8.43 6.20
C SER A 65 -12.83 7.69 7.06
N VAL A 66 -11.76 7.24 6.43
CA VAL A 66 -10.67 6.49 7.04
C VAL A 66 -9.33 7.01 6.52
N THR A 67 -8.32 6.99 7.39
CA THR A 67 -6.98 7.42 7.08
C THR A 67 -6.26 6.23 6.45
N LEU A 68 -5.43 6.48 5.44
CA LEU A 68 -4.67 5.46 4.75
C LEU A 68 -3.25 5.96 4.72
N VAL A 69 -2.42 5.44 5.62
CA VAL A 69 -1.02 5.81 5.67
C VAL A 69 -0.36 4.88 4.65
N LEU A 70 -0.03 5.35 3.45
CA LEU A 70 0.59 4.51 2.42
C LEU A 70 2.07 4.73 2.61
N ASN A 71 2.71 3.87 3.39
CA ASN A 71 4.12 4.04 3.68
C ASN A 71 4.75 2.77 4.27
N ASN A 72 5.96 2.87 4.82
CA ASN A 72 6.71 1.80 5.47
C ASN A 72 6.70 0.51 4.63
N ILE A 73 7.36 0.52 3.47
CA ILE A 73 7.40 -0.66 2.58
C ILE A 73 8.41 -1.68 3.13
N TYR A 74 8.06 -2.96 3.06
CA TYR A 74 8.85 -4.11 3.51
C TYR A 74 8.88 -5.23 2.45
N GLU A 75 9.74 -6.22 2.68
CA GLU A 75 9.96 -7.39 1.84
C GLU A 75 9.50 -8.65 2.60
N ALA A 76 9.44 -9.80 1.94
CA ALA A 76 9.06 -11.09 2.49
C ALA A 76 10.18 -12.07 2.22
N SER A 77 10.17 -13.17 2.96
CA SER A 77 11.18 -14.21 2.79
C SER A 77 11.12 -14.78 1.36
N ASP A 78 9.94 -14.72 0.73
CA ASP A 78 9.65 -15.22 -0.61
C ASP A 78 9.81 -14.10 -1.67
N LYS A 79 10.69 -13.12 -1.42
CA LYS A 79 10.98 -11.96 -2.30
C LYS A 79 9.73 -11.11 -2.59
N SER A 80 8.59 -11.43 -1.99
CA SER A 80 7.36 -10.70 -2.18
C SER A 80 7.49 -9.37 -1.44
N LEU A 81 6.78 -8.36 -1.90
CA LEU A 81 6.81 -7.02 -1.32
C LEU A 81 5.47 -6.68 -0.71
N CYS A 82 5.50 -5.84 0.34
CA CYS A 82 4.30 -5.38 1.04
C CYS A 82 4.49 -3.92 1.52
N MET A 83 3.42 -3.27 1.98
CA MET A 83 3.39 -1.89 2.47
C MET A 83 2.60 -1.83 3.78
N GLY A 84 3.11 -1.10 4.76
CA GLY A 84 2.54 -0.92 6.07
C GLY A 84 1.49 0.17 6.07
N ILE A 85 0.22 -0.21 6.23
CA ILE A 85 -0.91 0.70 6.25
C ILE A 85 -1.64 0.46 7.56
N ASN A 86 -1.71 1.49 8.39
CA ASN A 86 -2.36 1.48 9.70
C ASN A 86 -1.87 0.27 10.50
N ASP A 87 -0.54 0.17 10.58
CA ASP A 87 0.25 -0.84 11.27
C ASP A 87 0.21 -2.25 10.66
N ARG A 88 -0.59 -2.52 9.63
CA ARG A 88 -0.71 -3.84 9.01
C ARG A 88 0.00 -3.85 7.67
N TYR A 89 0.78 -4.91 7.45
CA TYR A 89 1.55 -5.08 6.22
C TYR A 89 0.69 -5.76 5.15
N TYR A 90 0.44 -5.07 4.05
CA TYR A 90 -0.36 -5.56 2.95
C TYR A 90 0.45 -5.70 1.67
N LYS A 91 0.31 -6.84 1.01
CA LYS A 91 1.00 -7.19 -0.21
C LYS A 91 0.66 -6.21 -1.32
N ILE A 92 1.68 -5.92 -2.12
CA ILE A 92 1.60 -5.02 -3.25
C ILE A 92 1.84 -5.88 -4.49
N LEU A 93 1.04 -5.67 -5.53
CA LEU A 93 1.13 -6.42 -6.78
C LEU A 93 1.13 -5.42 -7.94
N PRO A 94 1.61 -5.83 -9.13
CA PRO A 94 1.64 -4.96 -10.28
C PRO A 94 0.22 -4.68 -10.77
N GLU A 95 0.02 -3.62 -11.56
CA GLU A 95 -1.33 -3.32 -12.07
C GLU A 95 -1.81 -4.47 -12.99
N SER A 96 -0.92 -5.36 -13.37
CA SER A 96 -1.17 -6.53 -14.20
C SER A 96 -2.13 -7.49 -13.46
N ASP A 97 -2.19 -7.44 -12.13
CA ASP A 97 -3.06 -8.28 -11.30
C ASP A 97 -4.54 -7.82 -11.40
N LYS A 98 -4.82 -6.65 -12.01
CA LYS A 98 -6.18 -6.15 -12.17
C LYS A 98 -7.01 -7.15 -12.97
N GLY A 99 -8.33 -7.02 -12.88
CA GLY A 99 -9.28 -7.89 -13.56
C GLY A 99 -9.67 -9.05 -12.63
N ALA A 100 -8.74 -9.53 -11.81
CA ALA A 100 -8.94 -10.62 -10.85
C ALA A 100 -8.57 -10.19 -9.42
N VAL A 101 -8.02 -8.99 -9.23
CA VAL A 101 -7.62 -8.41 -7.96
C VAL A 101 -8.12 -6.97 -7.98
N LYS A 102 -8.31 -6.38 -6.80
CA LYS A 102 -8.76 -5.02 -6.59
C LYS A 102 -7.95 -4.41 -5.46
N ALA A 103 -8.00 -3.10 -5.33
CA ALA A 103 -7.29 -2.40 -4.27
C ALA A 103 -7.90 -2.76 -2.93
N LEU A 104 -7.19 -2.43 -1.85
CA LEU A 104 -7.69 -2.75 -0.53
C LEU A 104 -8.96 -1.99 -0.12
N ARG A 105 -9.58 -2.46 0.97
CA ARG A 105 -10.81 -1.94 1.54
C ARG A 105 -10.52 -1.18 2.82
N LEU A 106 -11.09 0.01 2.94
CA LEU A 106 -10.94 0.86 4.11
C LEU A 106 -11.61 0.23 5.32
N GLN A 107 -12.56 -0.68 5.07
CA GLN A 107 -13.30 -1.36 6.12
C GLN A 107 -12.37 -2.17 7.04
N ASN A 108 -11.15 -2.50 6.59
CA ASN A 108 -10.19 -3.25 7.40
C ASN A 108 -9.69 -2.43 8.60
N PHE A 109 -9.87 -1.10 8.60
CA PHE A 109 -9.42 -0.16 9.61
C PHE A 109 -10.59 0.35 10.45
N TYR A 1 21.05 -6.89 -13.29
CA TYR A 1 21.45 -6.11 -12.10
C TYR A 1 21.22 -4.63 -12.36
N GLN A 2 20.68 -3.89 -11.39
CA GLN A 2 20.43 -2.46 -11.52
C GLN A 2 20.99 -1.72 -10.31
N THR A 3 21.38 -0.47 -10.50
CA THR A 3 21.97 0.36 -9.46
C THR A 3 21.27 1.72 -9.31
N SER A 4 20.33 2.06 -10.20
CA SER A 4 19.62 3.33 -10.11
C SER A 4 18.82 3.38 -8.80
N HIS A 5 18.34 4.57 -8.44
CA HIS A 5 17.57 4.81 -7.22
C HIS A 5 16.42 3.81 -7.01
N LYS A 6 16.01 3.64 -5.75
CA LYS A 6 14.92 2.75 -5.32
C LYS A 6 13.90 3.48 -4.46
N LYS A 7 13.99 4.81 -4.33
CA LYS A 7 13.07 5.60 -3.55
C LYS A 7 11.68 5.38 -4.12
N VAL A 8 10.71 5.03 -3.28
CA VAL A 8 9.36 4.78 -3.73
C VAL A 8 8.75 6.07 -4.28
N ARG A 9 7.94 5.94 -5.32
CA ARG A 9 7.23 7.04 -5.96
C ARG A 9 5.75 6.73 -5.76
N PHE A 10 5.09 7.44 -4.86
CA PHE A 10 3.66 7.25 -4.64
C PHE A 10 2.93 8.09 -5.69
N ASP A 11 1.71 7.68 -6.05
CA ASP A 11 0.93 8.42 -7.02
C ASP A 11 0.54 9.79 -6.48
N GLU A 12 0.29 9.83 -5.16
CA GLU A 12 -0.09 10.94 -4.31
C GLU A 12 -1.45 11.53 -4.70
N GLY A 13 -2.30 11.82 -3.71
CA GLY A 13 -3.64 12.37 -3.93
C GLY A 13 -4.53 11.32 -4.61
N SER A 14 -4.21 10.04 -4.45
CA SER A 14 -4.89 8.88 -5.03
C SER A 14 -5.03 7.73 -4.03
N TYR A 15 -5.67 6.66 -4.50
CA TYR A 15 -5.95 5.40 -3.82
C TYR A 15 -4.64 4.61 -3.74
N THR A 16 -4.66 3.33 -3.36
CA THR A 16 -3.39 2.64 -3.21
C THR A 16 -2.89 2.25 -4.60
N ASN A 17 -1.73 2.80 -4.90
CA ASN A 17 -0.92 2.69 -6.09
C ASN A 17 0.44 3.32 -5.78
N PHE A 18 1.54 2.85 -6.35
CA PHE A 18 2.90 3.37 -6.18
C PHE A 18 3.79 2.72 -7.25
N ILE A 19 5.03 3.17 -7.38
CA ILE A 19 5.99 2.65 -8.34
C ILE A 19 7.26 2.29 -7.58
N TYR A 20 7.72 1.06 -7.77
CA TYR A 20 8.94 0.53 -7.20
C TYR A 20 9.60 -0.35 -8.27
N ASP A 21 10.94 -0.39 -8.27
CA ASP A 21 11.78 -1.14 -9.22
C ASP A 21 11.43 -0.75 -10.65
N ASN A 22 11.02 0.51 -10.83
CA ASN A 22 10.60 1.14 -12.08
C ASN A 22 9.30 0.56 -12.65
N LYS A 23 8.51 -0.20 -11.87
CA LYS A 23 7.26 -0.79 -12.31
C LYS A 23 6.13 -0.35 -11.39
N SER A 24 4.92 -0.35 -11.91
CA SER A 24 3.73 0.03 -11.19
C SER A 24 3.30 -1.12 -10.29
N TYR A 25 2.83 -0.76 -9.11
CA TYR A 25 2.39 -1.65 -8.04
C TYR A 25 1.21 -1.05 -7.27
N PHE A 26 0.38 -1.89 -6.62
CA PHE A 26 -0.77 -1.44 -5.84
C PHE A 26 -1.02 -2.40 -4.67
N VAL A 27 -1.59 -1.87 -3.59
CA VAL A 27 -1.88 -2.60 -2.37
C VAL A 27 -3.19 -3.40 -2.53
N THR A 28 -3.13 -4.69 -2.23
CA THR A 28 -4.25 -5.61 -2.29
C THR A 28 -4.83 -5.79 -0.89
N ASP A 29 -6.04 -6.33 -0.79
CA ASP A 29 -6.78 -6.60 0.45
C ASP A 29 -6.19 -7.77 1.25
N LYS A 30 -5.29 -8.53 0.64
CA LYS A 30 -4.62 -9.67 1.23
C LYS A 30 -3.61 -9.19 2.25
N GLU A 31 -3.85 -9.48 3.53
CA GLU A 31 -2.97 -9.08 4.63
C GLU A 31 -2.05 -10.26 4.98
N ILE A 32 -0.82 -9.97 5.42
CA ILE A 32 0.21 -10.91 5.79
C ILE A 32 0.50 -10.78 7.30
N PRO A 33 0.62 -11.89 8.04
CA PRO A 33 0.93 -11.87 9.46
C PRO A 33 2.41 -11.60 9.73
N GLN A 34 2.74 -11.01 10.87
CA GLN A 34 4.13 -10.71 11.26
C GLN A 34 5.01 -11.94 11.31
N GLU A 35 4.41 -13.13 11.48
CA GLU A 35 5.16 -14.38 11.52
C GLU A 35 5.77 -14.69 10.14
N ASN A 36 5.17 -14.18 9.06
CA ASN A 36 5.64 -14.36 7.69
C ASN A 36 6.60 -13.27 7.26
N VAL A 37 6.58 -12.13 7.97
CA VAL A 37 7.44 -10.99 7.68
C VAL A 37 8.88 -11.42 7.94
N ASN A 38 9.73 -11.23 6.93
CA ASN A 38 11.12 -11.59 7.00
C ASN A 38 11.91 -10.46 7.68
N ASN A 39 11.92 -9.26 7.10
CA ASN A 39 12.61 -8.07 7.60
C ASN A 39 12.05 -6.84 6.89
N SER A 40 12.40 -5.64 7.38
CA SER A 40 11.96 -4.36 6.81
C SER A 40 12.49 -4.20 5.38
N LYS A 41 11.83 -3.40 4.56
CA LYS A 41 12.22 -3.18 3.18
C LYS A 41 12.50 -1.71 2.93
N VAL A 42 11.55 -0.83 3.25
CA VAL A 42 11.68 0.61 3.05
C VAL A 42 10.92 1.33 4.16
N LYS A 43 11.44 2.49 4.57
CA LYS A 43 10.86 3.35 5.58
C LYS A 43 10.42 4.58 4.80
N PHE A 44 9.15 4.94 4.93
CA PHE A 44 8.49 6.06 4.24
C PHE A 44 7.39 6.66 5.10
N TYR A 45 7.00 7.91 4.84
CA TYR A 45 5.91 8.55 5.58
C TYR A 45 4.90 9.12 4.58
N LYS A 46 3.69 8.56 4.53
CA LYS A 46 2.61 9.00 3.66
C LYS A 46 1.26 8.76 4.35
N LEU A 47 0.51 9.81 4.66
CA LEU A 47 -0.80 9.75 5.30
C LEU A 47 -1.75 10.65 4.51
N LEU A 48 -2.95 10.15 4.24
CA LEU A 48 -4.00 10.84 3.49
C LEU A 48 -5.35 10.37 4.03
N ILE A 49 -6.45 11.01 3.61
CA ILE A 49 -7.79 10.66 4.08
C ILE A 49 -8.69 10.48 2.85
N VAL A 50 -9.42 9.37 2.76
CA VAL A 50 -10.30 9.04 1.63
C VAL A 50 -11.73 8.87 2.15
N ASP A 51 -12.74 9.46 1.48
CA ASP A 51 -14.14 9.34 1.89
C ASP A 51 -14.71 8.01 1.41
N MET A 52 -15.30 7.17 2.26
CA MET A 52 -15.84 5.88 1.81
C MET A 52 -17.07 6.02 0.90
N LYS A 53 -17.75 7.18 0.89
CA LYS A 53 -18.94 7.37 0.06
C LYS A 53 -18.60 7.30 -1.43
N SER A 54 -17.61 8.08 -1.88
CA SER A 54 -17.18 8.11 -3.28
C SER A 54 -15.71 7.77 -3.50
N GLU A 55 -14.96 7.36 -2.47
CA GLU A 55 -13.55 6.98 -2.53
C GLU A 55 -12.66 8.14 -3.01
N LYS A 56 -13.09 9.38 -2.82
CA LYS A 56 -12.32 10.56 -3.23
C LYS A 56 -11.47 11.04 -2.07
N LEU A 57 -10.35 11.65 -2.40
CA LEU A 57 -9.43 12.17 -1.40
C LEU A 57 -10.04 13.39 -0.74
N LEU A 58 -9.76 13.55 0.54
CA LEU A 58 -10.21 14.62 1.42
C LEU A 58 -8.99 15.21 2.13
N SER A 59 -9.20 16.20 3.00
CA SER A 59 -8.16 16.85 3.78
C SER A 59 -8.53 16.98 5.26
N SER A 60 -9.75 16.58 5.64
CA SER A 60 -10.27 16.60 6.99
C SER A 60 -10.72 15.17 7.30
N SER A 61 -11.15 14.89 8.53
CA SER A 61 -11.62 13.57 8.96
C SER A 61 -13.13 13.66 9.18
N ASN A 62 -13.91 13.02 8.33
CA ASN A 62 -15.36 12.95 8.39
C ASN A 62 -15.75 11.60 8.94
N LYS A 63 -16.96 11.50 9.48
CA LYS A 63 -17.46 10.24 10.00
C LYS A 63 -17.73 9.28 8.83
N ASN A 64 -17.75 9.74 7.56
CA ASN A 64 -17.99 8.83 6.43
C ASN A 64 -16.65 8.47 5.75
N SER A 65 -15.52 8.90 6.29
CA SER A 65 -14.18 8.70 5.76
C SER A 65 -13.33 7.80 6.66
N VAL A 66 -12.14 7.46 6.19
CA VAL A 66 -11.16 6.63 6.87
C VAL A 66 -9.76 7.19 6.55
N THR A 67 -8.95 7.40 7.60
CA THR A 67 -7.59 7.90 7.47
C THR A 67 -6.77 6.70 6.96
N LEU A 68 -5.90 6.89 5.97
CA LEU A 68 -5.08 5.82 5.42
C LEU A 68 -3.62 6.24 5.49
N VAL A 69 -2.81 5.32 5.99
CA VAL A 69 -1.38 5.48 6.18
C VAL A 69 -0.73 4.50 5.20
N LEU A 70 -0.11 4.95 4.12
CA LEU A 70 0.50 4.09 3.10
C LEU A 70 2.02 4.13 3.20
N ASN A 71 2.62 3.22 3.96
CA ASN A 71 4.07 3.19 4.16
C ASN A 71 4.52 1.92 4.82
N ASN A 72 5.76 1.91 5.33
CA ASN A 72 6.30 0.79 6.06
C ASN A 72 6.36 -0.45 5.21
N ILE A 73 7.20 -0.43 4.18
CA ILE A 73 7.32 -1.60 3.32
C ILE A 73 8.23 -2.61 4.03
N TYR A 74 7.86 -3.89 3.97
CA TYR A 74 8.57 -5.02 4.54
C TYR A 74 8.61 -6.13 3.49
N GLU A 75 9.42 -7.14 3.76
CA GLU A 75 9.62 -8.30 2.93
C GLU A 75 9.02 -9.51 3.64
N ALA A 76 8.70 -10.54 2.88
CA ALA A 76 8.11 -11.78 3.35
C ALA A 76 9.06 -12.94 3.09
N SER A 77 8.84 -14.06 3.77
CA SER A 77 9.65 -15.26 3.62
C SER A 77 9.69 -15.73 2.16
N ASP A 78 8.64 -15.48 1.37
CA ASP A 78 8.54 -15.89 -0.04
C ASP A 78 9.20 -14.88 -0.99
N LYS A 79 9.98 -13.91 -0.48
CA LYS A 79 10.66 -12.85 -1.22
C LYS A 79 9.66 -11.77 -1.65
N SER A 80 8.38 -11.91 -1.28
CA SER A 80 7.33 -10.98 -1.60
C SER A 80 7.45 -9.72 -0.74
N LEU A 81 6.71 -8.68 -1.09
CA LEU A 81 6.71 -7.40 -0.42
C LEU A 81 5.30 -7.04 0.04
N CYS A 82 5.20 -6.33 1.15
CA CYS A 82 3.94 -5.87 1.73
C CYS A 82 4.12 -4.43 2.26
N MET A 83 3.03 -3.76 2.66
CA MET A 83 2.98 -2.39 3.16
C MET A 83 2.18 -2.31 4.46
N GLY A 84 2.70 -1.59 5.46
CA GLY A 84 2.11 -1.38 6.77
C GLY A 84 1.10 -0.24 6.73
N ILE A 85 -0.18 -0.59 6.74
CA ILE A 85 -1.31 0.31 6.69
C ILE A 85 -2.10 0.14 7.97
N ASN A 86 -2.11 1.19 8.77
CA ASN A 86 -2.83 1.28 10.04
C ASN A 86 -2.61 0.05 10.92
N ASP A 87 -1.33 -0.24 11.15
CA ASP A 87 -0.82 -1.33 11.99
C ASP A 87 -0.90 -2.73 11.36
N ARG A 88 -1.49 -2.91 10.17
CA ARG A 88 -1.61 -4.21 9.50
C ARG A 88 -0.82 -4.19 8.19
N TYR A 89 -0.25 -5.32 7.80
CA TYR A 89 0.56 -5.45 6.59
C TYR A 89 -0.21 -6.02 5.40
N TYR A 90 -0.38 -5.28 4.31
CA TYR A 90 -1.10 -5.69 3.11
C TYR A 90 -0.14 -5.94 1.95
N LYS A 91 -0.29 -7.06 1.23
CA LYS A 91 0.58 -7.42 0.11
C LYS A 91 0.35 -6.46 -1.05
N ILE A 92 1.39 -6.25 -1.86
CA ILE A 92 1.34 -5.38 -3.01
C ILE A 92 1.61 -6.20 -4.27
N LEU A 93 0.79 -6.01 -5.31
CA LEU A 93 0.88 -6.72 -6.59
C LEU A 93 1.11 -5.69 -7.71
N PRO A 94 1.70 -6.09 -8.85
CA PRO A 94 1.94 -5.19 -9.97
C PRO A 94 0.62 -4.78 -10.60
N GLU A 95 0.56 -3.62 -11.28
CA GLU A 95 -0.69 -3.19 -11.94
C GLU A 95 -1.06 -4.20 -13.03
N SER A 96 -0.08 -4.99 -13.48
CA SER A 96 -0.27 -6.01 -14.49
C SER A 96 -1.08 -7.20 -13.91
N ASP A 97 -1.48 -7.17 -12.64
CA ASP A 97 -2.26 -8.21 -11.96
C ASP A 97 -3.75 -7.88 -11.86
N LYS A 98 -4.17 -6.68 -12.32
CA LYS A 98 -5.56 -6.23 -12.29
C LYS A 98 -6.52 -7.23 -12.93
N GLY A 99 -7.81 -7.05 -12.66
CA GLY A 99 -8.89 -7.87 -13.18
C GLY A 99 -9.15 -9.09 -12.30
N ALA A 100 -8.08 -9.75 -11.83
CA ALA A 100 -8.14 -10.91 -10.97
C ALA A 100 -8.15 -10.50 -9.49
N VAL A 101 -7.56 -9.36 -9.18
CA VAL A 101 -7.46 -8.74 -7.85
C VAL A 101 -7.81 -7.26 -8.03
N LYS A 102 -8.14 -6.56 -6.94
CA LYS A 102 -8.49 -5.16 -6.85
C LYS A 102 -7.71 -4.57 -5.67
N ALA A 103 -7.78 -3.25 -5.51
CA ALA A 103 -7.10 -2.62 -4.39
C ALA A 103 -7.83 -3.01 -3.10
N LEU A 104 -7.22 -2.70 -1.95
CA LEU A 104 -7.84 -3.03 -0.67
C LEU A 104 -9.08 -2.16 -0.39
N ARG A 105 -9.81 -2.48 0.68
CA ARG A 105 -11.04 -1.79 1.08
C ARG A 105 -10.89 -1.15 2.44
N LEU A 106 -11.41 0.06 2.59
CA LEU A 106 -11.36 0.82 3.85
C LEU A 106 -12.30 0.17 4.88
N GLN A 107 -13.18 -0.74 4.43
CA GLN A 107 -14.15 -1.47 5.21
C GLN A 107 -13.53 -2.36 6.29
N ASN A 108 -12.21 -2.54 6.29
CA ASN A 108 -11.51 -3.36 7.26
C ASN A 108 -10.93 -2.54 8.41
N PHE A 109 -11.04 -1.20 8.37
CA PHE A 109 -10.46 -0.34 9.42
C PHE A 109 -11.50 0.41 10.23
N TYR A 1 20.91 -11.11 -6.81
CA TYR A 1 20.47 -11.18 -8.20
C TYR A 1 19.70 -9.93 -8.66
N GLN A 2 18.55 -9.58 -8.08
CA GLN A 2 17.74 -8.40 -8.46
C GLN A 2 17.82 -7.26 -7.42
N THR A 3 18.98 -7.10 -6.78
CA THR A 3 19.17 -6.09 -5.76
C THR A 3 19.19 -4.65 -6.32
N SER A 4 18.38 -3.75 -5.75
CA SER A 4 18.29 -2.34 -6.12
C SER A 4 17.63 -1.58 -4.96
N HIS A 5 17.81 -0.26 -4.92
CA HIS A 5 17.23 0.63 -3.91
C HIS A 5 17.06 2.03 -4.52
N LYS A 6 15.82 2.44 -4.73
CA LYS A 6 15.43 3.73 -5.30
C LYS A 6 14.24 4.26 -4.49
N LYS A 7 13.99 5.57 -4.55
CA LYS A 7 12.85 6.14 -3.84
C LYS A 7 11.56 5.58 -4.41
N VAL A 8 10.47 5.72 -3.66
CA VAL A 8 9.16 5.24 -4.04
C VAL A 8 8.36 6.42 -4.60
N ARG A 9 7.63 6.23 -5.71
CA ARG A 9 6.78 7.26 -6.29
C ARG A 9 5.37 6.88 -5.86
N PHE A 10 4.81 7.56 -4.87
CA PHE A 10 3.50 7.29 -4.33
C PHE A 10 2.42 7.90 -5.21
N ASP A 11 1.19 7.49 -4.95
CA ASP A 11 -0.01 7.92 -5.64
C ASP A 11 -0.28 9.43 -5.54
N GLU A 12 0.10 10.03 -4.42
CA GLU A 12 -0.02 11.43 -4.07
C GLU A 12 -1.44 12.00 -4.28
N GLY A 13 -2.20 11.92 -3.20
CA GLY A 13 -3.58 12.37 -3.12
C GLY A 13 -4.50 11.55 -4.02
N SER A 14 -4.26 10.24 -4.09
CA SER A 14 -4.99 9.26 -4.88
C SER A 14 -5.15 7.97 -4.05
N TYR A 15 -5.80 6.95 -4.63
CA TYR A 15 -6.05 5.64 -4.02
C TYR A 15 -4.73 4.86 -3.99
N THR A 16 -4.72 3.55 -3.67
CA THR A 16 -3.44 2.88 -3.56
C THR A 16 -2.91 2.52 -4.94
N ASN A 17 -1.72 3.06 -5.19
CA ASN A 17 -0.88 2.93 -6.36
C ASN A 17 0.51 3.47 -6.00
N PHE A 18 1.57 2.97 -6.59
CA PHE A 18 2.93 3.44 -6.39
C PHE A 18 3.73 2.84 -7.55
N ILE A 19 4.96 3.29 -7.79
CA ILE A 19 5.76 2.77 -8.91
C ILE A 19 7.13 2.43 -8.37
N TYR A 20 7.49 1.14 -8.34
CA TYR A 20 8.79 0.66 -7.89
C TYR A 20 9.49 -0.04 -9.06
N ASP A 21 10.79 0.23 -9.22
CA ASP A 21 11.66 -0.33 -10.26
C ASP A 21 11.16 -0.10 -11.68
N ASN A 22 10.52 1.05 -11.86
CA ASN A 22 9.93 1.56 -13.10
C ASN A 22 8.70 0.75 -13.52
N LYS A 23 8.10 -0.02 -12.60
CA LYS A 23 6.92 -0.84 -12.82
C LYS A 23 5.85 -0.33 -11.87
N SER A 24 4.62 -0.24 -12.35
CA SER A 24 3.51 0.24 -11.54
C SER A 24 2.98 -0.90 -10.68
N TYR A 25 2.70 -0.58 -9.42
CA TYR A 25 2.22 -1.49 -8.38
C TYR A 25 1.12 -0.85 -7.54
N PHE A 26 0.41 -1.68 -6.75
CA PHE A 26 -0.63 -1.22 -5.85
C PHE A 26 -0.71 -2.11 -4.62
N VAL A 27 -1.39 -1.61 -3.58
CA VAL A 27 -1.59 -2.29 -2.31
C VAL A 27 -2.94 -2.99 -2.34
N THR A 28 -2.93 -4.32 -2.13
CA THR A 28 -4.13 -5.16 -2.13
C THR A 28 -4.58 -5.44 -0.69
N ASP A 29 -5.74 -6.06 -0.54
CA ASP A 29 -6.38 -6.42 0.73
C ASP A 29 -5.72 -7.61 1.42
N LYS A 30 -4.89 -8.36 0.71
CA LYS A 30 -4.18 -9.53 1.24
C LYS A 30 -3.11 -9.09 2.24
N GLU A 31 -3.31 -9.40 3.52
CA GLU A 31 -2.38 -9.07 4.58
C GLU A 31 -1.49 -10.28 4.85
N ILE A 32 -0.24 -10.06 5.24
CA ILE A 32 0.77 -11.07 5.56
C ILE A 32 1.13 -10.84 7.04
N PRO A 33 1.27 -11.90 7.86
CA PRO A 33 1.63 -11.76 9.26
C PRO A 33 3.08 -11.38 9.45
N GLN A 34 3.41 -10.70 10.55
CA GLN A 34 4.78 -10.27 10.83
C GLN A 34 5.76 -11.45 10.85
N GLU A 35 5.32 -12.65 11.23
CA GLU A 35 6.18 -13.84 11.27
C GLU A 35 6.65 -14.27 9.87
N ASN A 36 6.00 -13.76 8.81
CA ASN A 36 6.35 -14.05 7.41
C ASN A 36 7.23 -12.93 6.81
N VAL A 37 7.29 -11.78 7.47
CA VAL A 37 8.08 -10.63 7.06
C VAL A 37 9.54 -10.89 7.43
N ASN A 38 10.42 -10.59 6.47
CA ASN A 38 11.85 -10.76 6.58
C ASN A 38 12.52 -9.51 7.12
N ASN A 39 12.42 -8.37 6.43
CA ASN A 39 13.08 -7.13 6.90
C ASN A 39 12.43 -5.86 6.36
N SER A 40 12.64 -4.72 7.05
CA SER A 40 12.12 -3.42 6.66
C SER A 40 12.89 -3.00 5.41
N LYS A 41 12.19 -2.57 4.37
CA LYS A 41 12.77 -2.19 3.10
C LYS A 41 12.90 -0.69 2.89
N VAL A 42 11.83 0.08 3.08
CA VAL A 42 11.89 1.52 2.87
C VAL A 42 11.06 2.25 3.94
N LYS A 43 11.62 3.30 4.55
CA LYS A 43 10.95 4.11 5.57
C LYS A 43 10.54 5.45 4.96
N PHE A 44 9.25 5.73 4.94
CA PHE A 44 8.62 6.95 4.41
C PHE A 44 7.33 7.25 5.18
N TYR A 45 6.87 8.50 5.19
CA TYR A 45 5.62 8.87 5.87
C TYR A 45 4.70 9.53 4.86
N LYS A 46 3.51 8.96 4.65
CA LYS A 46 2.50 9.45 3.74
C LYS A 46 1.14 9.11 4.32
N LEU A 47 0.28 10.11 4.53
CA LEU A 47 -1.08 10.00 5.05
C LEU A 47 -2.02 10.83 4.21
N LEU A 48 -3.24 10.32 4.03
CA LEU A 48 -4.32 10.95 3.29
C LEU A 48 -5.65 10.42 3.85
N ILE A 49 -6.75 11.04 3.46
CA ILE A 49 -8.11 10.72 3.88
C ILE A 49 -8.97 10.58 2.62
N VAL A 50 -9.77 9.53 2.53
CA VAL A 50 -10.66 9.21 1.41
C VAL A 50 -12.07 9.02 1.97
N ASP A 51 -13.10 9.27 1.17
CA ASP A 51 -14.52 9.11 1.52
C ASP A 51 -14.91 7.68 1.16
N MET A 52 -15.45 6.87 2.07
CA MET A 52 -15.84 5.50 1.70
C MET A 52 -17.03 5.54 0.72
N LYS A 53 -17.86 6.61 0.76
CA LYS A 53 -19.04 6.77 -0.09
C LYS A 53 -18.71 6.81 -1.57
N SER A 54 -17.80 7.70 -1.93
CA SER A 54 -17.40 7.92 -3.31
C SER A 54 -15.98 7.48 -3.66
N GLU A 55 -15.16 7.06 -2.69
CA GLU A 55 -13.77 6.64 -2.91
C GLU A 55 -12.89 7.83 -3.39
N LYS A 56 -13.34 9.06 -3.15
CA LYS A 56 -12.65 10.31 -3.52
C LYS A 56 -11.99 10.89 -2.29
N LEU A 57 -10.92 11.67 -2.44
CA LEU A 57 -10.21 12.25 -1.31
C LEU A 57 -11.01 13.39 -0.67
N LEU A 58 -10.76 13.63 0.61
CA LEU A 58 -11.39 14.68 1.42
C LEU A 58 -10.31 15.38 2.25
N SER A 59 -10.57 16.58 2.73
CA SER A 59 -9.58 17.31 3.53
C SER A 59 -9.71 17.10 5.04
N SER A 60 -10.75 16.43 5.57
CA SER A 60 -10.90 16.22 7.01
C SER A 60 -11.46 14.83 7.26
N SER A 61 -11.38 14.37 8.51
CA SER A 61 -11.89 13.08 8.91
C SER A 61 -13.32 13.24 9.40
N ASN A 62 -14.28 12.60 8.71
CA ASN A 62 -15.69 12.61 9.10
C ASN A 62 -16.21 11.16 9.05
N LYS A 63 -17.35 10.88 9.66
CA LYS A 63 -17.97 9.55 9.75
C LYS A 63 -18.07 8.74 8.46
N ASN A 64 -18.29 9.39 7.31
CA ASN A 64 -18.38 8.66 6.04
C ASN A 64 -17.01 8.30 5.45
N SER A 65 -15.93 8.77 6.06
CA SER A 65 -14.55 8.62 5.64
C SER A 65 -13.66 7.91 6.66
N VAL A 66 -12.49 7.45 6.21
CA VAL A 66 -11.45 6.77 6.97
C VAL A 66 -10.11 7.36 6.52
N THR A 67 -9.04 7.19 7.29
CA THR A 67 -7.71 7.70 7.00
C THR A 67 -6.76 6.52 6.68
N LEU A 68 -5.82 6.71 5.76
CA LEU A 68 -4.85 5.67 5.41
C LEU A 68 -3.46 6.27 5.42
N VAL A 69 -2.46 5.50 5.84
CA VAL A 69 -1.07 5.96 5.86
C VAL A 69 -0.39 4.90 4.98
N LEU A 70 -0.11 5.26 3.73
CA LEU A 70 0.51 4.34 2.77
C LEU A 70 2.02 4.44 2.90
N ASN A 71 2.64 3.55 3.67
CA ASN A 71 4.08 3.60 3.89
C ASN A 71 4.60 2.33 4.58
N ASN A 72 5.79 2.38 5.17
CA ASN A 72 6.43 1.31 5.91
C ASN A 72 6.54 0.04 5.06
N ILE A 73 7.37 0.10 4.02
CA ILE A 73 7.57 -1.02 3.09
C ILE A 73 8.53 -2.04 3.70
N TYR A 74 8.22 -3.34 3.56
CA TYR A 74 9.01 -4.46 4.05
C TYR A 74 9.09 -5.52 2.96
N GLU A 75 9.97 -6.51 3.17
CA GLU A 75 10.21 -7.64 2.30
C GLU A 75 9.83 -8.89 3.11
N ALA A 76 9.32 -9.88 2.41
CA ALA A 76 8.87 -11.16 2.93
C ALA A 76 9.94 -12.23 2.74
N SER A 77 9.73 -13.36 3.39
CA SER A 77 10.63 -14.50 3.30
C SER A 77 10.72 -14.99 1.84
N ASP A 78 9.63 -14.92 1.07
CA ASP A 78 9.55 -15.35 -0.33
C ASP A 78 10.06 -14.27 -1.28
N LYS A 79 10.82 -13.29 -0.78
CA LYS A 79 11.37 -12.17 -1.53
C LYS A 79 10.24 -11.27 -2.05
N SER A 80 9.01 -11.45 -1.55
CA SER A 80 7.86 -10.66 -1.95
C SER A 80 7.90 -9.35 -1.14
N LEU A 81 7.07 -8.36 -1.48
CA LEU A 81 7.05 -7.06 -0.81
C LEU A 81 5.67 -6.72 -0.26
N CYS A 82 5.60 -5.88 0.76
CA CYS A 82 4.35 -5.44 1.39
C CYS A 82 4.49 -3.99 1.88
N MET A 83 3.39 -3.38 2.33
CA MET A 83 3.30 -2.00 2.82
C MET A 83 2.49 -2.00 4.13
N GLY A 84 2.95 -1.28 5.14
CA GLY A 84 2.34 -1.17 6.46
C GLY A 84 1.26 -0.10 6.52
N ILE A 85 0.02 -0.53 6.77
CA ILE A 85 -1.16 0.32 6.86
C ILE A 85 -1.89 -0.12 8.13
N ASN A 86 -2.12 0.81 9.05
CA ASN A 86 -2.79 0.62 10.34
C ASN A 86 -2.11 -0.50 11.15
N ASP A 87 -0.78 -0.53 11.04
CA ASP A 87 0.14 -1.46 11.70
C ASP A 87 0.05 -2.91 11.17
N ARG A 88 -0.61 -3.12 10.02
CA ARG A 88 -0.78 -4.41 9.36
C ARG A 88 -0.08 -4.34 8.01
N TYR A 89 0.63 -5.40 7.62
CA TYR A 89 1.35 -5.44 6.37
C TYR A 89 0.47 -6.01 5.26
N TYR A 90 0.17 -5.20 4.25
CA TYR A 90 -0.65 -5.55 3.11
C TYR A 90 0.29 -5.73 1.91
N LYS A 91 0.24 -6.89 1.26
CA LYS A 91 1.07 -7.20 0.10
C LYS A 91 0.84 -6.22 -1.05
N ILE A 92 1.82 -6.09 -1.93
CA ILE A 92 1.75 -5.22 -3.09
C ILE A 92 1.96 -6.08 -4.34
N LEU A 93 1.13 -5.88 -5.37
CA LEU A 93 1.17 -6.61 -6.64
C LEU A 93 1.24 -5.57 -7.78
N PRO A 94 1.70 -5.96 -8.98
CA PRO A 94 1.79 -5.03 -10.10
C PRO A 94 0.38 -4.70 -10.58
N GLU A 95 0.20 -3.53 -11.19
CA GLU A 95 -1.14 -3.18 -11.70
C GLU A 95 -1.55 -4.12 -12.84
N SER A 96 -0.57 -4.78 -13.46
CA SER A 96 -0.76 -5.74 -14.54
C SER A 96 -1.56 -6.96 -14.07
N ASP A 97 -1.64 -7.21 -12.75
CA ASP A 97 -2.35 -8.34 -12.17
C ASP A 97 -3.85 -8.11 -11.96
N LYS A 98 -4.37 -6.94 -12.35
CA LYS A 98 -5.80 -6.64 -12.21
C LYS A 98 -6.64 -7.72 -12.90
N GLY A 99 -7.88 -7.90 -12.44
CA GLY A 99 -8.81 -8.90 -12.98
C GLY A 99 -8.96 -10.10 -12.04
N ALA A 100 -7.99 -10.34 -11.14
CA ALA A 100 -8.02 -11.44 -10.17
C ALA A 100 -7.83 -10.92 -8.75
N VAL A 101 -7.41 -9.66 -8.62
CA VAL A 101 -7.16 -8.99 -7.37
C VAL A 101 -7.65 -7.55 -7.53
N LYS A 102 -7.97 -6.91 -6.40
CA LYS A 102 -8.46 -5.56 -6.30
C LYS A 102 -7.62 -4.84 -5.24
N ALA A 103 -7.70 -3.51 -5.22
CA ALA A 103 -6.98 -2.72 -4.24
C ALA A 103 -7.54 -3.05 -2.85
N LEU A 104 -6.81 -2.68 -1.81
CA LEU A 104 -7.25 -2.95 -0.45
C LEU A 104 -8.58 -2.24 -0.14
N ARG A 105 -9.28 -2.71 0.89
CA ARG A 105 -10.58 -2.19 1.32
C ARG A 105 -10.46 -1.41 2.60
N LEU A 106 -11.07 -0.23 2.62
CA LEU A 106 -11.11 0.67 3.77
C LEU A 106 -11.86 0.02 4.93
N GLN A 107 -12.73 -0.95 4.63
CA GLN A 107 -13.55 -1.66 5.61
C GLN A 107 -12.73 -2.42 6.67
N ASN A 108 -11.40 -2.52 6.51
CA ASN A 108 -10.51 -3.19 7.46
C ASN A 108 -10.10 -2.24 8.59
N PHE A 109 -10.45 -0.96 8.47
CA PHE A 109 -10.07 0.08 9.42
C PHE A 109 -11.30 0.79 9.95
N TYR A 1 22.07 -9.44 -4.60
CA TYR A 1 21.60 -8.40 -3.68
C TYR A 1 20.72 -7.41 -4.44
N GLN A 2 19.55 -7.08 -3.89
CA GLN A 2 18.63 -6.14 -4.51
C GLN A 2 19.34 -4.78 -4.47
N THR A 3 19.24 -3.99 -5.53
CA THR A 3 19.88 -2.69 -5.58
C THR A 3 18.95 -1.59 -6.10
N SER A 4 17.67 -1.88 -6.40
CA SER A 4 16.70 -0.90 -6.89
C SER A 4 16.20 0.00 -5.75
N HIS A 5 17.12 0.53 -4.95
CA HIS A 5 16.87 1.43 -3.83
C HIS A 5 16.67 2.83 -4.41
N LYS A 6 15.65 2.97 -5.26
CA LYS A 6 15.26 4.20 -5.93
C LYS A 6 13.99 4.69 -5.24
N LYS A 7 13.57 5.93 -5.51
CA LYS A 7 12.36 6.46 -4.87
C LYS A 7 11.13 5.65 -5.30
N VAL A 8 10.10 5.66 -4.46
CA VAL A 8 8.84 5.00 -4.68
C VAL A 8 7.92 6.17 -5.08
N ARG A 9 7.42 6.15 -6.31
CA ARG A 9 6.55 7.22 -6.78
C ARG A 9 5.16 6.95 -6.24
N PHE A 10 4.65 7.79 -5.35
CA PHE A 10 3.30 7.62 -4.82
C PHE A 10 2.38 8.27 -5.85
N ASP A 11 1.14 7.81 -6.00
CA ASP A 11 0.25 8.43 -6.98
C ASP A 11 -0.20 9.81 -6.52
N GLU A 12 -0.36 9.95 -5.20
CA GLU A 12 -0.76 11.15 -4.47
C GLU A 12 -2.21 11.56 -4.77
N GLY A 13 -2.98 11.95 -3.74
CA GLY A 13 -4.37 12.37 -3.90
C GLY A 13 -5.24 11.32 -4.60
N SER A 14 -4.86 10.05 -4.51
CA SER A 14 -5.52 8.91 -5.13
C SER A 14 -5.52 7.70 -4.18
N TYR A 15 -6.15 6.62 -4.65
CA TYR A 15 -6.29 5.33 -4.00
C TYR A 15 -4.92 4.64 -4.08
N THR A 16 -4.83 3.35 -3.77
CA THR A 16 -3.52 2.74 -3.77
C THR A 16 -3.10 2.39 -5.19
N ASN A 17 -1.96 2.98 -5.54
CA ASN A 17 -1.20 2.92 -6.77
C ASN A 17 0.16 3.53 -6.45
N PHE A 18 1.25 3.06 -7.06
CA PHE A 18 2.60 3.58 -6.89
C PHE A 18 3.49 2.95 -7.97
N ILE A 19 4.71 3.47 -8.16
CA ILE A 19 5.63 2.95 -9.16
C ILE A 19 6.99 2.74 -8.51
N TYR A 20 7.38 1.47 -8.42
CA TYR A 20 8.66 1.02 -7.88
C TYR A 20 9.36 0.27 -9.00
N ASP A 21 10.69 0.45 -9.13
CA ASP A 21 11.53 -0.20 -10.15
C ASP A 21 10.97 0.04 -11.57
N ASN A 22 10.35 1.21 -11.74
CA ASN A 22 9.70 1.72 -12.94
C ASN A 22 8.59 0.78 -13.43
N LYS A 23 7.97 0.05 -12.51
CA LYS A 23 6.89 -0.90 -12.73
C LYS A 23 5.74 -0.42 -11.86
N SER A 24 4.55 -0.35 -12.44
CA SER A 24 3.34 0.07 -11.74
C SER A 24 2.95 -1.04 -10.77
N TYR A 25 2.51 -0.65 -9.59
CA TYR A 25 2.11 -1.51 -8.49
C TYR A 25 0.97 -0.85 -7.72
N PHE A 26 0.24 -1.62 -6.93
CA PHE A 26 -0.86 -1.14 -6.11
C PHE A 26 -0.94 -1.99 -4.85
N VAL A 27 -1.62 -1.48 -3.82
CA VAL A 27 -1.79 -2.20 -2.56
C VAL A 27 -3.12 -2.93 -2.59
N THR A 28 -3.06 -4.23 -2.32
CA THR A 28 -4.19 -5.15 -2.28
C THR A 28 -4.71 -5.31 -0.86
N ASP A 29 -5.85 -6.00 -0.71
CA ASP A 29 -6.51 -6.30 0.55
C ASP A 29 -5.84 -7.47 1.30
N LYS A 30 -4.91 -8.16 0.65
CA LYS A 30 -4.17 -9.30 1.17
C LYS A 30 -3.22 -8.86 2.28
N GLU A 31 -3.56 -9.10 3.54
CA GLU A 31 -2.71 -8.74 4.66
C GLU A 31 -1.84 -9.94 5.01
N ILE A 32 -0.57 -9.72 5.37
CA ILE A 32 0.37 -10.76 5.74
C ILE A 32 0.78 -10.60 7.21
N PRO A 33 0.96 -11.72 7.93
CA PRO A 33 1.37 -11.72 9.32
C PRO A 33 2.87 -11.46 9.44
N GLN A 34 3.29 -10.84 10.54
CA GLN A 34 4.69 -10.52 10.79
C GLN A 34 5.61 -11.73 10.67
N GLU A 35 5.13 -12.93 10.97
CA GLU A 35 5.91 -14.15 10.88
C GLU A 35 6.35 -14.44 9.44
N ASN A 36 5.67 -13.87 8.45
CA ASN A 36 6.01 -14.08 7.03
C ASN A 36 6.88 -12.94 6.48
N VAL A 37 6.97 -11.81 7.19
CA VAL A 37 7.76 -10.65 6.79
C VAL A 37 9.23 -10.96 7.05
N ASN A 38 10.04 -10.95 6.01
CA ASN A 38 11.46 -11.23 6.11
C ASN A 38 12.23 -10.04 6.69
N ASN A 39 12.22 -8.89 6.00
CA ASN A 39 12.94 -7.68 6.42
C ASN A 39 12.37 -6.44 5.75
N SER A 40 12.84 -5.26 6.13
CA SER A 40 12.43 -3.98 5.58
C SER A 40 12.76 -3.86 4.10
N LYS A 41 12.15 -2.91 3.40
CA LYS A 41 12.40 -2.69 1.98
C LYS A 41 12.59 -1.20 1.72
N VAL A 42 11.65 -0.36 2.15
CA VAL A 42 11.74 1.08 1.96
C VAL A 42 11.14 1.78 3.17
N LYS A 43 11.85 2.79 3.71
CA LYS A 43 11.43 3.55 4.88
C LYS A 43 11.03 4.95 4.45
N PHE A 44 9.75 5.08 4.19
CA PHE A 44 9.04 6.28 3.78
C PHE A 44 7.81 6.35 4.67
N TYR A 45 7.25 7.54 4.84
CA TYR A 45 6.07 7.85 5.66
C TYR A 45 5.15 8.77 4.86
N LYS A 46 3.92 8.34 4.55
CA LYS A 46 2.93 9.11 3.83
C LYS A 46 1.57 8.73 4.37
N LEU A 47 0.70 9.71 4.58
CA LEU A 47 -0.66 9.56 5.09
C LEU A 47 -1.57 10.42 4.22
N LEU A 48 -2.79 9.97 4.01
CA LEU A 48 -3.85 10.61 3.23
C LEU A 48 -5.19 10.16 3.82
N ILE A 49 -6.30 10.77 3.41
CA ILE A 49 -7.63 10.46 3.92
C ILE A 49 -8.56 10.17 2.76
N VAL A 50 -9.26 9.04 2.83
CA VAL A 50 -10.18 8.54 1.81
C VAL A 50 -11.61 8.47 2.37
N ASP A 51 -12.56 8.91 1.56
CA ASP A 51 -14.01 8.98 1.79
C ASP A 51 -14.69 7.65 1.49
N MET A 52 -15.31 6.99 2.47
CA MET A 52 -16.01 5.73 2.25
C MET A 52 -17.28 5.90 1.39
N LYS A 53 -17.78 7.13 1.18
CA LYS A 53 -18.96 7.39 0.35
C LYS A 53 -18.67 7.15 -1.14
N SER A 54 -17.62 7.78 -1.66
CA SER A 54 -17.22 7.69 -3.07
C SER A 54 -15.80 7.19 -3.33
N GLU A 55 -15.09 6.67 -2.33
CA GLU A 55 -13.70 6.16 -2.45
C GLU A 55 -12.71 7.22 -2.96
N LYS A 56 -13.05 8.51 -2.81
CA LYS A 56 -12.21 9.62 -3.24
C LYS A 56 -11.40 10.16 -2.07
N LEU A 57 -10.35 10.90 -2.37
CA LEU A 57 -9.49 11.48 -1.36
C LEU A 57 -10.11 12.79 -0.88
N LEU A 58 -9.81 13.18 0.37
CA LEU A 58 -10.32 14.40 0.99
C LEU A 58 -9.18 15.14 1.70
N SER A 59 -9.40 16.43 1.99
CA SER A 59 -8.43 17.25 2.70
C SER A 59 -8.49 16.97 4.21
N SER A 60 -9.63 16.52 4.75
CA SER A 60 -9.81 16.21 6.16
C SER A 60 -10.75 15.00 6.29
N SER A 61 -10.70 14.30 7.43
CA SER A 61 -11.51 13.12 7.67
C SER A 61 -12.87 13.40 8.28
N ASN A 62 -13.91 13.07 7.53
CA ASN A 62 -15.29 13.19 8.00
C ASN A 62 -15.59 11.88 8.73
N LYS A 63 -16.74 11.79 9.38
CA LYS A 63 -17.16 10.57 10.08
C LYS A 63 -17.33 9.38 9.12
N ASN A 64 -17.47 9.66 7.82
CA ASN A 64 -17.65 8.67 6.75
C ASN A 64 -16.34 8.50 5.98
N SER A 65 -15.20 8.92 6.53
CA SER A 65 -13.88 8.83 5.93
C SER A 65 -12.95 8.09 6.89
N VAL A 66 -11.87 7.55 6.35
CA VAL A 66 -10.86 6.80 7.08
C VAL A 66 -9.48 7.31 6.64
N THR A 67 -8.54 7.34 7.57
CA THR A 67 -7.17 7.79 7.35
C THR A 67 -6.33 6.56 7.00
N LEU A 68 -5.44 6.64 6.00
CA LEU A 68 -4.58 5.52 5.59
C LEU A 68 -3.15 6.02 5.52
N VAL A 69 -2.23 5.22 6.04
CA VAL A 69 -0.82 5.53 6.04
C VAL A 69 -0.25 4.56 5.01
N LEU A 70 0.08 5.00 3.79
CA LEU A 70 0.62 4.14 2.74
C LEU A 70 2.11 4.32 2.84
N ASN A 71 2.75 3.46 3.61
CA ASN A 71 4.17 3.57 3.86
C ASN A 71 4.78 2.32 4.48
N ASN A 72 6.01 2.40 5.01
CA ASN A 72 6.66 1.27 5.69
C ASN A 72 6.64 -0.01 4.84
N ILE A 73 7.39 0.01 3.74
CA ILE A 73 7.48 -1.10 2.79
C ILE A 73 8.45 -2.17 3.32
N TYR A 74 8.04 -3.43 3.24
CA TYR A 74 8.78 -4.62 3.69
C TYR A 74 8.71 -5.73 2.63
N GLU A 75 9.52 -6.77 2.85
CA GLU A 75 9.66 -7.95 2.02
C GLU A 75 9.15 -9.17 2.77
N ALA A 76 8.81 -10.23 2.06
CA ALA A 76 8.31 -11.49 2.59
C ALA A 76 9.28 -12.62 2.31
N SER A 77 9.04 -13.77 2.94
CA SER A 77 9.86 -14.97 2.77
C SER A 77 9.91 -15.44 1.30
N ASP A 78 8.90 -15.11 0.50
CA ASP A 78 8.82 -15.51 -0.92
C ASP A 78 9.28 -14.40 -1.85
N LYS A 79 9.96 -13.36 -1.35
CA LYS A 79 10.45 -12.20 -2.09
C LYS A 79 9.33 -11.26 -2.55
N SER A 80 8.09 -11.55 -2.18
CA SER A 80 6.94 -10.71 -2.47
C SER A 80 7.13 -9.47 -1.58
N LEU A 81 6.50 -8.35 -1.92
CA LEU A 81 6.62 -7.10 -1.17
C LEU A 81 5.28 -6.72 -0.53
N CYS A 82 5.30 -5.92 0.54
CA CYS A 82 4.10 -5.43 1.23
C CYS A 82 4.32 -3.99 1.72
N MET A 83 3.26 -3.34 2.21
CA MET A 83 3.24 -1.96 2.70
C MET A 83 2.47 -1.93 4.02
N GLY A 84 2.97 -1.19 5.01
CA GLY A 84 2.41 -1.03 6.34
C GLY A 84 1.34 0.04 6.32
N ILE A 85 0.15 -0.34 6.76
CA ILE A 85 -1.03 0.51 6.82
C ILE A 85 -1.79 0.12 8.07
N ASN A 86 -2.00 1.05 9.00
CA ASN A 86 -2.73 0.81 10.25
C ASN A 86 -2.13 -0.39 11.01
N ASP A 87 -0.79 -0.40 11.09
CA ASP A 87 0.02 -1.43 11.77
C ASP A 87 -0.15 -2.84 11.20
N ARG A 88 -0.70 -2.95 9.99
CA ARG A 88 -0.97 -4.19 9.27
C ARG A 88 -0.25 -4.12 7.93
N TYR A 89 0.38 -5.22 7.52
CA TYR A 89 1.13 -5.27 6.27
C TYR A 89 0.25 -5.80 5.14
N TYR A 90 -0.01 -4.99 4.12
CA TYR A 90 -0.83 -5.34 2.96
C TYR A 90 0.09 -5.56 1.75
N LYS A 91 -0.05 -6.73 1.10
CA LYS A 91 0.75 -7.10 -0.05
C LYS A 91 0.50 -6.14 -1.21
N ILE A 92 1.55 -5.89 -1.98
CA ILE A 92 1.48 -5.02 -3.14
C ILE A 92 1.70 -5.91 -4.36
N LEU A 93 0.85 -5.76 -5.37
CA LEU A 93 0.88 -6.53 -6.60
C LEU A 93 0.97 -5.59 -7.81
N PRO A 94 1.47 -6.08 -8.96
CA PRO A 94 1.56 -5.26 -10.16
C PRO A 94 0.14 -5.11 -10.71
N GLU A 95 -0.22 -3.94 -11.23
CA GLU A 95 -1.57 -3.72 -11.76
C GLU A 95 -1.94 -4.69 -12.91
N SER A 96 -0.97 -5.40 -13.48
CA SER A 96 -1.22 -6.37 -14.53
C SER A 96 -1.98 -7.58 -13.94
N ASP A 97 -2.02 -7.76 -12.62
CA ASP A 97 -2.71 -8.86 -11.95
C ASP A 97 -4.16 -8.52 -11.59
N LYS A 98 -4.60 -7.27 -11.79
CA LYS A 98 -5.96 -6.83 -11.50
C LYS A 98 -6.95 -7.70 -12.26
N GLY A 99 -8.20 -7.73 -11.79
CA GLY A 99 -9.25 -8.55 -12.37
C GLY A 99 -9.36 -9.85 -11.58
N ALA A 100 -8.29 -10.25 -10.89
CA ALA A 100 -8.19 -11.42 -10.02
C ALA A 100 -7.98 -10.98 -8.58
N VAL A 101 -7.79 -9.68 -8.38
CA VAL A 101 -7.56 -8.96 -7.15
C VAL A 101 -7.97 -7.52 -7.43
N LYS A 102 -8.29 -6.77 -6.38
CA LYS A 102 -8.67 -5.37 -6.43
C LYS A 102 -7.91 -4.67 -5.29
N ALA A 103 -7.95 -3.35 -5.25
CA ALA A 103 -7.26 -2.59 -4.23
C ALA A 103 -7.81 -2.91 -2.85
N LEU A 104 -7.02 -2.55 -1.82
CA LEU A 104 -7.36 -2.79 -0.43
C LEU A 104 -8.67 -2.10 -0.01
N ARG A 105 -9.23 -2.53 1.12
CA ARG A 105 -10.49 -2.02 1.64
C ARG A 105 -10.31 -1.33 2.98
N LEU A 106 -11.01 -0.22 3.17
CA LEU A 106 -10.95 0.58 4.40
C LEU A 106 -11.66 -0.16 5.54
N GLN A 107 -12.52 -1.11 5.20
CA GLN A 107 -13.32 -1.91 6.11
C GLN A 107 -12.46 -2.82 7.01
N ASN A 108 -11.14 -2.82 6.84
CA ASN A 108 -10.20 -3.59 7.66
C ASN A 108 -9.67 -2.71 8.82
N PHE A 109 -10.11 -1.46 8.92
CA PHE A 109 -9.68 -0.50 9.92
C PHE A 109 -10.86 0.05 10.70
N TYR A 1 19.41 -9.25 -5.07
CA TYR A 1 20.81 -8.85 -5.27
C TYR A 1 20.94 -7.35 -5.57
N GLN A 2 20.04 -6.72 -6.34
CA GLN A 2 20.14 -5.28 -6.63
C GLN A 2 20.05 -4.52 -5.30
N THR A 3 20.83 -3.45 -5.13
CA THR A 3 20.85 -2.66 -3.89
C THR A 3 20.98 -1.17 -4.20
N SER A 4 19.93 -0.39 -4.00
CA SER A 4 19.89 1.05 -4.21
C SER A 4 18.65 1.57 -3.49
N HIS A 5 18.59 2.89 -3.28
CA HIS A 5 17.47 3.55 -2.60
C HIS A 5 16.12 3.20 -3.24
N LYS A 6 16.05 3.08 -4.57
CA LYS A 6 14.86 2.76 -5.35
C LYS A 6 13.66 3.58 -4.84
N LYS A 7 13.82 4.92 -4.80
CA LYS A 7 12.78 5.85 -4.35
C LYS A 7 11.45 5.48 -4.99
N VAL A 8 10.47 5.15 -4.16
CA VAL A 8 9.15 4.75 -4.56
C VAL A 8 8.34 6.01 -4.87
N ARG A 9 7.56 5.97 -5.95
CA ARG A 9 6.71 7.05 -6.40
C ARG A 9 5.30 6.62 -6.09
N PHE A 10 4.50 7.51 -5.51
CA PHE A 10 3.12 7.25 -5.17
C PHE A 10 2.25 7.94 -6.22
N ASP A 11 0.99 7.51 -6.31
CA ASP A 11 0.04 8.11 -7.25
C ASP A 11 -0.23 9.54 -6.83
N GLU A 12 -0.20 9.74 -5.51
CA GLU A 12 -0.39 10.97 -4.76
C GLU A 12 -1.80 11.55 -4.91
N GLY A 13 -2.37 12.04 -3.80
CA GLY A 13 -3.73 12.58 -3.78
C GLY A 13 -4.71 11.54 -4.35
N SER A 14 -4.39 10.26 -4.21
CA SER A 14 -5.11 9.12 -4.70
C SER A 14 -5.13 7.98 -3.67
N TYR A 15 -5.82 6.92 -4.06
CA TYR A 15 -6.08 5.64 -3.43
C TYR A 15 -4.78 4.81 -3.49
N THR A 16 -4.80 3.52 -3.17
CA THR A 16 -3.53 2.82 -3.20
C THR A 16 -3.23 2.44 -4.65
N ASN A 17 -2.10 2.98 -5.10
CA ASN A 17 -1.45 2.86 -6.38
C ASN A 17 -0.06 3.50 -6.19
N PHE A 18 0.99 2.99 -6.84
CA PHE A 18 2.35 3.52 -6.75
C PHE A 18 3.20 2.91 -7.89
N ILE A 19 4.48 3.29 -8.02
CA ILE A 19 5.39 2.78 -9.06
C ILE A 19 6.71 2.43 -8.38
N TYR A 20 7.15 1.19 -8.56
CA TYR A 20 8.40 0.66 -8.02
C TYR A 20 9.06 -0.20 -9.10
N ASP A 21 10.38 -0.07 -9.16
CA ASP A 21 11.28 -0.77 -10.06
C ASP A 21 10.83 -0.72 -11.53
N ASN A 22 10.35 0.45 -11.94
CA ASN A 22 9.87 0.81 -13.27
C ASN A 22 8.59 0.08 -13.69
N LYS A 23 7.78 -0.40 -12.73
CA LYS A 23 6.52 -1.09 -12.99
C LYS A 23 5.43 -0.48 -12.14
N SER A 24 4.20 -0.57 -12.62
CA SER A 24 3.05 -0.06 -11.92
C SER A 24 2.70 -1.08 -10.84
N TYR A 25 2.27 -0.60 -9.69
CA TYR A 25 1.93 -1.47 -8.56
C TYR A 25 0.78 -0.88 -7.74
N PHE A 26 0.13 -1.72 -6.95
CA PHE A 26 -0.97 -1.30 -6.08
C PHE A 26 -0.99 -2.18 -4.83
N VAL A 27 -1.62 -1.71 -3.76
CA VAL A 27 -1.72 -2.42 -2.50
C VAL A 27 -3.02 -3.23 -2.53
N THR A 28 -2.95 -4.53 -2.25
CA THR A 28 -4.09 -5.42 -2.27
C THR A 28 -4.62 -5.66 -0.87
N ASP A 29 -5.77 -6.33 -0.78
CA ASP A 29 -6.49 -6.69 0.45
C ASP A 29 -5.86 -7.87 1.18
N LYS A 30 -4.84 -8.48 0.58
CA LYS A 30 -4.13 -9.60 1.14
C LYS A 30 -3.10 -9.12 2.14
N GLU A 31 -3.40 -9.29 3.42
CA GLU A 31 -2.53 -8.91 4.52
C GLU A 31 -1.68 -10.14 4.85
N ILE A 32 -0.40 -9.95 5.15
CA ILE A 32 0.55 -11.00 5.49
C ILE A 32 0.97 -10.73 6.94
N PRO A 33 1.03 -11.75 7.80
CA PRO A 33 1.40 -11.60 9.19
C PRO A 33 2.88 -11.24 9.33
N GLN A 34 3.24 -10.54 10.41
CA GLN A 34 4.62 -10.16 10.67
C GLN A 34 5.53 -11.40 10.79
N GLU A 35 4.96 -12.53 11.19
CA GLU A 35 5.70 -13.79 11.32
C GLU A 35 6.18 -14.32 9.96
N ASN A 36 5.60 -13.87 8.85
CA ASN A 36 5.94 -14.25 7.46
C ASN A 36 6.87 -13.21 6.83
N VAL A 37 7.02 -12.03 7.43
CA VAL A 37 7.90 -10.98 6.93
C VAL A 37 9.35 -11.44 7.08
N ASN A 38 10.15 -11.14 6.05
CA ASN A 38 11.56 -11.47 5.97
C ASN A 38 12.40 -10.36 6.58
N ASN A 39 12.19 -9.13 6.12
CA ASN A 39 12.91 -7.92 6.56
C ASN A 39 12.27 -6.66 5.97
N SER A 40 12.68 -5.50 6.47
CA SER A 40 12.25 -4.17 6.05
C SER A 40 12.70 -3.93 4.60
N LYS A 41 12.07 -2.96 3.94
CA LYS A 41 12.38 -2.61 2.57
C LYS A 41 12.58 -1.13 2.38
N VAL A 42 11.60 -0.29 2.75
CA VAL A 42 11.75 1.16 2.54
C VAL A 42 11.01 1.95 3.63
N LYS A 43 11.57 3.09 4.05
CA LYS A 43 11.01 3.98 5.06
C LYS A 43 10.82 5.37 4.46
N PHE A 44 9.56 5.72 4.25
CA PHE A 44 8.98 6.97 3.73
C PHE A 44 7.78 7.28 4.63
N TYR A 45 7.34 8.54 4.73
CA TYR A 45 6.20 8.95 5.56
C TYR A 45 5.08 9.52 4.67
N LYS A 46 3.91 8.87 4.60
CA LYS A 46 2.77 9.33 3.79
C LYS A 46 1.47 8.95 4.49
N LEU A 47 0.62 9.94 4.78
CA LEU A 47 -0.68 9.82 5.42
C LEU A 47 -1.65 10.70 4.66
N LEU A 48 -2.88 10.26 4.48
CA LEU A 48 -3.93 10.99 3.78
C LEU A 48 -5.29 10.58 4.34
N ILE A 49 -6.34 11.27 3.93
CA ILE A 49 -7.71 11.01 4.36
C ILE A 49 -8.55 10.78 3.12
N VAL A 50 -9.33 9.70 3.11
CA VAL A 50 -10.22 9.31 2.01
C VAL A 50 -11.63 9.12 2.61
N ASP A 51 -12.70 9.32 1.84
CA ASP A 51 -14.08 9.12 2.31
C ASP A 51 -14.58 7.77 1.79
N MET A 52 -15.09 6.87 2.62
CA MET A 52 -15.58 5.56 2.18
C MET A 52 -16.80 5.69 1.25
N LYS A 53 -17.54 6.80 1.30
CA LYS A 53 -18.74 7.02 0.48
C LYS A 53 -18.45 7.01 -1.01
N SER A 54 -17.52 7.85 -1.43
CA SER A 54 -17.13 7.97 -2.83
C SER A 54 -15.70 7.49 -3.10
N GLU A 55 -14.98 7.06 -2.06
CA GLU A 55 -13.59 6.58 -2.11
C GLU A 55 -12.65 7.65 -2.67
N LYS A 56 -12.93 8.93 -2.37
CA LYS A 56 -12.13 10.06 -2.84
C LYS A 56 -11.40 10.71 -1.69
N LEU A 57 -10.33 11.41 -2.00
CA LEU A 57 -9.49 12.11 -1.05
C LEU A 57 -10.25 13.29 -0.45
N LEU A 58 -10.04 13.53 0.84
CA LEU A 58 -10.65 14.60 1.62
C LEU A 58 -9.58 15.52 2.21
N SER A 59 -10.04 16.57 2.87
CA SER A 59 -9.27 17.60 3.55
C SER A 59 -9.55 17.59 5.06
N SER A 60 -10.36 16.65 5.58
CA SER A 60 -10.66 16.53 6.99
C SER A 60 -11.16 15.10 7.18
N SER A 61 -11.13 14.66 8.42
CA SER A 61 -11.54 13.35 8.85
C SER A 61 -12.96 13.46 9.39
N ASN A 62 -13.88 12.72 8.79
CA ASN A 62 -15.29 12.67 9.18
C ASN A 62 -15.75 11.22 9.41
N LYS A 63 -16.93 11.00 9.99
CA LYS A 63 -17.45 9.65 10.26
C LYS A 63 -17.44 8.70 9.06
N ASN A 64 -17.79 9.16 7.86
CA ASN A 64 -17.83 8.34 6.66
C ASN A 64 -16.42 8.13 6.09
N SER A 65 -15.39 8.71 6.68
CA SER A 65 -14.02 8.63 6.24
C SER A 65 -13.17 7.85 7.24
N VAL A 66 -12.00 7.45 6.76
CA VAL A 66 -10.94 6.70 7.41
C VAL A 66 -9.65 7.25 6.82
N THR A 67 -8.69 7.51 7.70
CA THR A 67 -7.37 8.02 7.35
C THR A 67 -6.53 6.80 6.99
N LEU A 68 -5.62 6.92 6.01
CA LEU A 68 -4.75 5.83 5.60
C LEU A 68 -3.32 6.34 5.63
N VAL A 69 -2.41 5.46 6.00
CA VAL A 69 -0.98 5.73 6.07
C VAL A 69 -0.39 4.72 5.09
N LEU A 70 0.01 5.16 3.89
CA LEU A 70 0.59 4.31 2.84
C LEU A 70 2.09 4.46 2.94
N ASN A 71 2.74 3.56 3.68
CA ASN A 71 4.18 3.66 3.91
C ASN A 71 4.78 2.40 4.56
N ASN A 72 6.02 2.51 5.03
CA ASN A 72 6.76 1.49 5.76
C ASN A 72 6.72 0.13 5.07
N ILE A 73 7.40 0.05 3.91
CA ILE A 73 7.48 -1.15 3.06
C ILE A 73 8.38 -2.24 3.69
N TYR A 74 8.01 -3.51 3.49
CA TYR A 74 8.66 -4.73 3.96
C TYR A 74 8.67 -5.78 2.84
N GLU A 75 9.43 -6.86 3.05
CA GLU A 75 9.59 -7.99 2.15
C GLU A 75 9.16 -9.25 2.89
N ALA A 76 8.74 -10.26 2.14
CA ALA A 76 8.29 -11.55 2.62
C ALA A 76 9.31 -12.63 2.26
N SER A 77 9.19 -13.81 2.85
CA SER A 77 10.08 -14.93 2.57
C SER A 77 9.97 -15.37 1.10
N ASP A 78 8.81 -15.14 0.46
CA ASP A 78 8.56 -15.50 -0.95
C ASP A 78 9.07 -14.40 -1.88
N LYS A 79 9.92 -13.50 -1.36
CA LYS A 79 10.51 -12.37 -2.08
C LYS A 79 9.43 -11.35 -2.47
N SER A 80 8.17 -11.54 -2.05
CA SER A 80 7.11 -10.59 -2.34
C SER A 80 7.34 -9.36 -1.46
N LEU A 81 6.67 -8.27 -1.80
CA LEU A 81 6.78 -7.02 -1.09
C LEU A 81 5.43 -6.67 -0.48
N CYS A 82 5.44 -5.87 0.58
CA CYS A 82 4.23 -5.43 1.26
C CYS A 82 4.42 -4.02 1.84
N MET A 83 3.34 -3.36 2.26
CA MET A 83 3.32 -2.01 2.81
C MET A 83 2.52 -1.98 4.11
N GLY A 84 2.98 -1.20 5.09
CA GLY A 84 2.35 -1.02 6.38
C GLY A 84 1.26 0.03 6.32
N ILE A 85 0.04 -0.37 6.67
CA ILE A 85 -1.15 0.45 6.68
C ILE A 85 -1.90 0.01 7.94
N ASN A 86 -2.07 0.92 8.90
CA ASN A 86 -2.78 0.65 10.16
C ASN A 86 -2.20 -0.59 10.86
N ASP A 87 -0.87 -0.57 11.02
CA ASP A 87 -0.02 -1.60 11.64
C ASP A 87 -0.01 -2.96 10.95
N ARG A 88 -0.81 -3.13 9.89
CA ARG A 88 -0.97 -4.35 9.13
C ARG A 88 -0.18 -4.22 7.85
N TYR A 89 0.49 -5.29 7.46
CA TYR A 89 1.28 -5.31 6.26
C TYR A 89 0.43 -5.92 5.14
N TYR A 90 0.14 -5.13 4.10
CA TYR A 90 -0.66 -5.52 2.94
C TYR A 90 0.26 -5.71 1.74
N LYS A 91 0.13 -6.87 1.09
CA LYS A 91 0.94 -7.22 -0.08
C LYS A 91 0.65 -6.27 -1.23
N ILE A 92 1.65 -6.06 -2.09
CA ILE A 92 1.54 -5.18 -3.24
C ILE A 92 1.79 -6.04 -4.49
N LEU A 93 0.94 -5.89 -5.51
CA LEU A 93 1.01 -6.65 -6.75
C LEU A 93 1.05 -5.70 -7.95
N PRO A 94 1.50 -6.17 -9.13
CA PRO A 94 1.57 -5.35 -10.33
C PRO A 94 0.16 -5.06 -10.83
N GLU A 95 0.01 -3.95 -11.54
CA GLU A 95 -1.27 -3.54 -12.13
C GLU A 95 -1.81 -4.65 -13.05
N SER A 96 -0.92 -5.51 -13.54
CA SER A 96 -1.22 -6.64 -14.41
C SER A 96 -2.23 -7.59 -13.76
N ASP A 97 -2.36 -7.58 -12.43
CA ASP A 97 -3.27 -8.42 -11.66
C ASP A 97 -4.73 -7.95 -11.73
N LYS A 98 -5.02 -6.86 -12.46
CA LYS A 98 -6.37 -6.35 -12.62
C LYS A 98 -7.31 -7.42 -13.17
N GLY A 99 -8.54 -7.42 -12.70
CA GLY A 99 -9.60 -8.35 -13.08
C GLY A 99 -9.83 -9.39 -11.98
N ALA A 100 -8.77 -9.92 -11.37
CA ALA A 100 -8.89 -10.90 -10.29
C ALA A 100 -8.43 -10.34 -8.96
N VAL A 101 -7.70 -9.23 -8.97
CA VAL A 101 -7.19 -8.56 -7.78
C VAL A 101 -7.58 -7.09 -7.89
N LYS A 102 -7.91 -6.49 -6.76
CA LYS A 102 -8.33 -5.10 -6.65
C LYS A 102 -7.61 -4.46 -5.47
N ALA A 103 -7.70 -3.13 -5.36
CA ALA A 103 -7.06 -2.44 -4.27
C ALA A 103 -7.76 -2.82 -2.95
N LEU A 104 -7.03 -2.63 -1.85
CA LEU A 104 -7.54 -2.95 -0.52
C LEU A 104 -8.73 -2.07 -0.14
N ARG A 105 -9.48 -2.46 0.89
CA ARG A 105 -10.65 -1.74 1.38
C ARG A 105 -10.38 -1.20 2.78
N LEU A 106 -10.77 0.05 2.99
CA LEU A 106 -10.61 0.80 4.23
C LEU A 106 -11.44 0.19 5.36
N GLN A 107 -12.33 -0.75 5.02
CA GLN A 107 -13.19 -1.46 5.95
C GLN A 107 -12.37 -2.24 6.99
N ASN A 108 -11.12 -2.61 6.67
CA ASN A 108 -10.28 -3.38 7.58
C ASN A 108 -9.76 -2.55 8.75
N PHE A 109 -10.12 -1.27 8.83
CA PHE A 109 -9.69 -0.34 9.84
C PHE A 109 -10.88 0.06 10.70
N TYR A 1 20.12 -9.79 -9.12
CA TYR A 1 19.77 -9.37 -7.76
C TYR A 1 20.80 -8.33 -7.32
N GLN A 2 20.47 -7.04 -7.37
CA GLN A 2 21.38 -5.99 -6.95
C GLN A 2 20.56 -4.92 -6.23
N THR A 3 19.83 -4.05 -6.93
CA THR A 3 19.08 -3.02 -6.24
C THR A 3 17.85 -3.64 -5.54
N SER A 4 17.75 -3.45 -4.21
CA SER A 4 16.67 -3.95 -3.37
C SER A 4 16.00 -2.84 -2.54
N HIS A 5 16.64 -1.68 -2.34
CA HIS A 5 16.14 -0.55 -1.57
C HIS A 5 16.25 0.72 -2.41
N LYS A 6 15.15 1.17 -3.02
CA LYS A 6 15.13 2.38 -3.86
C LYS A 6 13.94 3.26 -3.54
N LYS A 7 13.99 4.49 -4.04
CA LYS A 7 12.95 5.51 -3.89
C LYS A 7 11.63 5.01 -4.47
N VAL A 8 10.49 5.52 -4.02
CA VAL A 8 9.17 5.14 -4.51
C VAL A 8 8.40 6.41 -4.88
N ARG A 9 7.45 6.29 -5.82
CA ARG A 9 6.59 7.35 -6.33
C ARG A 9 5.20 6.83 -6.01
N PHE A 10 4.35 7.53 -5.25
CA PHE A 10 3.02 7.07 -4.87
C PHE A 10 1.91 7.77 -5.63
N ASP A 11 0.69 7.42 -5.28
CA ASP A 11 -0.59 7.88 -5.78
C ASP A 11 -0.82 9.38 -5.68
N GLU A 12 -0.28 9.98 -4.62
CA GLU A 12 -0.34 11.38 -4.29
C GLU A 12 -1.69 12.05 -4.59
N GLY A 13 -2.66 11.66 -3.79
CA GLY A 13 -4.03 12.16 -3.88
C GLY A 13 -4.96 11.17 -4.59
N SER A 14 -4.62 9.88 -4.53
CA SER A 14 -5.39 8.81 -5.16
C SER A 14 -5.47 7.60 -4.23
N TYR A 15 -6.16 6.56 -4.68
CA TYR A 15 -6.33 5.31 -3.98
C TYR A 15 -4.99 4.57 -4.06
N THR A 16 -4.89 3.30 -3.69
CA THR A 16 -3.56 2.71 -3.67
C THR A 16 -3.13 2.34 -5.08
N ASN A 17 -1.99 2.95 -5.43
CA ASN A 17 -1.23 2.90 -6.66
C ASN A 17 0.13 3.51 -6.34
N PHE A 18 1.21 3.06 -6.96
CA PHE A 18 2.57 3.56 -6.79
C PHE A 18 3.44 2.99 -7.91
N ILE A 19 4.69 3.44 -8.05
CA ILE A 19 5.60 2.96 -9.10
C ILE A 19 6.96 2.68 -8.47
N TYR A 20 7.41 1.44 -8.62
CA TYR A 20 8.69 0.96 -8.14
C TYR A 20 9.35 0.19 -9.27
N ASP A 21 10.66 0.40 -9.46
CA ASP A 21 11.48 -0.23 -10.49
C ASP A 21 10.90 -0.07 -11.90
N ASN A 22 10.27 1.08 -12.13
CA ASN A 22 9.62 1.54 -13.37
C ASN A 22 8.33 0.78 -13.68
N LYS A 23 7.83 -0.01 -12.74
CA LYS A 23 6.63 -0.82 -12.91
C LYS A 23 5.56 -0.24 -12.02
N SER A 24 4.36 -0.20 -12.56
CA SER A 24 3.19 0.31 -11.86
C SER A 24 2.79 -0.80 -10.91
N TYR A 25 2.49 -0.42 -9.68
CA TYR A 25 2.12 -1.30 -8.60
C TYR A 25 0.97 -0.70 -7.81
N PHE A 26 0.33 -1.50 -6.97
CA PHE A 26 -0.77 -1.07 -6.11
C PHE A 26 -0.74 -1.91 -4.83
N VAL A 27 -1.55 -1.53 -3.85
CA VAL A 27 -1.63 -2.24 -2.58
C VAL A 27 -2.93 -3.03 -2.59
N THR A 28 -2.81 -4.34 -2.38
CA THR A 28 -3.90 -5.30 -2.36
C THR A 28 -4.41 -5.51 -0.92
N ASP A 29 -5.54 -6.20 -0.76
CA ASP A 29 -6.16 -6.52 0.53
C ASP A 29 -5.48 -7.71 1.20
N LYS A 30 -4.60 -8.41 0.50
CA LYS A 30 -3.85 -9.55 1.02
C LYS A 30 -2.88 -9.07 2.10
N GLU A 31 -3.24 -9.21 3.36
CA GLU A 31 -2.39 -8.82 4.48
C GLU A 31 -1.45 -10.00 4.79
N ILE A 32 -0.22 -9.74 5.24
CA ILE A 32 0.79 -10.76 5.59
C ILE A 32 1.13 -10.65 7.08
N PRO A 33 1.26 -11.79 7.79
CA PRO A 33 1.60 -11.81 9.20
C PRO A 33 3.04 -11.32 9.38
N GLN A 34 3.32 -10.64 10.50
CA GLN A 34 4.65 -10.10 10.79
C GLN A 34 5.74 -11.16 10.75
N GLU A 35 5.41 -12.40 11.14
CA GLU A 35 6.33 -13.53 11.15
C GLU A 35 6.81 -13.90 9.74
N ASN A 36 6.05 -13.52 8.71
CA ASN A 36 6.40 -13.81 7.32
C ASN A 36 7.22 -12.67 6.72
N VAL A 37 7.16 -11.48 7.34
CA VAL A 37 7.92 -10.32 6.89
C VAL A 37 9.38 -10.64 7.22
N ASN A 38 10.27 -10.47 6.24
CA ASN A 38 11.68 -10.73 6.39
C ASN A 38 12.39 -9.54 7.01
N ASN A 39 12.37 -8.37 6.37
CA ASN A 39 13.04 -7.18 6.86
C ASN A 39 12.48 -5.92 6.19
N SER A 40 12.87 -4.76 6.73
CA SER A 40 12.45 -3.46 6.21
C SER A 40 13.01 -3.26 4.81
N LYS A 41 12.33 -2.47 3.99
CA LYS A 41 12.72 -2.22 2.61
C LYS A 41 12.90 -0.74 2.29
N VAL A 42 11.93 0.10 2.63
CA VAL A 42 12.03 1.53 2.36
C VAL A 42 11.26 2.29 3.43
N LYS A 43 11.80 3.43 3.86
CA LYS A 43 11.20 4.32 4.85
C LYS A 43 10.69 5.56 4.13
N PHE A 44 9.39 5.82 4.23
CA PHE A 44 8.60 6.92 3.68
C PHE A 44 7.45 7.12 4.67
N TYR A 45 6.81 8.30 4.67
CA TYR A 45 5.68 8.60 5.56
C TYR A 45 4.69 9.41 4.71
N LYS A 46 3.56 8.80 4.33
CA LYS A 46 2.53 9.45 3.51
C LYS A 46 1.22 9.02 4.11
N LEU A 47 0.33 9.98 4.39
CA LEU A 47 -0.97 9.77 4.98
C LEU A 47 -1.93 10.66 4.23
N LEU A 48 -3.10 10.12 3.94
CA LEU A 48 -4.18 10.79 3.23
C LEU A 48 -5.49 10.29 3.85
N ILE A 49 -6.60 10.94 3.50
CA ILE A 49 -7.93 10.65 4.00
C ILE A 49 -8.81 10.39 2.78
N VAL A 50 -9.57 9.29 2.81
CA VAL A 50 -10.46 8.85 1.73
C VAL A 50 -11.90 8.71 2.22
N ASP A 51 -12.84 9.35 1.53
CA ASP A 51 -14.27 9.35 1.80
C ASP A 51 -14.81 8.00 1.36
N MET A 52 -15.04 7.08 2.29
CA MET A 52 -15.55 5.74 1.98
C MET A 52 -16.86 5.80 1.21
N LYS A 53 -17.65 6.85 1.42
CA LYS A 53 -18.94 7.08 0.78
C LYS A 53 -18.85 7.25 -0.73
N SER A 54 -17.82 7.90 -1.27
CA SER A 54 -17.66 8.11 -2.70
C SER A 54 -16.35 7.52 -3.23
N GLU A 55 -15.50 7.00 -2.35
CA GLU A 55 -14.20 6.41 -2.63
C GLU A 55 -13.25 7.47 -3.23
N LYS A 56 -13.37 8.72 -2.78
CA LYS A 56 -12.55 9.84 -3.26
C LYS A 56 -11.75 10.45 -2.12
N LEU A 57 -10.65 11.13 -2.44
CA LEU A 57 -9.80 11.77 -1.46
C LEU A 57 -10.46 13.00 -0.85
N LEU A 58 -10.10 13.33 0.40
CA LEU A 58 -10.57 14.46 1.18
C LEU A 58 -9.37 15.13 1.86
N SER A 59 -9.60 16.26 2.53
CA SER A 59 -8.60 17.05 3.26
C SER A 59 -8.90 17.11 4.76
N SER A 60 -10.03 16.60 5.25
CA SER A 60 -10.37 16.62 6.66
C SER A 60 -11.11 15.33 6.99
N SER A 61 -10.69 14.63 8.03
CA SER A 61 -11.30 13.37 8.43
C SER A 61 -12.63 13.64 9.11
N ASN A 62 -13.68 13.06 8.55
CA ASN A 62 -15.06 13.13 9.00
C ASN A 62 -15.60 11.70 9.14
N LYS A 63 -16.80 11.56 9.72
CA LYS A 63 -17.43 10.26 9.98
C LYS A 63 -17.69 9.36 8.76
N ASN A 64 -17.59 9.87 7.53
CA ASN A 64 -17.79 9.07 6.31
C ASN A 64 -16.42 8.77 5.67
N SER A 65 -15.33 9.10 6.35
CA SER A 65 -13.98 8.93 5.86
C SER A 65 -13.09 8.15 6.83
N VAL A 66 -11.98 7.64 6.27
CA VAL A 66 -10.96 6.86 6.96
C VAL A 66 -9.59 7.43 6.60
N THR A 67 -8.58 7.14 7.41
CA THR A 67 -7.21 7.58 7.19
C THR A 67 -6.41 6.38 6.69
N LEU A 68 -5.47 6.59 5.77
CA LEU A 68 -4.62 5.53 5.25
C LEU A 68 -3.21 6.05 5.22
N VAL A 69 -2.31 5.38 5.94
CA VAL A 69 -0.92 5.74 6.00
C VAL A 69 -0.26 4.79 5.01
N LEU A 70 0.10 5.24 3.81
CA LEU A 70 0.73 4.40 2.80
C LEU A 70 2.21 4.58 3.04
N ASN A 71 2.80 3.71 3.84
CA ASN A 71 4.21 3.81 4.20
C ASN A 71 4.81 2.53 4.75
N ASN A 72 6.02 2.62 5.32
CA ASN A 72 6.76 1.55 5.97
C ASN A 72 6.81 0.26 5.15
N ILE A 73 7.50 0.26 4.02
CA ILE A 73 7.62 -0.90 3.11
C ILE A 73 8.55 -1.95 3.70
N TYR A 74 8.26 -3.22 3.44
CA TYR A 74 9.02 -4.41 3.86
C TYR A 74 9.04 -5.49 2.76
N GLU A 75 9.88 -6.50 2.96
CA GLU A 75 10.06 -7.69 2.12
C GLU A 75 9.60 -8.87 2.95
N ALA A 76 9.24 -9.98 2.31
CA ALA A 76 8.78 -11.21 2.96
C ALA A 76 9.63 -12.39 2.52
N SER A 77 9.49 -13.51 3.23
CA SER A 77 10.23 -14.74 2.94
C SER A 77 9.88 -15.29 1.55
N ASP A 78 8.70 -14.96 1.01
CA ASP A 78 8.25 -15.40 -0.31
C ASP A 78 8.78 -14.45 -1.38
N LYS A 79 9.63 -13.48 -0.98
CA LYS A 79 10.22 -12.43 -1.80
C LYS A 79 9.18 -11.41 -2.24
N SER A 80 7.93 -11.59 -1.84
CA SER A 80 6.87 -10.67 -2.16
C SER A 80 7.11 -9.43 -1.28
N LEU A 81 6.62 -8.28 -1.73
CA LEU A 81 6.78 -7.01 -1.04
C LEU A 81 5.45 -6.56 -0.44
N CYS A 82 5.50 -5.77 0.64
CA CYS A 82 4.29 -5.27 1.29
C CYS A 82 4.48 -3.82 1.77
N MET A 83 3.42 -3.23 2.33
CA MET A 83 3.36 -1.86 2.85
C MET A 83 2.65 -1.85 4.19
N GLY A 84 3.14 -1.09 5.16
CA GLY A 84 2.56 -0.94 6.48
C GLY A 84 1.48 0.13 6.38
N ILE A 85 0.23 -0.24 6.66
CA ILE A 85 -0.93 0.64 6.63
C ILE A 85 -1.72 0.36 7.89
N ASN A 86 -1.96 1.38 8.71
CA ASN A 86 -2.73 1.26 9.96
C ASN A 86 -2.18 0.10 10.79
N ASP A 87 -0.85 0.02 10.91
CA ASP A 87 -0.09 -1.00 11.64
C ASP A 87 -0.25 -2.44 11.10
N ARG A 88 -0.71 -2.62 9.86
CA ARG A 88 -0.88 -3.93 9.23
C ARG A 88 -0.11 -3.98 7.92
N TYR A 89 0.48 -5.12 7.56
CA TYR A 89 1.22 -5.23 6.31
C TYR A 89 0.37 -5.75 5.17
N TYR A 90 0.16 -4.94 4.14
CA TYR A 90 -0.64 -5.28 2.96
C TYR A 90 0.29 -5.48 1.76
N LYS A 91 0.20 -6.65 1.11
CA LYS A 91 1.01 -7.04 -0.04
C LYS A 91 0.76 -6.11 -1.22
N ILE A 92 1.80 -5.89 -2.04
CA ILE A 92 1.74 -5.04 -3.21
C ILE A 92 1.98 -5.89 -4.46
N LEU A 93 1.16 -5.69 -5.48
CA LEU A 93 1.22 -6.42 -6.75
C LEU A 93 1.28 -5.44 -7.92
N PRO A 94 1.76 -5.86 -9.10
CA PRO A 94 1.84 -5.00 -10.27
C PRO A 94 0.46 -4.81 -10.90
N GLU A 95 0.24 -3.70 -11.61
CA GLU A 95 -1.04 -3.45 -12.26
C GLU A 95 -1.31 -4.46 -13.41
N SER A 96 -0.35 -5.32 -13.74
CA SER A 96 -0.51 -6.34 -14.77
C SER A 96 -1.43 -7.47 -14.29
N ASP A 97 -1.70 -7.53 -12.98
CA ASP A 97 -2.56 -8.55 -12.39
C ASP A 97 -4.06 -8.20 -12.49
N LYS A 98 -4.39 -7.00 -13.01
CA LYS A 98 -5.76 -6.53 -13.15
C LYS A 98 -6.59 -7.51 -13.97
N GLY A 99 -7.85 -7.65 -13.55
CA GLY A 99 -8.85 -8.53 -14.12
C GLY A 99 -9.25 -9.63 -13.13
N ALA A 100 -8.46 -9.83 -12.06
CA ALA A 100 -8.71 -10.81 -11.00
C ALA A 100 -8.31 -10.27 -9.62
N VAL A 101 -7.57 -9.15 -9.54
CA VAL A 101 -7.13 -8.54 -8.29
C VAL A 101 -7.58 -7.08 -8.32
N LYS A 102 -7.85 -6.52 -7.14
CA LYS A 102 -8.29 -5.13 -6.95
C LYS A 102 -7.62 -4.58 -5.69
N ALA A 103 -7.61 -3.26 -5.55
CA ALA A 103 -7.00 -2.58 -4.41
C ALA A 103 -7.58 -3.01 -3.06
N LEU A 104 -6.90 -2.65 -1.98
CA LEU A 104 -7.33 -2.98 -0.63
C LEU A 104 -8.68 -2.36 -0.27
N ARG A 105 -9.32 -2.91 0.76
CA ARG A 105 -10.63 -2.48 1.25
C ARG A 105 -10.43 -1.80 2.58
N LEU A 106 -10.78 -0.52 2.64
CA LEU A 106 -10.65 0.25 3.88
C LEU A 106 -11.63 -0.22 4.96
N GLN A 107 -12.53 -1.16 4.62
CA GLN A 107 -13.49 -1.73 5.56
C GLN A 107 -12.77 -2.41 6.73
N ASN A 108 -11.51 -2.81 6.52
CA ASN A 108 -10.70 -3.46 7.53
C ASN A 108 -10.32 -2.53 8.68
N PHE A 109 -10.53 -1.22 8.52
CA PHE A 109 -10.20 -0.19 9.47
C PHE A 109 -11.51 0.37 10.02
N TYR A 1 18.45 -12.53 -7.95
CA TYR A 1 19.91 -12.36 -7.92
C TYR A 1 20.28 -10.89 -7.86
N GLN A 2 19.91 -10.09 -8.88
CA GLN A 2 20.20 -8.67 -8.94
C GLN A 2 19.70 -7.94 -7.68
N THR A 3 20.31 -6.80 -7.33
CA THR A 3 19.92 -6.03 -6.16
C THR A 3 19.96 -4.54 -6.54
N SER A 4 18.80 -3.95 -6.86
CA SER A 4 18.65 -2.55 -7.25
C SER A 4 17.48 -1.93 -6.47
N HIS A 5 17.55 -0.63 -6.15
CA HIS A 5 16.49 0.08 -5.44
C HIS A 5 16.65 1.59 -5.62
N LYS A 6 15.54 2.33 -5.73
CA LYS A 6 15.44 3.78 -5.90
C LYS A 6 14.22 4.26 -5.11
N LYS A 7 13.99 5.58 -5.00
CA LYS A 7 12.83 6.10 -4.26
C LYS A 7 11.52 5.60 -4.88
N VAL A 8 10.48 5.53 -4.08
CA VAL A 8 9.14 5.07 -4.46
C VAL A 8 8.31 6.30 -4.82
N ARG A 9 7.58 6.29 -5.93
CA ARG A 9 6.74 7.41 -6.35
C ARG A 9 5.34 7.10 -5.85
N PHE A 10 4.75 7.95 -5.03
CA PHE A 10 3.40 7.73 -4.52
C PHE A 10 2.38 8.34 -5.49
N ASP A 11 1.13 7.92 -5.38
CA ASP A 11 0.00 8.38 -6.18
C ASP A 11 -0.36 9.81 -5.85
N GLU A 12 -0.21 10.21 -4.59
CA GLU A 12 -0.49 11.51 -4.03
C GLU A 12 -1.85 12.10 -4.42
N GLY A 13 -2.79 11.94 -3.51
CA GLY A 13 -4.15 12.42 -3.68
C GLY A 13 -5.04 11.43 -4.39
N SER A 14 -4.65 10.15 -4.40
CA SER A 14 -5.37 9.05 -5.03
C SER A 14 -5.49 7.84 -4.09
N TYR A 15 -6.14 6.82 -4.63
CA TYR A 15 -6.38 5.53 -4.03
C TYR A 15 -5.06 4.75 -4.06
N THR A 16 -5.04 3.44 -3.74
CA THR A 16 -3.76 2.78 -3.70
C THR A 16 -3.27 2.39 -5.10
N ASN A 17 -2.11 2.96 -5.38
CA ASN A 17 -1.27 2.85 -6.55
C ASN A 17 0.06 3.52 -6.18
N PHE A 18 1.17 3.14 -6.80
CA PHE A 18 2.49 3.72 -6.59
C PHE A 18 3.39 3.17 -7.71
N ILE A 19 4.62 3.64 -7.83
CA ILE A 19 5.53 3.18 -8.85
C ILE A 19 6.86 2.88 -8.18
N TYR A 20 7.28 1.62 -8.30
CA TYR A 20 8.54 1.12 -7.76
C TYR A 20 9.24 0.36 -8.88
N ASP A 21 10.54 0.56 -8.98
CA ASP A 21 11.42 -0.05 -9.96
C ASP A 21 10.94 0.21 -11.40
N ASN A 22 10.38 1.40 -11.63
CA ASN A 22 9.84 1.90 -12.90
C ASN A 22 8.62 1.11 -13.37
N LYS A 23 8.00 0.32 -12.50
CA LYS A 23 6.82 -0.49 -12.79
C LYS A 23 5.71 0.00 -11.88
N SER A 24 4.48 0.06 -12.39
CA SER A 24 3.36 0.50 -11.58
C SER A 24 3.00 -0.64 -10.63
N TYR A 25 2.62 -0.29 -9.40
CA TYR A 25 2.24 -1.21 -8.34
C TYR A 25 1.03 -0.63 -7.59
N PHE A 26 0.32 -1.47 -6.82
CA PHE A 26 -0.83 -1.07 -6.02
C PHE A 26 -0.90 -1.96 -4.77
N VAL A 27 -1.73 -1.57 -3.80
CA VAL A 27 -1.88 -2.31 -2.55
C VAL A 27 -3.10 -3.22 -2.63
N THR A 28 -2.93 -4.50 -2.32
CA THR A 28 -3.99 -5.50 -2.36
C THR A 28 -4.59 -5.72 -0.97
N ASP A 29 -5.69 -6.46 -0.89
CA ASP A 29 -6.40 -6.79 0.35
C ASP A 29 -5.69 -7.91 1.13
N LYS A 30 -4.76 -8.62 0.47
CA LYS A 30 -4.00 -9.73 1.04
C LYS A 30 -3.03 -9.22 2.10
N GLU A 31 -3.39 -9.39 3.38
CA GLU A 31 -2.56 -8.98 4.50
C GLU A 31 -1.67 -10.18 4.86
N ILE A 32 -0.41 -9.97 5.22
CA ILE A 32 0.53 -11.02 5.60
C ILE A 32 0.97 -10.80 7.06
N PRO A 33 1.18 -11.88 7.84
CA PRO A 33 1.57 -11.81 9.25
C PRO A 33 3.01 -11.35 9.47
N GLN A 34 3.30 -10.77 10.65
CA GLN A 34 4.63 -10.26 11.00
C GLN A 34 5.69 -11.35 10.93
N GLU A 35 5.31 -12.59 11.24
CA GLU A 35 6.21 -13.74 11.23
C GLU A 35 6.74 -14.01 9.82
N ASN A 36 6.04 -13.55 8.78
CA ASN A 36 6.46 -13.74 7.39
C ASN A 36 7.31 -12.58 6.92
N VAL A 37 7.19 -11.41 7.56
CA VAL A 37 7.97 -10.23 7.21
C VAL A 37 9.45 -10.54 7.44
N ASN A 38 10.25 -10.47 6.38
CA ASN A 38 11.69 -10.73 6.41
C ASN A 38 12.43 -9.54 7.00
N ASN A 39 12.30 -8.36 6.38
CA ASN A 39 12.95 -7.13 6.83
C ASN A 39 12.31 -5.91 6.18
N SER A 40 12.63 -4.71 6.65
CA SER A 40 12.11 -3.48 6.07
C SER A 40 12.64 -3.33 4.64
N LYS A 41 12.05 -2.43 3.86
CA LYS A 41 12.48 -2.20 2.48
C LYS A 41 12.73 -0.73 2.30
N VAL A 42 11.76 0.10 2.64
CA VAL A 42 11.86 1.54 2.51
C VAL A 42 11.19 2.15 3.74
N LYS A 43 11.69 3.27 4.24
CA LYS A 43 11.18 3.95 5.41
C LYS A 43 10.87 5.40 5.03
N PHE A 44 9.62 5.64 4.65
CA PHE A 44 9.02 6.89 4.22
C PHE A 44 7.63 6.97 4.88
N TYR A 45 7.09 8.17 5.09
CA TYR A 45 5.77 8.37 5.70
C TYR A 45 4.82 9.10 4.78
N LYS A 46 3.60 8.59 4.60
CA LYS A 46 2.57 9.22 3.79
C LYS A 46 1.20 8.87 4.37
N LEU A 47 0.37 9.87 4.65
CA LEU A 47 -0.98 9.80 5.19
C LEU A 47 -1.93 10.67 4.37
N LEU A 48 -3.17 10.22 4.21
CA LEU A 48 -4.25 10.88 3.48
C LEU A 48 -5.61 10.48 4.08
N ILE A 49 -6.69 11.13 3.65
CA ILE A 49 -8.06 10.90 4.12
C ILE A 49 -8.96 10.67 2.91
N VAL A 50 -9.73 9.58 2.88
CA VAL A 50 -10.63 9.20 1.78
C VAL A 50 -12.05 9.07 2.33
N ASP A 51 -13.08 9.35 1.53
CA ASP A 51 -14.50 9.23 1.90
C ASP A 51 -14.97 7.85 1.48
N MET A 52 -15.54 7.05 2.37
CA MET A 52 -16.01 5.71 1.99
C MET A 52 -17.21 5.82 1.02
N LYS A 53 -17.98 6.91 1.07
CA LYS A 53 -19.18 7.11 0.24
C LYS A 53 -18.93 7.16 -1.25
N SER A 54 -17.87 7.84 -1.66
CA SER A 54 -17.52 7.96 -3.07
C SER A 54 -16.13 7.43 -3.38
N GLU A 55 -15.37 6.95 -2.38
CA GLU A 55 -14.01 6.43 -2.54
C GLU A 55 -13.08 7.55 -3.07
N LYS A 56 -13.41 8.81 -2.78
CA LYS A 56 -12.66 9.98 -3.23
C LYS A 56 -11.84 10.55 -2.08
N LEU A 57 -10.74 11.24 -2.42
CA LEU A 57 -9.90 11.84 -1.41
C LEU A 57 -10.67 13.02 -0.80
N LEU A 58 -10.33 13.37 0.42
CA LEU A 58 -10.94 14.44 1.18
C LEU A 58 -9.86 15.34 1.77
N SER A 59 -10.29 16.41 2.40
CA SER A 59 -9.46 17.39 3.06
C SER A 59 -9.69 17.38 4.57
N SER A 60 -10.64 16.59 5.10
CA SER A 60 -10.91 16.55 6.52
C SER A 60 -11.47 15.19 6.88
N SER A 61 -11.28 14.77 8.12
CA SER A 61 -11.77 13.51 8.64
C SER A 61 -13.21 13.71 9.08
N ASN A 62 -14.11 12.89 8.54
CA ASN A 62 -15.53 12.87 8.85
C ASN A 62 -15.94 11.43 9.17
N LYS A 63 -17.11 11.23 9.76
CA LYS A 63 -17.57 9.88 10.12
C LYS A 63 -17.60 8.94 8.93
N ASN A 64 -18.09 9.40 7.77
CA ASN A 64 -18.17 8.57 6.56
C ASN A 64 -16.81 8.37 5.89
N SER A 65 -15.71 8.82 6.48
CA SER A 65 -14.36 8.72 5.95
C SER A 65 -13.50 7.80 6.81
N VAL A 66 -12.36 7.41 6.26
CA VAL A 66 -11.33 6.57 6.88
C VAL A 66 -9.99 7.12 6.40
N THR A 67 -9.13 7.47 7.35
CA THR A 67 -7.79 7.96 7.09
C THR A 67 -6.92 6.73 6.81
N LEU A 68 -5.96 6.85 5.90
CA LEU A 68 -5.06 5.75 5.56
C LEU A 68 -3.65 6.27 5.57
N VAL A 69 -2.72 5.40 5.96
CA VAL A 69 -1.31 5.69 6.00
C VAL A 69 -0.73 4.69 5.01
N LEU A 70 -0.37 5.11 3.80
CA LEU A 70 0.19 4.22 2.78
C LEU A 70 1.67 4.44 2.88
N ASN A 71 2.36 3.63 3.68
CA ASN A 71 3.79 3.82 3.90
C ASN A 71 4.43 2.62 4.58
N ASN A 72 5.66 2.77 5.06
CA ASN A 72 6.36 1.72 5.80
C ASN A 72 6.43 0.42 4.98
N ILE A 73 7.19 0.44 3.89
CA ILE A 73 7.36 -0.72 3.01
C ILE A 73 8.33 -1.74 3.62
N TYR A 74 8.00 -3.04 3.51
CA TYR A 74 8.77 -4.18 4.01
C TYR A 74 8.77 -5.30 2.96
N GLU A 75 9.59 -6.31 3.18
CA GLU A 75 9.75 -7.49 2.33
C GLU A 75 9.36 -8.71 3.15
N ALA A 76 8.99 -9.78 2.46
CA ALA A 76 8.56 -11.05 3.00
C ALA A 76 9.55 -12.18 2.70
N SER A 77 9.30 -13.32 3.34
CA SER A 77 10.04 -14.57 3.23
C SER A 77 10.11 -15.08 1.80
N ASP A 78 9.01 -14.89 1.07
CA ASP A 78 8.81 -15.33 -0.31
C ASP A 78 9.31 -14.28 -1.29
N LYS A 79 10.13 -13.33 -0.81
CA LYS A 79 10.72 -12.23 -1.56
C LYS A 79 9.66 -11.20 -1.96
N SER A 80 8.38 -11.43 -1.62
CA SER A 80 7.32 -10.50 -1.97
C SER A 80 7.49 -9.21 -1.17
N LEU A 81 6.80 -8.17 -1.61
CA LEU A 81 6.83 -6.85 -1.03
C LEU A 81 5.47 -6.54 -0.40
N CYS A 82 5.46 -5.81 0.71
CA CYS A 82 4.23 -5.40 1.41
C CYS A 82 4.40 -3.96 1.93
N MET A 83 3.31 -3.33 2.38
CA MET A 83 3.25 -1.96 2.89
C MET A 83 2.44 -1.93 4.19
N GLY A 84 2.83 -1.10 5.15
CA GLY A 84 2.19 -0.93 6.44
C GLY A 84 1.07 0.08 6.34
N ILE A 85 -0.14 -0.32 6.72
CA ILE A 85 -1.34 0.49 6.69
C ILE A 85 -2.12 0.10 7.93
N ASN A 86 -2.40 1.08 8.81
CA ASN A 86 -3.14 0.86 10.05
C ASN A 86 -2.48 -0.27 10.86
N ASP A 87 -1.16 -0.17 10.93
CA ASP A 87 -0.22 -1.05 11.61
C ASP A 87 -0.26 -2.52 11.14
N ARG A 88 -0.89 -2.78 10.00
CA ARG A 88 -1.04 -4.10 9.40
C ARG A 88 -0.32 -4.06 8.06
N TYR A 89 0.26 -5.19 7.64
CA TYR A 89 1.02 -5.30 6.42
C TYR A 89 0.21 -5.90 5.28
N TYR A 90 0.00 -5.13 4.21
CA TYR A 90 -0.76 -5.50 3.02
C TYR A 90 0.19 -5.70 1.84
N LYS A 91 0.12 -6.83 1.15
CA LYS A 91 0.98 -7.13 0.01
C LYS A 91 0.70 -6.17 -1.14
N ILE A 92 1.71 -5.89 -1.95
CA ILE A 92 1.60 -4.98 -3.09
C ILE A 92 1.93 -5.77 -4.35
N LEU A 93 1.12 -5.60 -5.40
CA LEU A 93 1.26 -6.29 -6.68
C LEU A 93 1.40 -5.28 -7.80
N PRO A 94 1.98 -5.67 -8.96
CA PRO A 94 2.16 -4.77 -10.09
C PRO A 94 0.83 -4.54 -10.79
N GLU A 95 0.67 -3.41 -11.51
CA GLU A 95 -0.59 -3.19 -12.24
C GLU A 95 -0.76 -4.23 -13.36
N SER A 96 0.29 -5.01 -13.63
CA SER A 96 0.34 -6.09 -14.61
C SER A 96 -0.51 -7.30 -14.15
N ASP A 97 -1.03 -7.29 -12.91
CA ASP A 97 -1.86 -8.36 -12.32
C ASP A 97 -3.32 -7.98 -12.00
N LYS A 98 -3.73 -6.76 -12.33
CA LYS A 98 -5.09 -6.24 -12.12
C LYS A 98 -6.15 -7.19 -12.68
N GLY A 99 -7.39 -7.05 -12.22
CA GLY A 99 -8.52 -7.86 -12.63
C GLY A 99 -8.59 -9.17 -11.84
N ALA A 100 -7.46 -9.85 -11.61
CA ALA A 100 -7.45 -11.08 -10.82
C ALA A 100 -7.40 -10.72 -9.33
N VAL A 101 -7.09 -9.46 -9.03
CA VAL A 101 -6.97 -8.89 -7.71
C VAL A 101 -7.48 -7.46 -7.74
N LYS A 102 -8.04 -7.02 -6.61
CA LYS A 102 -8.59 -5.69 -6.42
C LYS A 102 -7.76 -4.97 -5.37
N ALA A 103 -7.94 -3.66 -5.24
CA ALA A 103 -7.19 -2.92 -4.24
C ALA A 103 -7.68 -3.32 -2.85
N LEU A 104 -6.90 -2.93 -1.84
CA LEU A 104 -7.24 -3.19 -0.45
C LEU A 104 -8.56 -2.46 -0.15
N ARG A 105 -9.30 -2.87 0.87
CA ARG A 105 -10.57 -2.28 1.25
C ARG A 105 -10.51 -1.50 2.57
N LEU A 106 -11.19 -0.36 2.61
CA LEU A 106 -11.28 0.55 3.75
C LEU A 106 -12.04 -0.13 4.89
N GLN A 107 -12.94 -1.05 4.53
CA GLN A 107 -13.80 -1.81 5.43
C GLN A 107 -13.05 -2.51 6.55
N ASN A 108 -11.79 -2.92 6.33
CA ASN A 108 -11.00 -3.63 7.33
C ASN A 108 -10.57 -2.76 8.51
N PHE A 109 -10.74 -1.44 8.42
CA PHE A 109 -10.31 -0.51 9.45
C PHE A 109 -11.51 -0.10 10.29
N TYR A 1 17.72 -11.95 -5.85
CA TYR A 1 16.99 -10.68 -5.79
C TYR A 1 17.69 -9.73 -4.82
N GLN A 2 18.61 -8.88 -5.29
CA GLN A 2 19.34 -7.93 -4.46
C GLN A 2 19.46 -6.59 -5.19
N THR A 3 19.15 -5.50 -4.51
CA THR A 3 19.19 -4.15 -5.05
C THR A 3 19.30 -3.19 -3.86
N SER A 4 19.98 -2.05 -4.03
CA SER A 4 20.15 -1.03 -2.98
C SER A 4 18.83 -0.28 -2.78
N HIS A 5 18.81 0.75 -1.93
CA HIS A 5 17.58 1.52 -1.73
C HIS A 5 17.24 2.28 -3.01
N LYS A 6 15.95 2.62 -3.16
CA LYS A 6 15.36 3.32 -4.31
C LYS A 6 14.36 4.36 -3.80
N LYS A 7 13.64 5.10 -4.68
CA LYS A 7 12.64 6.11 -4.32
C LYS A 7 11.30 5.79 -4.99
N VAL A 8 10.27 5.40 -4.24
CA VAL A 8 8.96 5.09 -4.81
C VAL A 8 8.30 6.36 -5.29
N ARG A 9 7.55 6.26 -6.38
CA ARG A 9 6.81 7.37 -6.93
C ARG A 9 5.37 7.14 -6.51
N PHE A 10 4.91 7.78 -5.43
CA PHE A 10 3.52 7.65 -5.00
C PHE A 10 2.73 8.50 -5.98
N ASP A 11 1.51 8.09 -6.33
CA ASP A 11 0.71 8.85 -7.28
C ASP A 11 0.21 10.17 -6.70
N GLU A 12 0.08 10.26 -5.38
CA GLU A 12 -0.36 11.41 -4.58
C GLU A 12 -1.84 11.77 -4.83
N GLY A 13 -2.56 12.20 -3.78
CA GLY A 13 -3.97 12.57 -3.85
C GLY A 13 -4.84 11.50 -4.52
N SER A 14 -4.44 10.24 -4.44
CA SER A 14 -5.11 9.11 -5.05
C SER A 14 -5.16 7.91 -4.08
N TYR A 15 -5.80 6.84 -4.53
CA TYR A 15 -5.99 5.57 -3.84
C TYR A 15 -4.65 4.81 -3.87
N THR A 16 -4.61 3.54 -3.50
CA THR A 16 -3.33 2.86 -3.49
C THR A 16 -3.00 2.47 -4.93
N ASN A 17 -1.88 3.01 -5.36
CA ASN A 17 -1.19 2.92 -6.63
C ASN A 17 0.18 3.54 -6.37
N PHE A 18 1.23 3.08 -7.04
CA PHE A 18 2.58 3.61 -6.91
C PHE A 18 3.47 2.95 -7.97
N ILE A 19 4.65 3.50 -8.22
CA ILE A 19 5.57 2.93 -9.20
C ILE A 19 6.85 2.52 -8.49
N TYR A 20 7.29 1.33 -8.86
CA TYR A 20 8.51 0.70 -8.37
C TYR A 20 9.10 -0.18 -9.47
N ASP A 21 10.42 -0.23 -9.58
CA ASP A 21 11.15 -1.02 -10.60
C ASP A 21 10.62 -0.71 -12.01
N ASN A 22 10.20 0.55 -12.21
CA ASN A 22 9.63 1.12 -13.44
C ASN A 22 8.42 0.33 -13.94
N LYS A 23 7.68 -0.29 -13.01
CA LYS A 23 6.49 -1.08 -13.23
C LYS A 23 5.40 -0.46 -12.37
N SER A 24 4.18 -0.47 -12.88
CA SER A 24 3.02 0.09 -12.21
C SER A 24 2.49 -0.94 -11.21
N TYR A 25 2.58 -0.62 -9.93
CA TYR A 25 2.19 -1.43 -8.79
C TYR A 25 1.05 -0.77 -7.98
N PHE A 26 0.41 -1.55 -7.10
CA PHE A 26 -0.66 -1.09 -6.21
C PHE A 26 -0.65 -1.92 -4.92
N VAL A 27 -1.49 -1.58 -3.94
CA VAL A 27 -1.57 -2.30 -2.66
C VAL A 27 -2.88 -3.12 -2.64
N THR A 28 -2.77 -4.42 -2.34
CA THR A 28 -3.87 -5.35 -2.31
C THR A 28 -4.55 -5.46 -0.93
N ASP A 29 -5.76 -6.03 -0.88
CA ASP A 29 -6.56 -6.25 0.33
C ASP A 29 -6.05 -7.42 1.17
N LYS A 30 -5.21 -8.28 0.59
CA LYS A 30 -4.60 -9.44 1.24
C LYS A 30 -3.49 -8.91 2.15
N GLU A 31 -3.37 -9.43 3.35
CA GLU A 31 -2.40 -9.02 4.36
C GLU A 31 -1.48 -10.18 4.74
N ILE A 32 -0.22 -9.86 5.06
CA ILE A 32 0.82 -10.81 5.45
C ILE A 32 1.24 -10.47 6.88
N PRO A 33 1.43 -11.48 7.75
CA PRO A 33 1.84 -11.31 9.14
C PRO A 33 3.35 -11.06 9.28
N GLN A 34 3.76 -10.43 10.38
CA GLN A 34 5.16 -10.13 10.67
C GLN A 34 6.02 -11.39 10.68
N GLU A 35 5.47 -12.55 11.01
CA GLU A 35 6.22 -13.82 11.03
C GLU A 35 6.64 -14.25 9.61
N ASN A 36 6.05 -13.63 8.57
CA ASN A 36 6.35 -13.90 7.16
C ASN A 36 7.20 -12.76 6.57
N VAL A 37 7.41 -11.65 7.30
CA VAL A 37 8.22 -10.50 6.90
C VAL A 37 9.70 -10.83 7.14
N ASN A 38 10.55 -10.55 6.14
CA ASN A 38 11.99 -10.79 6.18
C ASN A 38 12.71 -9.64 6.87
N ASN A 39 12.51 -8.42 6.37
CA ASN A 39 13.09 -7.18 6.89
C ASN A 39 12.42 -5.98 6.22
N SER A 40 12.66 -4.75 6.70
CA SER A 40 12.07 -3.58 6.05
C SER A 40 12.75 -3.42 4.68
N LYS A 41 12.29 -2.48 3.86
CA LYS A 41 12.89 -2.28 2.54
C LYS A 41 13.03 -0.81 2.18
N VAL A 42 12.05 0.00 2.53
CA VAL A 42 12.05 1.43 2.26
C VAL A 42 11.28 2.16 3.37
N LYS A 43 11.96 3.04 4.12
CA LYS A 43 11.32 3.84 5.15
C LYS A 43 10.83 5.09 4.42
N PHE A 44 9.54 5.37 4.52
CA PHE A 44 8.82 6.51 3.93
C PHE A 44 7.66 6.78 4.90
N TYR A 45 7.11 7.99 4.90
CA TYR A 45 5.98 8.39 5.77
C TYR A 45 4.99 9.28 5.02
N LYS A 46 3.79 8.80 4.69
CA LYS A 46 2.74 9.55 3.98
C LYS A 46 1.39 9.12 4.54
N LEU A 47 0.45 10.05 4.74
CA LEU A 47 -0.89 9.86 5.29
C LEU A 47 -1.87 10.67 4.46
N LEU A 48 -3.07 10.16 4.27
CA LEU A 48 -4.14 10.82 3.52
C LEU A 48 -5.48 10.28 4.04
N ILE A 49 -6.60 10.89 3.65
CA ILE A 49 -7.94 10.50 4.10
C ILE A 49 -8.82 10.39 2.86
N VAL A 50 -9.59 9.30 2.79
CA VAL A 50 -10.50 9.01 1.67
C VAL A 50 -11.92 8.84 2.23
N ASP A 51 -12.95 9.30 1.51
CA ASP A 51 -14.34 9.18 1.91
C ASP A 51 -14.76 7.76 1.52
N MET A 52 -15.27 6.93 2.44
CA MET A 52 -15.69 5.58 2.07
C MET A 52 -16.91 5.52 1.16
N LYS A 53 -17.75 6.56 1.13
CA LYS A 53 -18.95 6.61 0.31
C LYS A 53 -18.58 6.82 -1.16
N SER A 54 -17.81 7.86 -1.44
CA SER A 54 -17.40 8.23 -2.77
C SER A 54 -16.08 7.62 -3.22
N GLU A 55 -15.27 7.10 -2.29
CA GLU A 55 -13.96 6.50 -2.53
C GLU A 55 -12.97 7.49 -3.15
N LYS A 56 -13.14 8.77 -2.83
CA LYS A 56 -12.30 9.87 -3.32
C LYS A 56 -11.56 10.50 -2.14
N LEU A 57 -10.49 11.22 -2.44
CA LEU A 57 -9.68 11.88 -1.44
C LEU A 57 -10.41 13.08 -0.84
N LEU A 58 -10.11 13.34 0.42
CA LEU A 58 -10.64 14.43 1.22
C LEU A 58 -9.46 15.17 1.85
N SER A 59 -9.74 16.29 2.50
CA SER A 59 -8.74 17.12 3.18
C SER A 59 -9.01 17.21 4.69
N SER A 60 -9.90 16.38 5.26
CA SER A 60 -10.19 16.44 6.68
C SER A 60 -10.79 15.11 7.13
N SER A 61 -10.72 14.77 8.41
CA SER A 61 -11.26 13.52 8.96
C SER A 61 -12.72 13.73 9.39
N ASN A 62 -13.63 12.96 8.79
CA ASN A 62 -15.07 12.99 9.08
C ASN A 62 -15.57 11.56 9.30
N LYS A 63 -16.72 11.42 9.97
CA LYS A 63 -17.36 10.14 10.33
C LYS A 63 -17.59 9.12 9.20
N ASN A 64 -17.60 9.51 7.92
CA ASN A 64 -17.81 8.57 6.81
C ASN A 64 -16.49 8.28 6.08
N SER A 65 -15.37 8.80 6.58
CA SER A 65 -14.05 8.66 5.98
C SER A 65 -13.12 7.87 6.88
N VAL A 66 -12.00 7.43 6.32
CA VAL A 66 -10.96 6.67 7.01
C VAL A 66 -9.60 7.16 6.54
N THR A 67 -8.64 7.16 7.47
CA THR A 67 -7.27 7.58 7.25
C THR A 67 -6.46 6.39 6.75
N LEU A 68 -5.52 6.62 5.84
CA LEU A 68 -4.66 5.58 5.30
C LEU A 68 -3.25 6.12 5.24
N VAL A 69 -2.33 5.43 5.90
CA VAL A 69 -0.93 5.80 5.91
C VAL A 69 -0.29 4.79 4.97
N LEU A 70 0.03 5.21 3.75
CA LEU A 70 0.67 4.36 2.74
C LEU A 70 2.15 4.59 2.91
N ASN A 71 2.82 3.70 3.63
CA ASN A 71 4.24 3.90 3.91
C ASN A 71 4.93 2.64 4.47
N ASN A 72 6.20 2.79 4.88
CA ASN A 72 7.02 1.76 5.51
C ASN A 72 6.95 0.39 4.83
N ILE A 73 7.51 0.32 3.62
CA ILE A 73 7.55 -0.88 2.78
C ILE A 73 8.53 -1.88 3.39
N TYR A 74 8.19 -3.17 3.33
CA TYR A 74 8.97 -4.30 3.83
C TYR A 74 9.04 -5.38 2.75
N GLU A 75 9.90 -6.36 3.00
CA GLU A 75 10.13 -7.50 2.14
C GLU A 75 9.68 -8.74 2.89
N ALA A 76 9.29 -9.74 2.12
CA ALA A 76 8.82 -11.02 2.61
C ALA A 76 9.90 -12.06 2.43
N SER A 77 9.76 -13.15 3.17
CA SER A 77 10.70 -14.26 3.10
C SER A 77 10.61 -14.89 1.69
N ASP A 78 9.46 -14.75 1.01
CA ASP A 78 9.17 -15.28 -0.32
C ASP A 78 9.67 -14.33 -1.40
N LYS A 79 10.50 -13.34 -1.03
CA LYS A 79 11.05 -12.29 -1.88
C LYS A 79 9.96 -11.31 -2.31
N SER A 80 8.70 -11.54 -1.92
CA SER A 80 7.60 -10.63 -2.27
C SER A 80 7.77 -9.34 -1.46
N LEU A 81 7.00 -8.30 -1.81
CA LEU A 81 7.07 -6.98 -1.17
C LEU A 81 5.70 -6.57 -0.61
N CYS A 82 5.67 -5.80 0.48
CA CYS A 82 4.44 -5.32 1.11
C CYS A 82 4.60 -3.88 1.63
N MET A 83 3.52 -3.26 2.08
CA MET A 83 3.45 -1.89 2.60
C MET A 83 2.67 -1.87 3.92
N GLY A 84 3.13 -1.09 4.89
CA GLY A 84 2.50 -0.94 6.20
C GLY A 84 1.41 0.09 6.14
N ILE A 85 0.19 -0.28 6.53
CA ILE A 85 -1.01 0.54 6.56
C ILE A 85 -1.78 0.16 7.81
N ASN A 86 -2.06 1.12 8.70
CA ASN A 86 -2.80 0.91 9.95
C ASN A 86 -2.21 -0.28 10.73
N ASP A 87 -0.89 -0.29 10.81
CA ASP A 87 -0.01 -1.27 11.47
C ASP A 87 0.01 -2.68 10.87
N ARG A 88 -0.69 -2.91 9.75
CA ARG A 88 -0.79 -4.19 9.08
C ARG A 88 -0.05 -4.10 7.74
N TYR A 89 0.58 -5.20 7.31
CA TYR A 89 1.31 -5.24 6.05
C TYR A 89 0.49 -5.87 4.93
N TYR A 90 0.20 -5.12 3.88
CA TYR A 90 -0.57 -5.56 2.73
C TYR A 90 0.40 -5.76 1.57
N LYS A 91 0.34 -6.89 0.84
CA LYS A 91 1.30 -7.08 -0.25
C LYS A 91 0.98 -6.17 -1.42
N ILE A 92 1.98 -5.91 -2.25
CA ILE A 92 1.86 -5.07 -3.42
C ILE A 92 2.10 -5.93 -4.66
N LEU A 93 1.23 -5.78 -5.65
CA LEU A 93 1.22 -6.53 -6.91
C LEU A 93 1.22 -5.59 -8.11
N PRO A 94 1.55 -6.07 -9.32
CA PRO A 94 1.54 -5.24 -10.52
C PRO A 94 0.08 -5.05 -10.93
N GLU A 95 -0.25 -3.87 -11.45
CA GLU A 95 -1.61 -3.58 -11.89
C GLU A 95 -2.06 -4.48 -13.04
N SER A 96 -1.14 -5.21 -13.67
CA SER A 96 -1.50 -6.12 -14.74
C SER A 96 -2.37 -7.26 -14.18
N ASP A 97 -2.44 -7.45 -12.85
CA ASP A 97 -3.24 -8.47 -12.20
C ASP A 97 -4.74 -8.10 -12.18
N LYS A 98 -5.11 -6.93 -12.71
CA LYS A 98 -6.48 -6.45 -12.78
C LYS A 98 -7.36 -7.53 -13.37
N GLY A 99 -8.62 -7.55 -12.98
CA GLY A 99 -9.57 -8.54 -13.43
C GLY A 99 -9.54 -9.73 -12.49
N ALA A 100 -8.34 -10.16 -12.08
CA ALA A 100 -8.14 -11.26 -11.16
C ALA A 100 -8.15 -10.72 -9.73
N VAL A 101 -7.53 -9.55 -9.51
CA VAL A 101 -7.41 -8.89 -8.23
C VAL A 101 -7.84 -7.41 -8.37
N LYS A 102 -7.96 -6.73 -7.23
CA LYS A 102 -8.32 -5.34 -7.07
C LYS A 102 -7.55 -4.78 -5.88
N ALA A 103 -7.53 -3.45 -5.73
CA ALA A 103 -6.85 -2.78 -4.65
C ALA A 103 -7.56 -3.03 -3.31
N LEU A 104 -6.96 -2.57 -2.22
CA LEU A 104 -7.50 -2.75 -0.89
C LEU A 104 -8.80 -1.96 -0.61
N ARG A 105 -9.37 -2.18 0.58
CA ARG A 105 -10.58 -1.52 1.06
C ARG A 105 -10.41 -0.94 2.45
N LEU A 106 -11.00 0.23 2.67
CA LEU A 106 -10.95 0.92 3.95
C LEU A 106 -11.82 0.19 4.97
N GLN A 107 -12.71 -0.67 4.47
CA GLN A 107 -13.64 -1.47 5.23
C GLN A 107 -12.97 -2.40 6.23
N ASN A 108 -11.72 -2.79 5.98
CA ASN A 108 -10.97 -3.69 6.85
C ASN A 108 -10.43 -3.02 8.11
N PHE A 109 -10.50 -1.70 8.21
CA PHE A 109 -9.99 -0.93 9.35
C PHE A 109 -11.14 -0.41 10.20
N TYR A 1 19.40 -9.50 -3.19
CA TYR A 1 18.15 -8.80 -2.90
C TYR A 1 18.31 -7.93 -1.66
N GLN A 2 19.33 -7.05 -1.68
CA GLN A 2 19.68 -6.11 -0.63
C GLN A 2 20.58 -5.04 -1.26
N THR A 3 20.68 -3.85 -0.65
CA THR A 3 21.47 -2.71 -1.13
C THR A 3 21.08 -2.38 -2.58
N SER A 4 19.94 -1.70 -2.72
CA SER A 4 19.39 -1.27 -4.00
C SER A 4 18.89 0.16 -3.84
N HIS A 5 19.67 1.17 -4.20
CA HIS A 5 19.21 2.55 -4.06
C HIS A 5 18.09 2.76 -5.09
N LYS A 6 16.87 2.97 -4.62
CA LYS A 6 15.66 3.20 -5.42
C LYS A 6 14.82 4.26 -4.70
N LYS A 7 13.66 4.61 -5.28
CA LYS A 7 12.71 5.58 -4.75
C LYS A 7 11.33 5.11 -5.20
N VAL A 8 10.23 5.56 -4.58
CA VAL A 8 8.88 5.11 -5.00
C VAL A 8 8.08 6.33 -5.43
N ARG A 9 7.29 6.21 -6.50
CA ARG A 9 6.45 7.29 -7.01
C ARG A 9 5.03 6.89 -6.65
N PHE A 10 4.34 7.69 -5.84
CA PHE A 10 2.97 7.39 -5.45
C PHE A 10 2.03 7.90 -6.54
N ASP A 11 0.74 7.61 -6.37
CA ASP A 11 -0.39 8.01 -7.21
C ASP A 11 -0.81 9.43 -6.88
N GLU A 12 -0.70 9.79 -5.60
CA GLU A 12 -1.02 11.05 -4.98
C GLU A 12 -2.46 11.55 -5.25
N GLY A 13 -3.16 11.89 -4.16
CA GLY A 13 -4.54 12.36 -4.22
C GLY A 13 -5.50 11.35 -4.85
N SER A 14 -5.16 10.07 -4.79
CA SER A 14 -5.88 8.94 -5.35
C SER A 14 -5.84 7.74 -4.39
N TYR A 15 -6.47 6.64 -4.80
CA TYR A 15 -6.56 5.39 -4.05
C TYR A 15 -5.20 4.67 -4.10
N THR A 16 -5.09 3.43 -3.65
CA THR A 16 -3.78 2.82 -3.62
C THR A 16 -3.38 2.29 -4.98
N ASN A 17 -2.27 2.83 -5.46
CA ASN A 17 -1.53 2.59 -6.69
C ASN A 17 -0.17 3.29 -6.50
N PHE A 18 0.91 2.88 -7.16
CA PHE A 18 2.23 3.49 -7.06
C PHE A 18 3.10 2.88 -8.17
N ILE A 19 4.32 3.38 -8.37
CA ILE A 19 5.23 2.87 -9.38
C ILE A 19 6.58 2.64 -8.71
N TYR A 20 7.01 1.40 -8.73
CA TYR A 20 8.27 0.96 -8.18
C TYR A 20 8.95 0.14 -9.27
N ASP A 21 10.26 0.35 -9.43
CA ASP A 21 11.10 -0.33 -10.41
C ASP A 21 10.54 -0.17 -11.85
N ASN A 22 9.93 1.00 -12.11
CA ASN A 22 9.29 1.44 -13.36
C ASN A 22 8.08 0.58 -13.73
N LYS A 23 7.58 -0.22 -12.80
CA LYS A 23 6.43 -1.10 -12.99
C LYS A 23 5.31 -0.52 -12.13
N SER A 24 4.12 -0.42 -12.71
CA SER A 24 2.97 0.09 -12.01
C SER A 24 2.49 -1.03 -11.09
N TYR A 25 2.30 -0.70 -9.83
CA TYR A 25 1.89 -1.59 -8.76
C TYR A 25 0.77 -0.95 -7.93
N PHE A 26 0.06 -1.74 -7.14
CA PHE A 26 -1.01 -1.27 -6.27
C PHE A 26 -1.08 -2.15 -5.03
N VAL A 27 -1.68 -1.62 -3.97
CA VAL A 27 -1.83 -2.32 -2.71
C VAL A 27 -3.13 -3.11 -2.75
N THR A 28 -3.08 -4.39 -2.36
CA THR A 28 -4.23 -5.30 -2.35
C THR A 28 -4.75 -5.46 -0.91
N ASP A 29 -5.95 -6.02 -0.72
CA ASP A 29 -6.56 -6.26 0.59
C ASP A 29 -5.93 -7.46 1.31
N LYS A 30 -5.07 -8.20 0.61
CA LYS A 30 -4.35 -9.36 1.11
C LYS A 30 -3.30 -8.84 2.09
N GLU A 31 -3.45 -9.18 3.36
CA GLU A 31 -2.52 -8.78 4.41
C GLU A 31 -1.62 -9.97 4.72
N ILE A 32 -0.35 -9.71 5.03
CA ILE A 32 0.69 -10.67 5.35
C ILE A 32 1.08 -10.50 6.82
N PRO A 33 1.32 -11.60 7.55
CA PRO A 33 1.71 -11.56 8.95
C PRO A 33 3.18 -11.15 9.06
N GLN A 34 3.56 -10.60 10.22
CA GLN A 34 4.92 -10.17 10.46
C GLN A 34 5.92 -11.32 10.36
N GLU A 35 5.48 -12.54 10.68
CA GLU A 35 6.34 -13.73 10.60
C GLU A 35 6.72 -14.08 9.16
N ASN A 36 5.98 -13.56 8.17
CA ASN A 36 6.25 -13.80 6.75
C ASN A 36 7.13 -12.68 6.18
N VAL A 37 7.28 -11.56 6.90
CA VAL A 37 8.09 -10.44 6.49
C VAL A 37 9.55 -10.84 6.70
N ASN A 38 10.34 -10.77 5.63
CA ASN A 38 11.75 -11.11 5.65
C ASN A 38 12.53 -9.92 6.21
N ASN A 39 12.47 -8.76 5.56
CA ASN A 39 13.21 -7.58 6.01
C ASN A 39 12.59 -6.27 5.53
N SER A 40 12.98 -5.15 6.14
CA SER A 40 12.53 -3.80 5.81
C SER A 40 13.04 -3.48 4.42
N LYS A 41 12.21 -2.86 3.57
CA LYS A 41 12.59 -2.54 2.19
C LYS A 41 12.72 -1.05 1.97
N VAL A 42 11.71 -0.24 2.28
CA VAL A 42 11.78 1.20 2.05
C VAL A 42 11.14 2.01 3.17
N LYS A 43 11.85 3.05 3.60
CA LYS A 43 11.46 3.99 4.63
C LYS A 43 11.02 5.26 3.91
N PHE A 44 9.73 5.55 3.93
CA PHE A 44 9.04 6.70 3.34
C PHE A 44 7.90 7.07 4.29
N TYR A 45 7.42 8.31 4.26
CA TYR A 45 6.32 8.78 5.11
C TYR A 45 5.23 9.45 4.27
N LYS A 46 4.03 8.87 4.18
CA LYS A 46 2.90 9.45 3.44
C LYS A 46 1.57 9.06 4.07
N LEU A 47 0.66 10.01 4.25
CA LEU A 47 -0.66 9.83 4.83
C LEU A 47 -1.67 10.63 4.01
N LEU A 48 -2.88 10.12 3.87
CA LEU A 48 -3.96 10.73 3.13
C LEU A 48 -5.28 10.31 3.82
N ILE A 49 -6.38 10.92 3.42
CA ILE A 49 -7.69 10.67 4.00
C ILE A 49 -8.67 10.40 2.85
N VAL A 50 -9.48 9.35 2.94
CA VAL A 50 -10.45 8.94 1.92
C VAL A 50 -11.82 8.78 2.56
N ASP A 51 -12.89 9.21 1.89
CA ASP A 51 -14.26 9.10 2.39
C ASP A 51 -14.82 7.73 2.01
N MET A 52 -15.37 6.97 2.95
CA MET A 52 -15.92 5.65 2.66
C MET A 52 -17.20 5.70 1.80
N LYS A 53 -17.92 6.82 1.72
CA LYS A 53 -19.15 6.88 0.92
C LYS A 53 -18.85 6.98 -0.57
N SER A 54 -17.95 7.88 -0.97
CA SER A 54 -17.59 8.09 -2.37
C SER A 54 -16.25 7.51 -2.78
N GLU A 55 -15.47 6.99 -1.83
CA GLU A 55 -14.14 6.41 -2.07
C GLU A 55 -13.17 7.50 -2.58
N LYS A 56 -13.48 8.80 -2.40
CA LYS A 56 -12.62 9.89 -2.89
C LYS A 56 -11.78 10.49 -1.78
N LEU A 57 -10.71 11.17 -2.18
CA LEU A 57 -9.77 11.81 -1.27
C LEU A 57 -10.39 13.06 -0.67
N LEU A 58 -10.03 13.32 0.59
CA LEU A 58 -10.48 14.43 1.41
C LEU A 58 -9.28 15.19 1.96
N SER A 59 -9.53 16.38 2.49
CA SER A 59 -8.51 17.23 3.09
C SER A 59 -8.50 17.02 4.60
N SER A 60 -9.64 16.73 5.24
CA SER A 60 -9.75 16.51 6.68
C SER A 60 -10.53 15.22 6.94
N SER A 61 -10.23 14.53 8.05
CA SER A 61 -10.87 13.29 8.42
C SER A 61 -12.21 13.56 9.09
N ASN A 62 -13.30 13.21 8.41
CA ASN A 62 -14.66 13.36 8.93
C ASN A 62 -15.10 11.96 9.38
N LYS A 63 -16.21 11.83 10.11
CA LYS A 63 -16.67 10.53 10.60
C LYS A 63 -16.94 9.48 9.51
N ASN A 64 -17.38 9.88 8.31
CA ASN A 64 -17.64 8.98 7.19
C ASN A 64 -16.32 8.58 6.50
N SER A 65 -15.17 9.12 6.94
CA SER A 65 -13.86 8.87 6.37
C SER A 65 -12.92 8.15 7.33
N VAL A 66 -11.87 7.58 6.74
CA VAL A 66 -10.81 6.83 7.41
C VAL A 66 -9.46 7.30 6.87
N THR A 67 -8.45 7.29 7.74
CA THR A 67 -7.09 7.69 7.45
C THR A 67 -6.33 6.51 6.83
N LEU A 68 -5.42 6.76 5.87
CA LEU A 68 -4.64 5.71 5.24
C LEU A 68 -3.20 6.18 5.16
N VAL A 69 -2.30 5.40 5.75
CA VAL A 69 -0.88 5.69 5.76
C VAL A 69 -0.27 4.68 4.78
N LEU A 70 0.09 5.10 3.56
CA LEU A 70 0.66 4.23 2.54
C LEU A 70 2.16 4.45 2.59
N ASN A 71 2.88 3.58 3.29
CA ASN A 71 4.33 3.75 3.47
C ASN A 71 4.98 2.51 4.11
N ASN A 72 6.24 2.64 4.51
CA ASN A 72 7.00 1.61 5.23
C ASN A 72 6.93 0.25 4.54
N ILE A 73 7.57 0.18 3.37
CA ILE A 73 7.59 -1.03 2.55
C ILE A 73 8.52 -2.08 3.16
N TYR A 74 8.15 -3.35 3.00
CA TYR A 74 8.87 -4.53 3.47
C TYR A 74 8.86 -5.58 2.36
N GLU A 75 9.66 -6.62 2.57
CA GLU A 75 9.82 -7.74 1.67
C GLU A 75 9.40 -8.99 2.44
N ALA A 76 8.89 -9.96 1.72
CA ALA A 76 8.42 -11.23 2.24
C ALA A 76 9.45 -12.33 1.98
N SER A 77 9.26 -13.46 2.65
CA SER A 77 10.14 -14.61 2.51
C SER A 77 10.16 -15.14 1.07
N ASP A 78 9.04 -14.97 0.37
CA ASP A 78 8.79 -15.46 -0.97
C ASP A 78 8.93 -14.38 -2.02
N LYS A 79 9.80 -13.39 -1.75
CA LYS A 79 10.12 -12.25 -2.61
C LYS A 79 8.97 -11.30 -2.86
N SER A 80 7.78 -11.56 -2.30
CA SER A 80 6.67 -10.65 -2.47
C SER A 80 7.02 -9.37 -1.72
N LEU A 81 6.39 -8.27 -2.09
CA LEU A 81 6.61 -6.97 -1.48
C LEU A 81 5.31 -6.58 -0.78
N CYS A 82 5.40 -5.90 0.35
CA CYS A 82 4.23 -5.45 1.10
C CYS A 82 4.46 -4.03 1.64
N MET A 83 3.41 -3.35 2.06
CA MET A 83 3.42 -1.98 2.57
C MET A 83 2.72 -1.94 3.94
N GLY A 84 3.28 -1.20 4.90
CA GLY A 84 2.75 -1.05 6.25
C GLY A 84 1.66 0.02 6.27
N ILE A 85 0.44 -0.38 6.62
CA ILE A 85 -0.73 0.48 6.68
C ILE A 85 -1.45 0.16 7.98
N ASN A 86 -1.58 1.15 8.88
CA ASN A 86 -2.25 1.00 10.18
C ASN A 86 -1.68 -0.23 10.92
N ASP A 87 -0.35 -0.35 10.94
CA ASP A 87 0.44 -1.42 11.57
C ASP A 87 0.24 -2.81 10.96
N ARG A 88 -0.45 -2.92 9.82
CA ARG A 88 -0.72 -4.17 9.11
C ARG A 88 -0.01 -4.12 7.76
N TYR A 89 0.62 -5.21 7.35
CA TYR A 89 1.34 -5.26 6.08
C TYR A 89 0.45 -5.80 4.97
N TYR A 90 0.17 -4.99 3.94
CA TYR A 90 -0.66 -5.39 2.82
C TYR A 90 0.23 -5.63 1.61
N LYS A 91 0.03 -6.76 0.94
CA LYS A 91 0.82 -7.13 -0.22
C LYS A 91 0.51 -6.20 -1.38
N ILE A 92 1.52 -5.94 -2.21
CA ILE A 92 1.40 -5.08 -3.37
C ILE A 92 1.63 -5.94 -4.62
N LEU A 93 0.77 -5.83 -5.63
CA LEU A 93 0.83 -6.62 -6.87
C LEU A 93 0.87 -5.65 -8.07
N PRO A 94 1.38 -6.08 -9.23
CA PRO A 94 1.46 -5.22 -10.41
C PRO A 94 0.07 -4.97 -10.95
N GLU A 95 -0.11 -3.84 -11.66
CA GLU A 95 -1.40 -3.49 -12.24
C GLU A 95 -1.87 -4.54 -13.26
N SER A 96 -0.97 -5.41 -13.69
CA SER A 96 -1.25 -6.47 -14.65
C SER A 96 -1.91 -7.69 -13.99
N ASP A 97 -2.02 -7.72 -12.66
CA ASP A 97 -2.64 -8.79 -11.88
C ASP A 97 -4.15 -8.59 -11.70
N LYS A 98 -4.66 -7.41 -12.08
CA LYS A 98 -6.08 -7.03 -11.96
C LYS A 98 -7.03 -8.05 -12.59
N GLY A 99 -8.31 -7.97 -12.20
CA GLY A 99 -9.38 -8.84 -12.65
C GLY A 99 -9.49 -10.01 -11.66
N ALA A 100 -8.35 -10.55 -11.26
CA ALA A 100 -8.27 -11.63 -10.29
C ALA A 100 -8.23 -11.05 -8.87
N VAL A 101 -7.73 -9.82 -8.73
CA VAL A 101 -7.59 -9.10 -7.49
C VAL A 101 -8.12 -7.67 -7.64
N LYS A 102 -8.31 -6.99 -6.52
CA LYS A 102 -8.77 -5.61 -6.37
C LYS A 102 -7.89 -4.95 -5.32
N ALA A 103 -7.94 -3.62 -5.25
CA ALA A 103 -7.15 -2.87 -4.29
C ALA A 103 -7.58 -3.20 -2.85
N LEU A 104 -6.91 -2.59 -1.87
CA LEU A 104 -7.25 -2.81 -0.48
C LEU A 104 -8.59 -2.14 -0.15
N ARG A 105 -9.17 -2.41 1.03
CA ARG A 105 -10.45 -1.83 1.43
C ARG A 105 -10.30 -1.13 2.77
N LEU A 106 -10.99 0.00 2.95
CA LEU A 106 -10.92 0.77 4.21
C LEU A 106 -11.65 0.05 5.34
N GLN A 107 -12.53 -0.91 5.03
CA GLN A 107 -13.29 -1.66 6.03
C GLN A 107 -12.40 -2.47 6.98
N ASN A 108 -11.14 -2.73 6.62
CA ASN A 108 -10.22 -3.48 7.47
C ASN A 108 -9.75 -2.64 8.67
N PHE A 109 -9.97 -1.33 8.64
CA PHE A 109 -9.56 -0.36 9.64
C PHE A 109 -10.78 0.33 10.25
N TYR A 1 21.31 -12.41 -5.09
CA TYR A 1 20.39 -12.43 -3.93
C TYR A 1 19.11 -11.60 -4.14
N GLN A 2 18.97 -10.84 -5.23
CA GLN A 2 17.84 -10.01 -5.62
C GLN A 2 17.71 -8.69 -4.85
N THR A 3 18.82 -7.99 -4.60
CA THR A 3 18.80 -6.71 -3.91
C THR A 3 18.27 -5.66 -4.90
N SER A 4 17.40 -4.75 -4.46
CA SER A 4 16.81 -3.69 -5.27
C SER A 4 16.47 -2.52 -4.33
N HIS A 5 17.03 -1.32 -4.55
CA HIS A 5 16.80 -0.11 -3.73
C HIS A 5 16.42 1.06 -4.65
N LYS A 6 15.24 1.67 -4.50
CA LYS A 6 14.83 2.80 -5.34
C LYS A 6 13.68 3.58 -4.70
N LYS A 7 13.55 4.88 -5.01
CA LYS A 7 12.47 5.71 -4.48
C LYS A 7 11.13 5.25 -5.08
N VAL A 8 10.02 5.67 -4.49
CA VAL A 8 8.67 5.35 -4.94
C VAL A 8 7.96 6.65 -5.35
N ARG A 9 6.90 6.54 -6.15
CA ARG A 9 6.04 7.59 -6.65
C ARG A 9 4.65 7.10 -6.29
N PHE A 10 3.99 7.69 -5.31
CA PHE A 10 2.64 7.28 -4.94
C PHE A 10 1.68 7.97 -5.91
N ASP A 11 0.41 7.55 -5.96
CA ASP A 11 -0.52 8.22 -6.87
C ASP A 11 -0.77 9.66 -6.44
N GLU A 12 -0.77 9.92 -5.13
CA GLU A 12 -0.96 11.23 -4.50
C GLU A 12 -2.27 11.91 -4.91
N GLY A 13 -3.28 11.76 -4.06
CA GLY A 13 -4.62 12.31 -4.24
C GLY A 13 -5.61 11.27 -4.73
N SER A 14 -5.18 10.01 -4.79
CA SER A 14 -5.95 8.86 -5.25
C SER A 14 -5.82 7.72 -4.25
N TYR A 15 -6.50 6.62 -4.56
CA TYR A 15 -6.54 5.38 -3.81
C TYR A 15 -5.19 4.67 -3.99
N THR A 16 -5.07 3.41 -3.58
CA THR A 16 -3.77 2.77 -3.67
C THR A 16 -3.51 2.26 -5.08
N ASN A 17 -2.42 2.82 -5.60
CA ASN A 17 -1.72 2.66 -6.85
C ASN A 17 -0.41 3.44 -6.61
N PHE A 18 0.72 3.03 -7.19
CA PHE A 18 2.02 3.69 -7.05
C PHE A 18 2.94 3.13 -8.14
N ILE A 19 4.10 3.72 -8.35
CA ILE A 19 5.06 3.28 -9.35
C ILE A 19 6.39 3.00 -8.65
N TYR A 20 6.91 1.78 -8.80
CA TYR A 20 8.17 1.36 -8.24
C TYR A 20 8.92 0.63 -9.34
N ASP A 21 10.24 0.86 -9.45
CA ASP A 21 11.13 0.28 -10.45
C ASP A 21 10.64 0.50 -11.89
N ASN A 22 9.98 1.64 -12.12
CA ASN A 22 9.42 2.04 -13.41
C ASN A 22 8.28 1.10 -13.81
N LYS A 23 7.64 0.43 -12.85
CA LYS A 23 6.55 -0.50 -13.04
C LYS A 23 5.41 0.00 -12.15
N SER A 24 4.21 -0.02 -12.69
CA SER A 24 3.03 0.42 -11.97
C SER A 24 2.70 -0.72 -10.99
N TYR A 25 2.22 -0.37 -9.81
CA TYR A 25 1.88 -1.25 -8.71
C TYR A 25 0.71 -0.69 -7.92
N PHE A 26 0.12 -1.49 -7.04
CA PHE A 26 -0.98 -1.08 -6.17
C PHE A 26 -0.92 -1.89 -4.88
N VAL A 27 -1.73 -1.54 -3.89
CA VAL A 27 -1.78 -2.23 -2.61
C VAL A 27 -3.03 -3.10 -2.60
N THR A 28 -2.89 -4.38 -2.29
CA THR A 28 -3.98 -5.35 -2.26
C THR A 28 -4.51 -5.49 -0.83
N ASP A 29 -5.65 -6.17 -0.66
CA ASP A 29 -6.28 -6.43 0.62
C ASP A 29 -5.62 -7.57 1.40
N LYS A 30 -4.79 -8.38 0.74
CA LYS A 30 -4.08 -9.48 1.38
C LYS A 30 -2.99 -8.98 2.31
N GLU A 31 -3.18 -9.19 3.61
CA GLU A 31 -2.23 -8.79 4.63
C GLU A 31 -1.32 -10.01 4.91
N ILE A 32 -0.02 -9.80 5.11
CA ILE A 32 0.98 -10.83 5.40
C ILE A 32 1.42 -10.60 6.85
N PRO A 33 1.66 -11.66 7.63
CA PRO A 33 2.04 -11.52 9.01
C PRO A 33 3.48 -11.08 9.14
N GLN A 34 3.76 -10.37 10.23
CA GLN A 34 5.07 -9.84 10.59
C GLN A 34 6.17 -10.90 10.61
N GLU A 35 5.80 -12.15 10.91
CA GLU A 35 6.73 -13.26 10.98
C GLU A 35 7.26 -13.63 9.59
N ASN A 36 6.46 -13.39 8.55
CA ASN A 36 6.82 -13.70 7.17
C ASN A 36 7.64 -12.56 6.56
N VAL A 37 7.62 -11.39 7.19
CA VAL A 37 8.39 -10.25 6.71
C VAL A 37 9.87 -10.61 6.84
N ASN A 38 10.66 -10.25 5.83
CA ASN A 38 12.09 -10.51 5.81
C ASN A 38 12.78 -9.28 6.35
N ASN A 39 12.64 -8.10 5.73
CA ASN A 39 13.30 -6.88 6.20
C ASN A 39 12.72 -5.62 5.56
N SER A 40 13.07 -4.46 6.13
CA SER A 40 12.63 -3.15 5.66
C SER A 40 13.19 -2.90 4.26
N LYS A 41 12.38 -2.33 3.37
CA LYS A 41 12.79 -2.08 1.99
C LYS A 41 12.84 -0.60 1.60
N VAL A 42 11.92 0.22 2.12
CA VAL A 42 11.89 1.65 1.81
C VAL A 42 11.33 2.38 3.03
N LYS A 43 11.83 3.57 3.36
CA LYS A 43 11.38 4.38 4.48
C LYS A 43 10.82 5.69 3.92
N PHE A 44 9.50 5.77 3.86
CA PHE A 44 8.65 6.85 3.39
C PHE A 44 7.53 6.99 4.42
N TYR A 45 6.88 8.15 4.49
CA TYR A 45 5.78 8.44 5.41
C TYR A 45 4.76 9.29 4.65
N LYS A 46 3.58 8.73 4.34
CA LYS A 46 2.53 9.43 3.63
C LYS A 46 1.22 9.01 4.26
N LEU A 47 0.41 9.96 4.70
CA LEU A 47 -0.89 9.75 5.30
C LEU A 47 -1.91 10.57 4.52
N LEU A 48 -3.12 10.04 4.37
CA LEU A 48 -4.23 10.68 3.68
C LEU A 48 -5.54 10.14 4.26
N ILE A 49 -6.66 10.77 3.88
CA ILE A 49 -8.01 10.43 4.32
C ILE A 49 -8.84 10.18 3.06
N VAL A 50 -9.68 9.15 3.07
CA VAL A 50 -10.52 8.75 1.94
C VAL A 50 -11.96 8.51 2.42
N ASP A 51 -12.94 9.18 1.81
CA ASP A 51 -14.36 9.05 2.14
C ASP A 51 -14.83 7.62 1.89
N MET A 52 -15.34 6.89 2.86
CA MET A 52 -15.78 5.51 2.63
C MET A 52 -17.01 5.43 1.73
N LYS A 53 -17.75 6.54 1.56
CA LYS A 53 -18.95 6.61 0.74
C LYS A 53 -18.71 6.85 -0.73
N SER A 54 -17.60 7.48 -1.09
CA SER A 54 -17.27 7.79 -2.47
C SER A 54 -15.94 7.18 -2.89
N GLU A 55 -15.16 6.72 -1.91
CA GLU A 55 -13.82 6.13 -2.08
C GLU A 55 -12.84 7.20 -2.65
N LYS A 56 -13.17 8.49 -2.48
CA LYS A 56 -12.37 9.61 -2.97
C LYS A 56 -11.63 10.28 -1.82
N LEU A 57 -10.51 10.89 -2.16
CA LEU A 57 -9.66 11.60 -1.22
C LEU A 57 -10.36 12.85 -0.68
N LEU A 58 -10.06 13.20 0.56
CA LEU A 58 -10.60 14.36 1.29
C LEU A 58 -9.46 15.06 2.03
N SER A 59 -9.77 16.17 2.70
CA SER A 59 -8.83 16.98 3.48
C SER A 59 -9.06 16.77 4.99
N SER A 60 -10.29 16.48 5.43
CA SER A 60 -10.62 16.27 6.83
C SER A 60 -11.23 14.90 7.06
N SER A 61 -11.04 14.35 8.26
CA SER A 61 -11.57 13.05 8.63
C SER A 61 -12.97 13.22 9.21
N ASN A 62 -13.97 13.08 8.35
CA ASN A 62 -15.36 13.14 8.74
C ASN A 62 -15.72 11.73 9.21
N LYS A 63 -16.83 11.59 9.91
CA LYS A 63 -17.26 10.30 10.43
C LYS A 63 -17.43 9.22 9.34
N ASN A 64 -17.87 9.62 8.14
CA ASN A 64 -18.08 8.69 7.02
C ASN A 64 -16.76 8.36 6.30
N SER A 65 -15.61 8.82 6.80
CA SER A 65 -14.30 8.61 6.20
C SER A 65 -13.41 7.73 7.08
N VAL A 66 -12.21 7.44 6.59
CA VAL A 66 -11.18 6.64 7.24
C VAL A 66 -9.82 7.24 6.85
N THR A 67 -8.78 6.96 7.63
CA THR A 67 -7.44 7.45 7.38
C THR A 67 -6.55 6.26 6.99
N LEU A 68 -5.62 6.48 6.05
CA LEU A 68 -4.69 5.46 5.57
C LEU A 68 -3.29 6.06 5.61
N VAL A 69 -2.28 5.22 5.79
CA VAL A 69 -0.91 5.66 5.83
C VAL A 69 -0.20 4.77 4.83
N LEU A 70 0.11 5.26 3.63
CA LEU A 70 0.81 4.48 2.62
C LEU A 70 2.27 4.66 2.92
N ASN A 71 2.82 3.75 3.71
CA ASN A 71 4.22 3.87 4.12
C ASN A 71 4.83 2.56 4.60
N ASN A 72 6.05 2.64 5.13
CA ASN A 72 6.81 1.53 5.71
C ASN A 72 6.80 0.28 4.82
N ILE A 73 7.44 0.33 3.65
CA ILE A 73 7.52 -0.81 2.72
C ILE A 73 8.56 -1.81 3.22
N TYR A 74 8.27 -3.11 3.07
CA TYR A 74 9.12 -4.22 3.47
C TYR A 74 9.05 -5.33 2.43
N GLU A 75 9.99 -6.27 2.52
CA GLU A 75 10.14 -7.44 1.69
C GLU A 75 9.81 -8.65 2.55
N ALA A 76 9.45 -9.75 1.91
CA ALA A 76 9.08 -11.00 2.57
C ALA A 76 10.04 -12.12 2.24
N SER A 77 9.91 -13.24 2.98
CA SER A 77 10.74 -14.42 2.78
C SER A 77 10.60 -14.92 1.34
N ASP A 78 9.40 -14.82 0.76
CA ASP A 78 9.09 -15.27 -0.59
C ASP A 78 9.44 -14.22 -1.65
N LYS A 79 10.34 -13.27 -1.31
CA LYS A 79 10.77 -12.17 -2.19
C LYS A 79 9.57 -11.30 -2.61
N SER A 80 8.48 -11.39 -1.85
CA SER A 80 7.30 -10.59 -2.11
C SER A 80 7.55 -9.19 -1.55
N LEU A 81 6.67 -8.25 -1.89
CA LEU A 81 6.77 -6.86 -1.45
C LEU A 81 5.45 -6.48 -0.78
N CYS A 82 5.50 -5.67 0.27
CA CYS A 82 4.31 -5.23 1.02
C CYS A 82 4.52 -3.80 1.57
N MET A 83 3.45 -3.18 2.06
CA MET A 83 3.44 -1.82 2.62
C MET A 83 2.63 -1.82 3.93
N GLY A 84 3.10 -1.08 4.92
CA GLY A 84 2.46 -0.94 6.22
C GLY A 84 1.41 0.17 6.14
N ILE A 85 0.17 -0.15 6.52
CA ILE A 85 -0.96 0.75 6.53
C ILE A 85 -1.71 0.45 7.81
N ASN A 86 -1.93 1.45 8.66
CA ASN A 86 -2.63 1.27 9.94
C ASN A 86 -1.96 0.13 10.72
N ASP A 87 -0.62 0.12 10.71
CA ASP A 87 0.26 -0.85 11.37
C ASP A 87 0.05 -2.30 10.91
N ARG A 88 -0.53 -2.52 9.73
CA ARG A 88 -0.77 -3.84 9.13
C ARG A 88 -0.07 -3.90 7.77
N TYR A 89 0.59 -5.01 7.43
CA TYR A 89 1.31 -5.11 6.16
C TYR A 89 0.48 -5.73 5.03
N TYR A 90 0.23 -4.95 3.98
CA TYR A 90 -0.55 -5.37 2.82
C TYR A 90 0.36 -5.59 1.62
N LYS A 91 0.22 -6.75 0.95
CA LYS A 91 1.04 -7.08 -0.22
C LYS A 91 0.73 -6.11 -1.35
N ILE A 92 1.75 -5.78 -2.14
CA ILE A 92 1.63 -4.88 -3.27
C ILE A 92 1.91 -5.72 -4.51
N LEU A 93 1.07 -5.60 -5.55
CA LEU A 93 1.20 -6.36 -6.80
C LEU A 93 1.36 -5.39 -7.97
N PRO A 94 1.95 -5.82 -9.10
CA PRO A 94 2.13 -4.96 -10.25
C PRO A 94 0.74 -4.68 -10.82
N GLU A 95 0.49 -3.47 -11.28
CA GLU A 95 -0.83 -3.09 -11.82
C GLU A 95 -1.24 -4.01 -12.98
N SER A 96 -0.27 -4.65 -13.62
CA SER A 96 -0.52 -5.56 -14.72
C SER A 96 -1.28 -6.81 -14.24
N ASP A 97 -1.40 -7.09 -12.94
CA ASP A 97 -2.12 -8.25 -12.41
C ASP A 97 -3.56 -7.96 -11.98
N LYS A 98 -4.00 -6.69 -12.07
CA LYS A 98 -5.35 -6.25 -11.70
C LYS A 98 -6.47 -7.07 -12.33
N GLY A 99 -7.66 -6.94 -11.75
CA GLY A 99 -8.91 -7.58 -12.13
C GLY A 99 -9.06 -8.92 -11.40
N ALA A 100 -8.00 -9.73 -11.34
CA ALA A 100 -8.03 -11.01 -10.63
C ALA A 100 -7.91 -10.73 -9.13
N VAL A 101 -7.34 -9.58 -8.80
CA VAL A 101 -7.06 -9.00 -7.50
C VAL A 101 -7.55 -7.54 -7.57
N LYS A 102 -7.81 -6.92 -6.41
CA LYS A 102 -8.25 -5.54 -6.33
C LYS A 102 -7.49 -4.81 -5.25
N ALA A 103 -7.66 -3.48 -5.23
CA ALA A 103 -7.02 -2.65 -4.25
C ALA A 103 -7.55 -3.02 -2.87
N LEU A 104 -6.80 -2.65 -1.84
CA LEU A 104 -7.15 -2.95 -0.46
C LEU A 104 -8.51 -2.36 -0.05
N ARG A 105 -9.10 -2.94 0.99
CA ARG A 105 -10.39 -2.56 1.54
C ARG A 105 -10.16 -1.92 2.88
N LEU A 106 -10.57 -0.66 2.97
CA LEU A 106 -10.45 0.15 4.18
C LEU A 106 -11.34 -0.36 5.30
N GLN A 107 -12.23 -1.31 5.02
CA GLN A 107 -13.14 -1.91 5.99
C GLN A 107 -12.36 -2.64 7.09
N ASN A 108 -11.12 -3.03 6.82
CA ASN A 108 -10.25 -3.74 7.76
C ASN A 108 -9.77 -2.86 8.92
N PHE A 109 -10.03 -1.55 8.85
CA PHE A 109 -9.62 -0.57 9.83
C PHE A 109 -10.79 -0.23 10.75
#